data_5XYL
#
_entry.id   5XYL
#
_entity_poly.entity_id   1
_entity_poly.type   'polypeptide(L)'
_entity_poly.pdbx_seq_one_letter_code
;MPSIKLQSSDGEIFEVDVEIAKQSVTIKTMLEDLGMDDEGDDDPVPLPNVNAAILKKVIQWCTHHKDDPPPPEDDENKEK
RTDDIPVWDQEFLKVDQGTLFELILAANYLDIKGLLDVTCKTVANMIKGKTPEEIRKTFNIKNDFTEEEEAQVRKENQWC
EEK
;
_entity_poly.pdbx_strand_id   A
#
# COMPACT_ATOMS: atom_id res chain seq x y z
N MET A 1 -16.47 -17.32 8.44
CA MET A 1 -15.10 -16.78 8.46
C MET A 1 -14.93 -15.80 9.62
N PRO A 2 -13.90 -16.00 10.45
CA PRO A 2 -13.58 -15.07 11.53
C PRO A 2 -12.88 -13.81 11.01
N SER A 3 -12.29 -13.05 11.91
CA SER A 3 -11.69 -11.77 11.53
C SER A 3 -10.50 -11.45 12.43
N ILE A 4 -9.81 -10.36 12.11
CA ILE A 4 -8.64 -9.96 12.86
C ILE A 4 -8.99 -8.91 13.90
N LYS A 5 -8.40 -9.04 15.08
CA LYS A 5 -8.60 -8.07 16.15
C LYS A 5 -7.29 -7.34 16.42
N LEU A 6 -7.32 -6.02 16.29
CA LEU A 6 -6.15 -5.21 16.57
C LEU A 6 -6.56 -3.86 17.13
N GLN A 7 -5.81 -3.37 18.10
CA GLN A 7 -6.15 -2.11 18.74
C GLN A 7 -5.12 -1.06 18.37
N SER A 8 -5.57 0.07 17.84
CA SER A 8 -4.69 1.15 17.46
C SER A 8 -3.95 1.72 18.67
N SER A 9 -2.95 2.52 18.40
CA SER A 9 -2.03 3.01 19.43
C SER A 9 -2.75 3.82 20.52
N ASP A 10 -3.81 4.54 20.14
CA ASP A 10 -4.50 5.41 21.11
C ASP A 10 -5.63 4.67 21.82
N GLY A 11 -5.81 3.41 21.48
CA GLY A 11 -6.79 2.59 22.19
C GLY A 11 -8.06 2.35 21.39
N GLU A 12 -8.06 2.75 20.13
CA GLU A 12 -9.22 2.52 19.27
C GLU A 12 -9.08 1.18 18.56
N ILE A 13 -9.80 0.19 19.04
CA ILE A 13 -9.75 -1.15 18.46
C ILE A 13 -10.45 -1.18 17.11
N PHE A 14 -9.91 -1.99 16.21
CA PHE A 14 -10.53 -2.24 14.92
C PHE A 14 -10.72 -3.72 14.70
N GLU A 15 -11.89 -4.09 14.21
CA GLU A 15 -12.13 -5.45 13.75
C GLU A 15 -12.51 -5.41 12.28
N VAL A 16 -11.92 -6.28 11.49
CA VAL A 16 -12.21 -6.33 10.08
C VAL A 16 -11.84 -7.70 9.52
N ASP A 17 -12.27 -7.99 8.30
CA ASP A 17 -12.00 -9.26 7.67
C ASP A 17 -10.52 -9.63 7.72
N VAL A 18 -10.24 -10.88 8.07
CA VAL A 18 -8.87 -11.35 8.23
C VAL A 18 -8.18 -11.56 6.88
N GLU A 19 -8.99 -11.80 5.84
CA GLU A 19 -8.45 -12.05 4.51
C GLU A 19 -7.81 -10.79 3.94
N ILE A 20 -8.36 -9.63 4.29
CA ILE A 20 -7.76 -8.37 3.87
C ILE A 20 -6.49 -8.11 4.67
N ALA A 21 -6.55 -8.37 5.97
CA ALA A 21 -5.41 -8.12 6.86
C ALA A 21 -4.25 -9.06 6.56
N LYS A 22 -4.51 -10.04 5.72
CA LYS A 22 -3.51 -11.00 5.32
C LYS A 22 -2.43 -10.36 4.44
N GLN A 23 -2.72 -9.16 3.94
CA GLN A 23 -1.76 -8.43 3.14
C GLN A 23 -0.70 -7.82 4.05
N SER A 24 -1.11 -7.50 5.28
CA SER A 24 -0.21 -6.95 6.28
C SER A 24 0.68 -8.06 6.83
N VAL A 25 1.96 -7.98 6.51
CA VAL A 25 2.87 -9.10 6.74
C VAL A 25 3.16 -9.29 8.23
N THR A 26 3.39 -8.21 8.93
CA THR A 26 3.70 -8.26 10.35
C THR A 26 2.45 -8.61 11.17
N ILE A 27 1.32 -8.70 10.51
CA ILE A 27 0.07 -9.08 11.17
C ILE A 27 -0.08 -10.60 11.25
N LYS A 28 0.48 -11.32 10.28
CA LYS A 28 0.37 -12.78 10.27
C LYS A 28 1.09 -13.40 11.47
N THR A 29 2.26 -12.85 11.79
CA THR A 29 2.99 -13.31 12.96
C THR A 29 2.20 -13.00 14.24
N MET A 30 1.69 -11.79 14.29
CA MET A 30 0.84 -11.34 15.39
C MET A 30 -0.42 -12.21 15.51
N LEU A 31 -0.92 -12.65 14.37
CA LEU A 31 -2.13 -13.47 14.30
C LEU A 31 -1.90 -14.86 14.88
N GLU A 32 -0.73 -15.43 14.61
CA GLU A 32 -0.42 -16.74 15.14
C GLU A 32 -0.02 -16.62 16.62
N ASP A 33 0.74 -15.58 16.92
CA ASP A 33 1.27 -15.37 18.26
C ASP A 33 0.16 -15.15 19.29
N LEU A 34 -0.56 -14.04 19.14
CA LEU A 34 -1.61 -13.67 20.09
C LEU A 34 -2.95 -13.45 19.37
N GLY A 35 -3.06 -13.94 18.15
CA GLY A 35 -4.28 -13.78 17.40
C GLY A 35 -5.27 -14.90 17.62
N MET A 36 -4.78 -16.13 17.41
CA MET A 36 -5.54 -17.38 17.56
C MET A 36 -6.66 -17.52 16.51
N ASP A 37 -7.40 -16.43 16.26
CA ASP A 37 -8.47 -16.42 15.27
C ASP A 37 -9.57 -17.42 15.63
N ASP A 38 -10.47 -16.99 16.51
CA ASP A 38 -11.55 -17.86 16.96
C ASP A 38 -12.91 -17.37 16.47
N GLU A 39 -13.27 -16.15 16.84
CA GLU A 39 -14.52 -15.55 16.40
C GLU A 39 -14.26 -14.26 15.63
N GLY A 40 -13.20 -13.57 16.00
CA GLY A 40 -12.83 -12.35 15.30
C GLY A 40 -12.92 -11.12 16.20
N ASP A 41 -13.76 -11.19 17.22
CA ASP A 41 -13.84 -10.12 18.22
C ASP A 41 -12.96 -10.50 19.41
N ASP A 42 -11.88 -11.21 19.09
CA ASP A 42 -10.97 -11.78 20.07
C ASP A 42 -10.27 -10.69 20.87
N ASP A 43 -9.51 -11.11 21.88
CA ASP A 43 -8.79 -10.19 22.77
C ASP A 43 -7.92 -9.21 21.96
N PRO A 44 -8.17 -7.91 22.10
CA PRO A 44 -7.48 -6.88 21.30
C PRO A 44 -6.04 -6.64 21.75
N VAL A 45 -5.11 -6.79 20.82
CA VAL A 45 -3.71 -6.51 21.07
C VAL A 45 -3.36 -5.11 20.58
N PRO A 46 -2.87 -4.24 21.47
CA PRO A 46 -2.52 -2.86 21.15
C PRO A 46 -1.30 -2.75 20.23
N LEU A 47 -1.44 -1.98 19.17
CA LEU A 47 -0.34 -1.72 18.24
C LEU A 47 0.10 -0.27 18.35
N PRO A 48 1.27 -0.03 18.96
CA PRO A 48 1.77 1.33 19.26
C PRO A 48 2.35 2.04 18.04
N ASN A 49 1.89 1.66 16.86
CA ASN A 49 2.44 2.22 15.63
C ASN A 49 1.48 3.22 14.98
N VAL A 50 0.21 2.84 14.89
CA VAL A 50 -0.76 3.64 14.16
C VAL A 50 -2.08 3.73 14.92
N ASN A 51 -2.78 4.85 14.76
CA ASN A 51 -4.07 5.06 15.39
C ASN A 51 -5.19 4.77 14.39
N ALA A 52 -6.43 4.84 14.84
CA ALA A 52 -7.59 4.48 14.02
C ALA A 52 -7.78 5.43 12.85
N ALA A 53 -7.23 6.63 12.96
CA ALA A 53 -7.34 7.62 11.90
C ALA A 53 -6.65 7.14 10.63
N ILE A 54 -5.43 6.62 10.78
CA ILE A 54 -4.67 6.16 9.63
C ILE A 54 -4.92 4.67 9.35
N LEU A 55 -5.06 3.89 10.43
CA LEU A 55 -5.17 2.44 10.31
C LEU A 55 -6.32 2.00 9.41
N LYS A 56 -7.43 2.73 9.46
CA LYS A 56 -8.59 2.36 8.66
C LYS A 56 -8.27 2.41 7.17
N LYS A 57 -7.45 3.39 6.76
CA LYS A 57 -7.07 3.53 5.36
C LYS A 57 -6.13 2.40 4.95
N VAL A 58 -5.22 2.05 5.84
CA VAL A 58 -4.24 1.00 5.57
C VAL A 58 -4.94 -0.35 5.43
N ILE A 59 -5.89 -0.63 6.31
CA ILE A 59 -6.53 -1.93 6.31
C ILE A 59 -7.64 -2.01 5.25
N GLN A 60 -8.16 -0.85 4.83
CA GLN A 60 -9.14 -0.85 3.74
C GLN A 60 -8.43 -0.99 2.40
N TRP A 61 -7.16 -0.61 2.35
CA TRP A 61 -6.33 -0.86 1.16
C TRP A 61 -6.27 -2.36 0.93
N CYS A 62 -6.09 -3.07 2.02
CA CYS A 62 -6.07 -4.51 2.01
C CYS A 62 -7.45 -5.07 1.66
N THR A 63 -8.49 -4.32 2.06
CA THR A 63 -9.88 -4.66 1.76
C THR A 63 -10.07 -5.03 0.29
N HIS A 64 -9.65 -4.15 -0.60
CA HIS A 64 -9.92 -4.35 -2.02
C HIS A 64 -8.88 -5.27 -2.66
N HIS A 65 -7.64 -5.23 -2.20
CA HIS A 65 -6.58 -5.99 -2.87
C HIS A 65 -6.71 -7.50 -2.73
N LYS A 66 -7.48 -7.97 -1.76
CA LYS A 66 -7.80 -9.39 -1.69
C LYS A 66 -9.05 -9.67 -2.53
N ASP A 67 -9.75 -8.61 -2.88
CA ASP A 67 -11.06 -8.72 -3.52
C ASP A 67 -11.02 -8.11 -4.91
N ASP A 68 -9.82 -7.97 -5.46
CA ASP A 68 -9.65 -7.38 -6.79
C ASP A 68 -10.37 -8.22 -7.84
N PRO A 69 -11.09 -7.57 -8.77
CA PRO A 69 -11.94 -8.23 -9.76
C PRO A 69 -11.25 -9.40 -10.46
N PRO A 70 -11.80 -10.61 -10.27
CA PRO A 70 -11.24 -11.83 -10.88
C PRO A 70 -11.27 -11.78 -12.40
N PRO A 71 -10.19 -12.23 -13.04
CA PRO A 71 -10.08 -12.27 -14.50
C PRO A 71 -11.23 -13.05 -15.14
N PRO A 72 -11.84 -12.46 -16.19
CA PRO A 72 -13.05 -13.01 -16.81
C PRO A 72 -12.86 -14.41 -17.40
N GLU A 73 -12.09 -14.53 -18.48
CA GLU A 73 -11.99 -15.79 -19.20
C GLU A 73 -10.71 -15.88 -20.04
N ASP A 74 -10.42 -14.85 -20.81
CA ASP A 74 -9.30 -14.88 -21.74
C ASP A 74 -7.98 -14.58 -21.04
N ASP A 75 -7.85 -13.38 -20.52
CA ASP A 75 -6.66 -13.00 -19.78
C ASP A 75 -6.83 -13.40 -18.32
N GLU A 76 -6.06 -14.39 -17.90
CA GLU A 76 -6.27 -15.04 -16.60
C GLU A 76 -5.53 -14.37 -15.46
N ASN A 77 -4.58 -13.50 -15.75
CA ASN A 77 -3.82 -12.85 -14.69
C ASN A 77 -4.44 -11.50 -14.34
N LYS A 78 -4.06 -10.95 -13.19
CA LYS A 78 -4.51 -9.61 -12.82
C LYS A 78 -3.55 -8.60 -13.39
N GLU A 79 -2.28 -8.74 -13.01
CA GLU A 79 -1.21 -7.90 -13.52
C GLU A 79 0.02 -8.74 -13.77
N LYS A 80 0.94 -8.20 -14.54
CA LYS A 80 2.26 -8.81 -14.67
C LYS A 80 3.10 -8.37 -13.48
N ARG A 81 3.50 -7.10 -13.48
CA ARG A 81 4.26 -6.53 -12.38
C ARG A 81 4.00 -5.03 -12.29
N THR A 82 2.92 -4.65 -11.60
CA THR A 82 2.56 -3.25 -11.43
C THR A 82 2.29 -2.58 -12.78
N ASP A 83 1.07 -2.71 -13.29
CA ASP A 83 0.75 -2.21 -14.61
C ASP A 83 -0.54 -1.41 -14.62
N ASP A 84 -1.54 -1.89 -13.87
CA ASP A 84 -2.86 -1.28 -13.87
C ASP A 84 -3.41 -1.23 -12.45
N ILE A 85 -3.32 -0.05 -11.84
CA ILE A 85 -3.80 0.11 -10.48
C ILE A 85 -5.31 0.33 -10.44
N PRO A 86 -5.99 -0.43 -9.56
CA PRO A 86 -7.46 -0.36 -9.42
C PRO A 86 -7.94 1.01 -8.93
N VAL A 87 -9.24 1.25 -9.12
CA VAL A 87 -9.86 2.50 -8.71
C VAL A 87 -9.78 2.70 -7.19
N TRP A 88 -9.55 1.60 -6.46
CA TRP A 88 -9.39 1.68 -5.02
C TRP A 88 -8.12 2.44 -4.68
N ASP A 89 -6.99 1.91 -5.14
CA ASP A 89 -5.68 2.51 -4.92
C ASP A 89 -5.66 3.94 -5.42
N GLN A 90 -6.22 4.12 -6.62
CA GLN A 90 -6.18 5.40 -7.35
C GLN A 90 -6.51 6.61 -6.46
N GLU A 91 -7.53 6.48 -5.61
CA GLU A 91 -8.00 7.62 -4.83
C GLU A 91 -6.98 8.04 -3.77
N PHE A 92 -6.16 7.10 -3.32
CA PHE A 92 -5.24 7.37 -2.21
C PHE A 92 -4.01 8.16 -2.69
N LEU A 93 -3.84 8.27 -3.99
CA LEU A 93 -2.70 8.98 -4.54
C LEU A 93 -3.09 10.41 -4.94
N LYS A 94 -4.33 10.79 -4.66
CA LYS A 94 -4.79 12.14 -5.01
C LYS A 94 -5.31 12.86 -3.77
N VAL A 95 -4.95 12.34 -2.61
CA VAL A 95 -5.43 12.89 -1.35
C VAL A 95 -4.40 13.80 -0.70
N ASP A 96 -4.76 14.36 0.44
CA ASP A 96 -3.87 15.24 1.20
C ASP A 96 -2.60 14.52 1.64
N GLN A 97 -1.52 15.29 1.77
CA GLN A 97 -0.21 14.72 2.09
C GLN A 97 -0.15 14.24 3.53
N GLY A 98 -1.03 14.75 4.38
CA GLY A 98 -1.07 14.31 5.76
C GLY A 98 -1.30 12.82 5.87
N THR A 99 -2.22 12.32 5.07
CA THR A 99 -2.50 10.90 5.01
C THR A 99 -1.50 10.20 4.10
N LEU A 100 -1.18 10.85 2.98
CA LEU A 100 -0.28 10.29 1.97
C LEU A 100 1.10 9.95 2.57
N PHE A 101 1.60 10.84 3.41
CA PHE A 101 2.91 10.63 4.04
C PHE A 101 2.93 9.36 4.88
N GLU A 102 1.97 9.23 5.78
CA GLU A 102 1.93 8.08 6.68
C GLU A 102 1.63 6.80 5.91
N LEU A 103 0.96 6.91 4.76
CA LEU A 103 0.68 5.75 3.93
C LEU A 103 1.96 4.99 3.60
N ILE A 104 3.07 5.71 3.49
CA ILE A 104 4.35 5.09 3.22
C ILE A 104 4.93 4.46 4.49
N LEU A 105 4.88 5.21 5.59
CA LEU A 105 5.47 4.76 6.86
C LEU A 105 4.64 3.66 7.50
N ALA A 106 3.32 3.82 7.47
CA ALA A 106 2.41 2.82 8.01
C ALA A 106 2.62 1.48 7.32
N ALA A 107 2.85 1.54 6.01
CA ALA A 107 3.07 0.34 5.22
C ALA A 107 4.42 -0.27 5.54
N ASN A 108 5.37 0.55 5.97
CA ASN A 108 6.73 0.10 6.24
C ASN A 108 6.77 -0.89 7.40
N TYR A 109 6.20 -0.52 8.54
CA TYR A 109 6.27 -1.37 9.71
C TYR A 109 5.29 -2.54 9.63
N LEU A 110 4.32 -2.45 8.72
CA LEU A 110 3.42 -3.58 8.47
C LEU A 110 3.97 -4.47 7.36
N ASP A 111 5.01 -3.96 6.69
CA ASP A 111 5.74 -4.68 5.63
C ASP A 111 4.88 -4.86 4.38
N ILE A 112 3.86 -4.03 4.22
CA ILE A 112 3.10 -4.04 2.99
C ILE A 112 3.82 -3.18 1.96
N LYS A 113 4.85 -3.76 1.33
CA LYS A 113 5.64 -3.05 0.33
C LYS A 113 4.81 -2.73 -0.89
N GLY A 114 3.69 -3.43 -1.04
CA GLY A 114 2.78 -3.15 -2.13
C GLY A 114 2.18 -1.76 -2.00
N LEU A 115 1.66 -1.46 -0.82
CA LEU A 115 1.09 -0.15 -0.53
C LEU A 115 2.20 0.89 -0.63
N LEU A 116 3.32 0.59 0.02
CA LEU A 116 4.46 1.50 0.09
C LEU A 116 4.94 1.88 -1.31
N ASP A 117 5.01 0.91 -2.21
CA ASP A 117 5.53 1.15 -3.55
C ASP A 117 4.60 2.06 -4.34
N VAL A 118 3.30 1.79 -4.29
CA VAL A 118 2.34 2.56 -5.06
C VAL A 118 2.37 4.04 -4.67
N THR A 119 2.38 4.32 -3.37
CA THR A 119 2.42 5.69 -2.91
C THR A 119 3.80 6.31 -3.14
N CYS A 120 4.85 5.49 -3.05
CA CYS A 120 6.21 5.97 -3.27
C CYS A 120 6.39 6.37 -4.73
N LYS A 121 5.84 5.57 -5.64
CA LYS A 121 5.88 5.86 -7.07
C LYS A 121 5.22 7.20 -7.35
N THR A 122 4.13 7.48 -6.66
CA THR A 122 3.37 8.70 -6.90
C THR A 122 4.05 9.93 -6.28
N VAL A 123 4.58 9.78 -5.07
CA VAL A 123 5.28 10.89 -4.44
C VAL A 123 6.51 11.28 -5.25
N ALA A 124 7.22 10.29 -5.77
CA ALA A 124 8.40 10.52 -6.58
C ALA A 124 8.02 10.88 -8.02
N ASN A 125 6.77 10.64 -8.37
CA ASN A 125 6.27 10.89 -9.73
C ASN A 125 6.35 12.38 -10.06
N MET A 126 6.10 13.22 -9.07
CA MET A 126 6.05 14.66 -9.29
C MET A 126 7.41 15.22 -9.68
N ILE A 127 8.48 14.60 -9.17
CA ILE A 127 9.82 15.00 -9.56
C ILE A 127 10.23 14.32 -10.88
N LYS A 128 10.70 13.09 -10.81
CA LYS A 128 11.14 12.37 -12.01
C LYS A 128 11.09 10.86 -11.80
N GLY A 129 10.37 10.42 -10.78
CA GLY A 129 10.28 9.00 -10.49
C GLY A 129 11.60 8.41 -10.05
N LYS A 130 12.48 9.28 -9.54
CA LYS A 130 13.81 8.86 -9.11
C LYS A 130 13.86 8.76 -7.59
N THR A 131 15.01 9.07 -7.02
CA THR A 131 15.18 9.06 -5.57
C THR A 131 14.20 10.02 -4.90
N PRO A 132 13.44 9.54 -3.91
CA PRO A 132 12.31 10.26 -3.32
C PRO A 132 12.70 11.33 -2.30
N GLU A 133 13.91 11.84 -2.38
CA GLU A 133 14.32 12.94 -1.50
C GLU A 133 13.97 14.28 -2.14
N GLU A 134 13.34 15.14 -1.37
CA GLU A 134 13.01 16.48 -1.83
C GLU A 134 14.29 17.31 -1.94
N ILE A 135 15.30 16.91 -1.18
CA ILE A 135 16.58 17.59 -1.17
C ILE A 135 17.38 17.31 -2.45
N ARG A 136 16.90 16.38 -3.26
CA ARG A 136 17.57 16.03 -4.51
C ARG A 136 17.55 17.21 -5.49
N LYS A 137 16.60 18.11 -5.30
CA LYS A 137 16.37 19.20 -6.25
C LYS A 137 17.55 20.18 -6.32
N THR A 138 18.45 20.11 -5.33
CA THR A 138 19.62 20.98 -5.31
C THR A 138 20.51 20.72 -6.53
N PHE A 139 20.56 19.47 -6.98
CA PHE A 139 21.34 19.13 -8.17
C PHE A 139 20.43 18.65 -9.29
N ASN A 140 19.16 19.03 -9.19
CA ASN A 140 18.13 18.71 -10.19
C ASN A 140 17.72 17.25 -10.14
N ILE A 141 17.67 16.70 -8.94
CA ILE A 141 17.12 15.37 -8.67
C ILE A 141 18.00 14.26 -9.22
N LYS A 142 17.83 13.99 -10.51
CA LYS A 142 18.53 12.92 -11.19
C LYS A 142 18.09 12.92 -12.65
N ASN A 143 19.00 13.28 -13.54
CA ASN A 143 18.72 13.28 -14.97
C ASN A 143 18.15 11.95 -15.41
N ASP A 144 17.07 12.01 -16.19
CA ASP A 144 16.30 10.82 -16.54
C ASP A 144 15.64 11.01 -17.90
N PHE A 145 16.36 11.66 -18.80
CA PHE A 145 15.89 11.91 -20.16
C PHE A 145 14.55 12.65 -20.15
N THR A 146 14.41 13.61 -19.24
CA THR A 146 13.19 14.39 -19.14
C THR A 146 13.04 15.32 -20.36
N GLU A 147 14.11 15.41 -21.13
CA GLU A 147 14.11 16.16 -22.37
C GLU A 147 13.08 15.57 -23.33
N GLU A 148 12.92 14.25 -23.28
CA GLU A 148 11.93 13.58 -24.10
C GLU A 148 10.58 13.65 -23.39
N GLU A 149 10.40 12.75 -22.41
CA GLU A 149 9.27 12.76 -21.47
C GLU A 149 7.88 12.53 -22.12
N GLU A 150 7.65 13.15 -23.27
CA GLU A 150 6.33 13.16 -23.92
C GLU A 150 5.80 11.77 -24.25
N ALA A 151 6.69 10.78 -24.29
CA ALA A 151 6.30 9.40 -24.56
C ALA A 151 5.14 8.97 -23.65
N GLN A 152 5.21 9.38 -22.39
CA GLN A 152 4.15 9.13 -21.42
C GLN A 152 3.75 7.66 -21.38
N VAL A 153 4.68 6.80 -21.02
CA VAL A 153 4.40 5.37 -20.94
C VAL A 153 3.59 5.04 -19.68
N ARG A 154 2.30 5.34 -19.76
CA ARG A 154 1.39 5.06 -18.65
C ARG A 154 -0.06 5.11 -19.12
N LYS A 155 -0.46 6.24 -19.73
CA LYS A 155 -1.83 6.45 -20.18
C LYS A 155 -2.82 6.33 -19.03
N GLU A 156 -4.09 6.06 -19.36
CA GLU A 156 -5.15 5.91 -18.36
C GLU A 156 -5.35 7.20 -17.58
N ASN A 157 -4.99 8.32 -18.20
CA ASN A 157 -5.20 9.62 -17.60
C ASN A 157 -6.49 10.26 -18.10
N GLN A 158 -7.61 9.89 -17.47
CA GLN A 158 -8.90 10.46 -17.84
C GLN A 158 -9.08 11.82 -17.18
N TRP A 159 -8.30 12.04 -16.12
CA TRP A 159 -8.35 13.28 -15.35
C TRP A 159 -9.70 13.46 -14.66
N CYS A 160 -10.30 12.34 -14.29
CA CYS A 160 -11.54 12.37 -13.54
C CYS A 160 -11.27 12.80 -12.11
N GLU A 161 -11.43 14.09 -11.86
CA GLU A 161 -11.21 14.64 -10.53
C GLU A 161 -12.35 14.29 -9.59
N GLU A 162 -12.32 14.86 -8.40
CA GLU A 162 -13.24 14.49 -7.33
C GLU A 162 -12.96 13.06 -6.90
N LYS A 163 -13.90 12.44 -6.20
CA LYS A 163 -13.77 11.05 -5.78
C LYS A 163 -15.13 10.38 -5.82
N MET A 1 -17.04 -14.83 9.94
CA MET A 1 -15.82 -15.66 9.79
C MET A 1 -14.62 -14.96 10.39
N PRO A 2 -13.47 -15.68 10.54
CA PRO A 2 -12.24 -15.11 11.09
C PRO A 2 -11.95 -13.71 10.59
N SER A 3 -11.72 -12.80 11.51
CA SER A 3 -11.49 -11.41 11.17
C SER A 3 -10.36 -10.82 12.00
N ILE A 4 -9.67 -9.83 11.44
CA ILE A 4 -8.59 -9.21 12.16
C ILE A 4 -9.09 -7.94 12.85
N LYS A 5 -9.11 -8.00 14.16
CA LYS A 5 -9.51 -6.89 14.98
C LYS A 5 -8.30 -6.40 15.78
N LEU A 6 -7.95 -5.16 15.58
CA LEU A 6 -6.77 -4.62 16.21
C LEU A 6 -7.10 -3.32 16.93
N GLN A 7 -6.37 -3.07 18.00
CA GLN A 7 -6.56 -1.87 18.78
C GLN A 7 -5.42 -0.89 18.49
N SER A 8 -5.76 0.29 18.01
CA SER A 8 -4.79 1.29 17.62
C SER A 8 -4.06 1.88 18.84
N SER A 9 -3.10 2.75 18.54
CA SER A 9 -2.19 3.29 19.55
C SER A 9 -2.89 4.06 20.67
N ASP A 10 -4.06 4.63 20.40
CA ASP A 10 -4.73 5.44 21.40
C ASP A 10 -5.96 4.71 21.94
N GLY A 11 -6.05 3.42 21.65
CA GLY A 11 -7.10 2.61 22.20
C GLY A 11 -8.27 2.42 21.26
N GLU A 12 -8.15 2.95 20.05
CA GLU A 12 -9.21 2.82 19.05
C GLU A 12 -9.30 1.39 18.57
N ILE A 13 -10.45 0.99 18.07
CA ILE A 13 -10.64 -0.38 17.61
C ILE A 13 -11.08 -0.43 16.15
N PHE A 14 -10.41 -1.27 15.38
CA PHE A 14 -10.76 -1.48 13.99
C PHE A 14 -10.91 -2.96 13.71
N GLU A 15 -11.89 -3.30 12.90
CA GLU A 15 -12.15 -4.68 12.54
C GLU A 15 -12.36 -4.83 11.04
N VAL A 16 -11.73 -5.84 10.47
CA VAL A 16 -11.77 -6.05 9.04
C VAL A 16 -11.42 -7.52 8.75
N ASP A 17 -11.69 -7.98 7.52
CA ASP A 17 -11.43 -9.37 7.13
C ASP A 17 -9.98 -9.78 7.41
N VAL A 18 -9.80 -11.04 7.79
CA VAL A 18 -8.48 -11.57 8.12
C VAL A 18 -7.62 -11.68 6.86
N GLU A 19 -8.27 -11.70 5.70
CA GLU A 19 -7.58 -11.81 4.43
C GLU A 19 -6.70 -10.60 4.17
N ILE A 20 -7.08 -9.45 4.72
CA ILE A 20 -6.30 -8.24 4.52
C ILE A 20 -5.11 -8.21 5.47
N ALA A 21 -5.29 -8.78 6.66
CA ALA A 21 -4.19 -8.91 7.62
C ALA A 21 -3.16 -9.90 7.11
N LYS A 22 -3.60 -10.73 6.18
CA LYS A 22 -2.77 -11.75 5.57
C LYS A 22 -1.79 -11.12 4.59
N GLN A 23 -2.01 -9.87 4.28
CA GLN A 23 -1.11 -9.12 3.43
C GLN A 23 -0.01 -8.48 4.28
N SER A 24 -0.43 -7.90 5.40
CA SER A 24 0.50 -7.26 6.32
C SER A 24 1.34 -8.30 7.04
N VAL A 25 2.65 -8.23 6.86
CA VAL A 25 3.56 -9.28 7.32
C VAL A 25 3.60 -9.33 8.84
N THR A 26 3.75 -8.17 9.46
CA THR A 26 3.81 -8.08 10.91
C THR A 26 2.53 -8.60 11.55
N ILE A 27 1.39 -8.15 11.05
CA ILE A 27 0.09 -8.55 11.58
C ILE A 27 -0.16 -10.04 11.35
N LYS A 28 0.15 -10.49 10.14
CA LYS A 28 -0.05 -11.90 9.75
C LYS A 28 0.73 -12.83 10.68
N THR A 29 1.86 -12.35 11.17
CA THR A 29 2.69 -13.12 12.08
C THR A 29 2.14 -13.05 13.51
N MET A 30 1.95 -11.83 14.00
CA MET A 30 1.55 -11.61 15.39
C MET A 30 0.13 -12.12 15.67
N LEU A 31 -0.68 -12.21 14.62
CA LEU A 31 -2.04 -12.72 14.72
C LEU A 31 -2.02 -14.13 15.31
N GLU A 32 -1.24 -15.01 14.69
CA GLU A 32 -1.15 -16.40 15.12
C GLU A 32 -0.23 -16.53 16.33
N ASP A 33 0.81 -15.70 16.37
CA ASP A 33 1.80 -15.77 17.42
C ASP A 33 1.25 -15.34 18.78
N LEU A 34 0.48 -14.26 18.80
CA LEU A 34 -0.08 -13.76 20.05
C LEU A 34 -1.47 -14.32 20.32
N GLY A 35 -2.24 -14.55 19.27
CA GLY A 35 -3.61 -15.00 19.46
C GLY A 35 -3.98 -16.16 18.55
N MET A 36 -5.12 -16.05 17.89
CA MET A 36 -5.65 -17.11 17.04
C MET A 36 -6.81 -16.60 16.20
N ASP A 37 -7.74 -15.92 16.87
CA ASP A 37 -9.00 -15.49 16.28
C ASP A 37 -9.87 -16.68 15.95
N ASP A 38 -10.76 -17.02 16.87
CA ASP A 38 -11.61 -18.17 16.72
C ASP A 38 -12.97 -17.80 16.13
N GLU A 39 -13.33 -16.52 16.23
CA GLU A 39 -14.67 -16.08 15.81
C GLU A 39 -14.64 -14.86 14.90
N GLY A 40 -13.66 -14.00 15.06
CA GLY A 40 -13.65 -12.75 14.34
C GLY A 40 -13.84 -11.56 15.26
N ASP A 41 -14.50 -11.81 16.39
CA ASP A 41 -14.55 -10.83 17.47
C ASP A 41 -13.35 -11.06 18.38
N ASP A 42 -13.35 -12.21 19.06
CA ASP A 42 -12.16 -12.78 19.68
C ASP A 42 -11.46 -11.76 20.60
N ASP A 43 -10.14 -11.86 20.73
CA ASP A 43 -9.39 -10.96 21.58
C ASP A 43 -8.58 -9.97 20.75
N PRO A 44 -8.90 -8.67 20.84
CA PRO A 44 -8.25 -7.61 20.05
C PRO A 44 -6.73 -7.61 20.17
N VAL A 45 -6.07 -7.52 19.02
CA VAL A 45 -4.61 -7.47 18.98
C VAL A 45 -4.15 -6.02 19.14
N PRO A 46 -3.40 -5.74 20.21
CA PRO A 46 -2.92 -4.38 20.51
C PRO A 46 -1.81 -3.94 19.54
N LEU A 47 -2.06 -2.84 18.84
CA LEU A 47 -1.06 -2.25 17.97
C LEU A 47 -0.85 -0.80 18.36
N PRO A 48 0.05 -0.55 19.33
CA PRO A 48 0.27 0.78 19.88
C PRO A 48 1.17 1.66 19.02
N ASN A 49 1.33 1.30 17.76
CA ASN A 49 2.19 2.05 16.86
C ASN A 49 1.40 3.17 16.16
N VAL A 50 0.27 2.81 15.59
CA VAL A 50 -0.52 3.76 14.81
C VAL A 50 -1.91 3.92 15.39
N ASN A 51 -2.44 5.13 15.34
CA ASN A 51 -3.76 5.44 15.89
C ASN A 51 -4.83 5.40 14.79
N ALA A 52 -6.06 5.72 15.17
CA ALA A 52 -7.24 5.59 14.30
C ALA A 52 -7.06 6.30 12.96
N ALA A 53 -6.49 7.49 13.01
CA ALA A 53 -6.38 8.36 11.84
C ALA A 53 -5.72 7.64 10.65
N ILE A 54 -4.60 7.00 10.91
CA ILE A 54 -3.81 6.40 9.86
C ILE A 54 -4.19 4.93 9.61
N LEU A 55 -4.49 4.21 10.70
CA LEU A 55 -4.68 2.76 10.64
C LEU A 55 -5.76 2.36 9.63
N LYS A 56 -6.93 2.96 9.75
CA LYS A 56 -8.08 2.56 8.92
C LYS A 56 -7.83 2.84 7.44
N LYS A 57 -7.00 3.84 7.17
CA LYS A 57 -6.72 4.23 5.79
C LYS A 57 -5.65 3.34 5.17
N VAL A 58 -4.69 2.93 5.98
CA VAL A 58 -3.60 2.09 5.52
C VAL A 58 -4.06 0.63 5.38
N ILE A 59 -4.85 0.15 6.34
CA ILE A 59 -5.27 -1.24 6.32
C ILE A 59 -6.29 -1.46 5.21
N GLN A 60 -6.92 -0.36 4.77
CA GLN A 60 -7.90 -0.40 3.69
C GLN A 60 -7.26 -0.90 2.38
N TRP A 61 -5.93 -0.76 2.27
CA TRP A 61 -5.23 -1.22 1.08
C TRP A 61 -5.39 -2.72 0.91
N CYS A 62 -5.04 -3.44 1.97
CA CYS A 62 -5.15 -4.89 1.98
C CYS A 62 -6.59 -5.30 1.77
N THR A 63 -7.50 -4.55 2.38
CA THR A 63 -8.94 -4.69 2.18
C THR A 63 -9.29 -4.79 0.69
N HIS A 64 -8.78 -3.86 -0.10
CA HIS A 64 -9.16 -3.78 -1.49
C HIS A 64 -8.40 -4.78 -2.37
N HIS A 65 -7.32 -5.35 -1.86
CA HIS A 65 -6.61 -6.37 -2.64
C HIS A 65 -7.11 -7.78 -2.35
N LYS A 66 -7.84 -7.96 -1.25
CA LYS A 66 -8.64 -9.17 -1.08
C LYS A 66 -10.00 -8.94 -1.73
N ASP A 67 -10.19 -7.68 -2.11
CA ASP A 67 -11.37 -7.23 -2.83
C ASP A 67 -10.97 -7.00 -4.29
N ASP A 68 -9.87 -7.66 -4.67
CA ASP A 68 -9.23 -7.49 -5.97
C ASP A 68 -10.22 -7.71 -7.12
N PRO A 69 -10.37 -6.71 -7.99
CA PRO A 69 -11.36 -6.70 -9.06
C PRO A 69 -10.81 -7.23 -10.39
N PRO A 70 -11.69 -7.47 -11.38
CA PRO A 70 -11.28 -7.80 -12.75
C PRO A 70 -10.54 -6.64 -13.42
N PRO A 71 -9.87 -6.90 -14.56
CA PRO A 71 -9.09 -5.90 -15.29
C PRO A 71 -9.73 -4.50 -15.31
N PRO A 72 -9.01 -3.50 -14.75
CA PRO A 72 -9.50 -2.13 -14.68
C PRO A 72 -9.77 -1.53 -16.06
N GLU A 73 -8.83 -1.74 -16.97
CA GLU A 73 -8.93 -1.24 -18.33
C GLU A 73 -8.06 -2.06 -19.27
N ASP A 74 -6.74 -1.97 -19.10
CA ASP A 74 -5.82 -2.81 -19.86
C ASP A 74 -5.30 -3.91 -18.97
N ASP A 75 -4.93 -3.53 -17.74
CA ASP A 75 -4.51 -4.47 -16.70
C ASP A 75 -3.16 -5.08 -17.06
N GLU A 76 -2.13 -4.25 -17.07
CA GLU A 76 -0.78 -4.72 -17.30
C GLU A 76 -0.11 -5.06 -15.97
N ASN A 77 -0.04 -4.05 -15.11
CA ASN A 77 0.61 -4.16 -13.79
C ASN A 77 0.62 -2.78 -13.13
N LYS A 78 1.47 -2.59 -12.13
CA LYS A 78 1.61 -1.28 -11.48
C LYS A 78 1.93 -0.19 -12.51
N GLU A 79 2.67 -0.60 -13.54
CA GLU A 79 3.15 0.28 -14.61
C GLU A 79 4.32 1.12 -14.11
N LYS A 80 5.11 1.66 -15.03
CA LYS A 80 6.27 2.47 -14.67
C LYS A 80 5.84 3.68 -13.85
N ARG A 81 4.64 4.16 -14.15
CA ARG A 81 4.00 5.21 -13.37
C ARG A 81 2.54 4.83 -13.17
N THR A 82 1.93 5.32 -12.09
CA THR A 82 0.57 4.96 -11.77
C THR A 82 -0.41 5.47 -12.83
N ASP A 83 -0.70 4.61 -13.81
CA ASP A 83 -1.61 4.96 -14.89
C ASP A 83 -2.64 3.87 -15.07
N ASP A 84 -2.17 2.66 -15.37
CA ASP A 84 -3.05 1.50 -15.50
C ASP A 84 -3.19 0.83 -14.14
N ILE A 85 -3.92 1.49 -13.26
CA ILE A 85 -4.09 1.01 -11.89
C ILE A 85 -5.58 0.92 -11.54
N PRO A 86 -5.94 0.00 -10.65
CA PRO A 86 -7.31 -0.14 -10.17
C PRO A 86 -7.73 1.05 -9.29
N VAL A 87 -9.01 1.37 -9.32
CA VAL A 87 -9.56 2.46 -8.52
C VAL A 87 -9.35 2.20 -7.02
N TRP A 88 -9.17 0.93 -6.67
CA TRP A 88 -8.87 0.54 -5.30
C TRP A 88 -7.61 1.23 -4.80
N ASP A 89 -6.50 0.97 -5.48
CA ASP A 89 -5.21 1.52 -5.07
C ASP A 89 -5.17 3.03 -5.27
N GLN A 90 -5.98 3.53 -6.19
CA GLN A 90 -6.02 4.96 -6.49
C GLN A 90 -6.71 5.73 -5.37
N GLU A 91 -7.80 5.18 -4.82
CA GLU A 91 -8.61 5.90 -3.85
C GLU A 91 -7.85 6.14 -2.55
N PHE A 92 -6.79 5.38 -2.31
CA PHE A 92 -6.03 5.51 -1.07
C PHE A 92 -5.34 6.87 -1.00
N LEU A 93 -5.23 7.52 -2.14
CA LEU A 93 -4.61 8.83 -2.21
C LEU A 93 -5.66 9.94 -2.06
N LYS A 94 -6.83 9.57 -1.51
CA LYS A 94 -7.92 10.52 -1.32
C LYS A 94 -7.62 11.49 -0.18
N VAL A 95 -6.62 11.17 0.63
CA VAL A 95 -6.33 11.95 1.82
C VAL A 95 -5.14 12.88 1.58
N ASP A 96 -5.08 13.95 2.37
CA ASP A 96 -4.01 14.96 2.25
C ASP A 96 -2.69 14.42 2.80
N GLN A 97 -1.68 15.29 2.88
CA GLN A 97 -0.30 14.87 3.19
C GLN A 97 -0.17 14.20 4.56
N GLY A 98 -1.08 14.49 5.46
CA GLY A 98 -1.04 13.91 6.80
C GLY A 98 -1.05 12.40 6.75
N THR A 99 -1.98 11.85 5.98
CA THR A 99 -2.04 10.41 5.79
C THR A 99 -1.16 10.00 4.61
N LEU A 100 -1.02 10.89 3.63
CA LEU A 100 -0.27 10.62 2.41
C LEU A 100 1.15 10.15 2.72
N PHE A 101 1.83 10.86 3.61
CA PHE A 101 3.19 10.49 4.00
C PHE A 101 3.18 9.16 4.75
N GLU A 102 2.25 9.04 5.69
CA GLU A 102 2.13 7.85 6.51
C GLU A 102 1.69 6.63 5.69
N LEU A 103 1.09 6.86 4.53
CA LEU A 103 0.76 5.77 3.61
C LEU A 103 2.00 4.95 3.26
N ILE A 104 3.15 5.61 3.35
CA ILE A 104 4.42 4.94 3.16
C ILE A 104 5.05 4.60 4.51
N LEU A 105 5.01 5.58 5.42
CA LEU A 105 5.62 5.44 6.74
C LEU A 105 4.97 4.31 7.56
N ALA A 106 3.66 4.39 7.72
CA ALA A 106 2.93 3.43 8.55
C ALA A 106 2.90 2.05 7.88
N ALA A 107 2.87 2.06 6.55
CA ALA A 107 2.84 0.81 5.79
C ALA A 107 4.12 0.01 6.01
N ASN A 108 5.23 0.73 6.17
CA ASN A 108 6.53 0.09 6.38
C ASN A 108 6.58 -0.63 7.72
N TYR A 109 5.75 -0.19 8.66
CA TYR A 109 5.72 -0.80 9.99
C TYR A 109 5.07 -2.18 9.94
N LEU A 110 4.26 -2.43 8.93
CA LEU A 110 3.60 -3.72 8.77
C LEU A 110 4.20 -4.49 7.61
N ASP A 111 5.28 -3.93 7.06
CA ASP A 111 5.98 -4.52 5.92
C ASP A 111 5.09 -4.57 4.68
N ILE A 112 4.09 -3.69 4.66
CA ILE A 112 3.25 -3.56 3.48
C ILE A 112 3.97 -2.72 2.44
N LYS A 113 4.81 -3.39 1.66
CA LYS A 113 5.57 -2.75 0.60
C LYS A 113 4.70 -2.55 -0.64
N GLY A 114 3.45 -2.98 -0.53
CA GLY A 114 2.50 -2.77 -1.61
C GLY A 114 2.05 -1.33 -1.66
N LEU A 115 1.42 -0.87 -0.59
CA LEU A 115 0.91 0.50 -0.51
C LEU A 115 2.07 1.49 -0.54
N LEU A 116 3.17 1.09 0.07
CA LEU A 116 4.38 1.87 0.07
C LEU A 116 4.84 2.16 -1.36
N ASP A 117 4.93 1.11 -2.17
CA ASP A 117 5.44 1.22 -3.53
C ASP A 117 4.46 1.99 -4.43
N VAL A 118 3.17 1.71 -4.27
CA VAL A 118 2.14 2.37 -5.07
C VAL A 118 2.15 3.88 -4.84
N THR A 119 2.24 4.28 -3.57
CA THR A 119 2.27 5.69 -3.23
C THR A 119 3.56 6.35 -3.73
N CYS A 120 4.65 5.60 -3.76
CA CYS A 120 5.93 6.12 -4.24
C CYS A 120 5.85 6.42 -5.74
N LYS A 121 5.18 5.54 -6.49
CA LYS A 121 5.00 5.72 -7.92
C LYS A 121 4.34 7.06 -8.23
N THR A 122 3.34 7.41 -7.43
CA THR A 122 2.55 8.61 -7.66
C THR A 122 3.24 9.87 -7.13
N VAL A 123 3.69 9.83 -5.87
CA VAL A 123 4.31 11.00 -5.25
C VAL A 123 5.57 11.42 -6.01
N ALA A 124 6.37 10.44 -6.42
CA ALA A 124 7.59 10.70 -7.17
C ALA A 124 7.26 11.22 -8.57
N ASN A 125 6.04 10.95 -9.03
CA ASN A 125 5.60 11.40 -10.34
C ASN A 125 5.10 12.84 -10.26
N MET A 126 4.54 13.20 -9.12
CA MET A 126 4.01 14.54 -8.89
C MET A 126 5.12 15.57 -8.73
N ILE A 127 6.19 15.18 -8.05
CA ILE A 127 7.30 16.10 -7.80
C ILE A 127 8.03 16.47 -9.08
N LYS A 128 8.10 15.53 -10.02
CA LYS A 128 8.78 15.74 -11.30
C LYS A 128 8.55 14.57 -12.24
N GLY A 129 8.36 13.39 -11.67
CA GLY A 129 8.21 12.19 -12.47
C GLY A 129 9.55 11.57 -12.78
N LYS A 130 10.56 11.97 -12.01
CA LYS A 130 11.91 11.50 -12.23
C LYS A 130 12.41 10.74 -11.01
N THR A 131 12.82 11.47 -9.98
CA THR A 131 13.38 10.91 -8.78
C THR A 131 12.34 10.14 -7.97
N PRO A 132 12.72 8.99 -7.41
CA PRO A 132 11.84 8.23 -6.51
C PRO A 132 11.93 8.73 -5.07
N GLU A 133 12.38 9.97 -4.91
CA GLU A 133 12.58 10.56 -3.60
C GLU A 133 12.36 12.07 -3.69
N GLU A 134 11.77 12.64 -2.66
CA GLU A 134 11.30 14.03 -2.68
C GLU A 134 12.46 15.01 -2.57
N ILE A 135 13.41 14.71 -1.69
CA ILE A 135 14.50 15.64 -1.41
C ILE A 135 15.65 15.42 -2.39
N ARG A 136 15.73 14.20 -2.92
CA ARG A 136 16.84 13.82 -3.78
C ARG A 136 16.67 14.41 -5.18
N LYS A 137 15.49 14.94 -5.48
CA LYS A 137 15.24 15.57 -6.76
C LYS A 137 16.06 16.86 -6.89
N THR A 138 16.37 17.46 -5.75
CA THR A 138 17.08 18.72 -5.72
C THR A 138 18.59 18.51 -5.79
N PHE A 139 19.06 17.40 -5.21
CA PHE A 139 20.49 17.17 -5.06
C PHE A 139 21.04 16.18 -6.08
N ASN A 140 20.19 15.36 -6.67
CA ASN A 140 20.66 14.35 -7.61
C ASN A 140 19.80 14.33 -8.87
N ILE A 141 18.53 14.71 -8.74
CA ILE A 141 17.62 14.89 -9.87
C ILE A 141 17.09 13.57 -10.44
N LYS A 142 17.99 12.70 -10.91
CA LYS A 142 17.60 11.47 -11.59
C LYS A 142 16.77 11.76 -12.83
N ASN A 143 17.39 12.36 -13.83
CA ASN A 143 16.68 12.80 -15.02
C ASN A 143 16.74 11.76 -16.14
N ASP A 144 16.94 10.50 -15.77
CA ASP A 144 17.00 9.43 -16.75
C ASP A 144 15.62 8.81 -16.97
N PHE A 145 15.57 7.74 -17.75
CA PHE A 145 14.30 7.13 -18.13
C PHE A 145 14.22 5.70 -17.62
N THR A 146 13.12 5.02 -17.95
CA THR A 146 12.91 3.63 -17.51
C THR A 146 11.67 3.01 -18.17
N GLU A 147 10.91 3.84 -18.86
CA GLU A 147 9.64 3.42 -19.45
C GLU A 147 9.80 3.02 -20.92
N GLU A 148 11.04 2.86 -21.35
CA GLU A 148 11.34 2.52 -22.74
C GLU A 148 10.62 1.25 -23.19
N GLU A 149 10.69 0.21 -22.35
CA GLU A 149 10.07 -1.09 -22.65
C GLU A 149 10.86 -1.81 -23.75
N GLU A 150 10.76 -3.13 -23.75
CA GLU A 150 11.49 -3.95 -24.71
C GLU A 150 10.81 -3.92 -26.08
N ALA A 151 9.49 -3.81 -26.08
CA ALA A 151 8.74 -3.71 -27.32
C ALA A 151 8.87 -2.32 -27.92
N GLN A 152 8.91 -1.31 -27.04
CA GLN A 152 9.01 0.09 -27.44
C GLN A 152 7.72 0.57 -28.10
N VAL A 153 7.48 1.88 -28.04
CA VAL A 153 6.28 2.46 -28.63
C VAL A 153 6.41 2.63 -30.13
N ARG A 154 7.48 2.05 -30.68
CA ARG A 154 7.74 2.15 -32.12
C ARG A 154 6.90 1.14 -32.89
N LYS A 155 6.32 0.19 -32.17
CA LYS A 155 5.48 -0.83 -32.80
C LYS A 155 4.04 -0.36 -32.91
N GLU A 156 3.25 -1.11 -33.67
CA GLU A 156 1.85 -0.78 -33.89
C GLU A 156 1.01 -1.25 -32.71
N ASN A 157 0.90 -0.42 -31.70
CA ASN A 157 0.14 -0.80 -30.51
C ASN A 157 -1.31 -0.38 -30.65
N GLN A 158 -2.19 -1.36 -30.63
CA GLN A 158 -3.63 -1.12 -30.68
C GLN A 158 -4.22 -1.12 -29.27
N TRP A 159 -3.32 -1.09 -28.28
CA TRP A 159 -3.68 -1.23 -26.87
C TRP A 159 -4.28 -2.61 -26.61
N CYS A 160 -5.55 -2.76 -26.94
CA CYS A 160 -6.27 -4.02 -26.82
C CYS A 160 -7.54 -3.95 -27.65
N GLU A 161 -8.48 -3.14 -27.20
CA GLU A 161 -9.72 -2.89 -27.93
C GLU A 161 -10.45 -1.73 -27.28
N GLU A 162 -10.20 -0.52 -27.78
CA GLU A 162 -10.70 0.69 -27.14
C GLU A 162 -12.12 1.05 -27.62
N LYS A 163 -13.08 0.21 -27.25
CA LYS A 163 -14.49 0.52 -27.40
C LYS A 163 -15.30 -0.63 -26.82
N MET A 1 -17.52 -16.29 11.64
CA MET A 1 -16.19 -16.42 11.01
C MET A 1 -15.22 -15.50 11.70
N PRO A 2 -14.14 -16.06 12.26
CA PRO A 2 -13.13 -15.29 13.00
C PRO A 2 -12.45 -14.24 12.13
N SER A 3 -12.92 -13.00 12.25
CA SER A 3 -12.27 -11.87 11.63
C SER A 3 -11.03 -11.48 12.42
N ILE A 4 -10.23 -10.58 11.89
CA ILE A 4 -9.01 -10.18 12.55
C ILE A 4 -9.20 -8.83 13.24
N LYS A 5 -8.73 -8.72 14.47
CA LYS A 5 -8.90 -7.50 15.24
C LYS A 5 -7.54 -6.89 15.57
N LEU A 6 -7.51 -5.58 15.67
CA LEU A 6 -6.30 -4.86 16.06
C LEU A 6 -6.68 -3.53 16.71
N GLN A 7 -5.90 -3.11 17.69
CA GLN A 7 -6.21 -1.92 18.47
C GLN A 7 -5.16 -0.85 18.23
N SER A 8 -5.62 0.35 17.88
CA SER A 8 -4.72 1.48 17.63
C SER A 8 -3.98 1.88 18.91
N SER A 9 -2.98 2.74 18.74
CA SER A 9 -2.12 3.17 19.84
C SER A 9 -2.92 3.86 20.94
N ASP A 10 -4.02 4.51 20.57
CA ASP A 10 -4.83 5.25 21.53
C ASP A 10 -5.94 4.37 22.10
N GLY A 11 -5.93 3.09 21.73
CA GLY A 11 -6.92 2.17 22.26
C GLY A 11 -8.10 2.00 21.32
N GLU A 12 -8.03 2.63 20.17
CA GLU A 12 -9.09 2.59 19.19
C GLU A 12 -9.08 1.25 18.44
N ILE A 13 -10.01 0.38 18.80
CA ILE A 13 -10.04 -0.98 18.26
C ILE A 13 -10.74 -1.05 16.89
N PHE A 14 -10.20 -1.88 16.01
CA PHE A 14 -10.82 -2.17 14.72
C PHE A 14 -10.81 -3.66 14.44
N GLU A 15 -11.81 -4.13 13.72
CA GLU A 15 -11.82 -5.48 13.20
C GLU A 15 -12.20 -5.47 11.73
N VAL A 16 -11.57 -6.34 10.96
CA VAL A 16 -11.81 -6.40 9.52
C VAL A 16 -11.73 -7.83 9.02
N ASP A 17 -12.02 -8.00 7.73
CA ASP A 17 -11.94 -9.30 7.07
C ASP A 17 -10.50 -9.83 7.19
N VAL A 18 -10.37 -11.08 7.60
CA VAL A 18 -9.06 -11.67 7.84
C VAL A 18 -8.27 -11.86 6.54
N GLU A 19 -8.99 -11.97 5.42
CA GLU A 19 -8.34 -12.22 4.14
C GLU A 19 -7.58 -10.96 3.68
N ILE A 20 -8.05 -9.80 4.12
CA ILE A 20 -7.38 -8.55 3.76
C ILE A 20 -6.07 -8.41 4.54
N ALA A 21 -6.10 -8.76 5.83
CA ALA A 21 -4.91 -8.64 6.68
C ALA A 21 -3.86 -9.68 6.32
N LYS A 22 -4.31 -10.66 5.56
CA LYS A 22 -3.44 -11.74 5.08
C LYS A 22 -2.46 -11.21 4.03
N GLN A 23 -2.65 -9.98 3.63
CA GLN A 23 -1.77 -9.30 2.70
C GLN A 23 -0.48 -8.91 3.45
N SER A 24 -0.65 -8.10 4.48
CA SER A 24 0.44 -7.67 5.36
C SER A 24 1.17 -8.85 5.99
N VAL A 25 2.50 -8.74 6.06
CA VAL A 25 3.36 -9.82 6.54
C VAL A 25 3.44 -9.83 8.06
N THR A 26 3.76 -8.69 8.66
CA THR A 26 3.95 -8.60 10.09
C THR A 26 2.72 -9.06 10.88
N ILE A 27 1.55 -8.58 10.48
CA ILE A 27 0.32 -8.92 11.19
C ILE A 27 -0.06 -10.38 10.92
N LYS A 28 0.44 -10.92 9.81
CA LYS A 28 0.22 -12.33 9.47
C LYS A 28 0.87 -13.22 10.52
N THR A 29 2.07 -12.87 10.92
CA THR A 29 2.75 -13.58 12.00
C THR A 29 2.07 -13.29 13.34
N MET A 30 1.67 -12.04 13.52
CA MET A 30 0.98 -11.61 14.74
C MET A 30 -0.32 -12.39 14.93
N LEU A 31 -1.07 -12.55 13.86
CA LEU A 31 -2.35 -13.25 13.90
C LEU A 31 -2.20 -14.68 14.41
N GLU A 32 -1.10 -15.32 14.05
CA GLU A 32 -0.86 -16.69 14.46
C GLU A 32 -0.63 -16.78 15.98
N ASP A 33 0.32 -15.99 16.47
CA ASP A 33 0.70 -16.06 17.87
C ASP A 33 -0.22 -15.23 18.77
N LEU A 34 -0.38 -13.95 18.44
CA LEU A 34 -1.15 -13.02 19.28
C LEU A 34 -2.60 -12.94 18.83
N GLY A 35 -2.84 -13.25 17.56
CA GLY A 35 -4.17 -13.12 17.00
C GLY A 35 -5.14 -14.13 17.56
N MET A 36 -4.90 -15.41 17.24
CA MET A 36 -5.70 -16.55 17.71
C MET A 36 -7.11 -16.58 17.08
N ASP A 37 -7.67 -15.38 16.85
CA ASP A 37 -9.00 -15.21 16.24
C ASP A 37 -10.01 -16.26 16.69
N ASP A 38 -10.53 -16.08 17.90
CA ASP A 38 -11.49 -17.03 18.47
C ASP A 38 -12.90 -16.72 18.02
N GLU A 39 -13.31 -15.46 18.15
CA GLU A 39 -14.65 -15.05 17.72
C GLU A 39 -14.57 -14.13 16.50
N GLY A 40 -13.49 -13.37 16.41
CA GLY A 40 -13.33 -12.42 15.33
C GLY A 40 -13.31 -10.98 15.83
N ASP A 41 -13.96 -10.77 16.96
CA ASP A 41 -13.85 -9.50 17.67
C ASP A 41 -12.75 -9.63 18.71
N ASP A 42 -12.89 -10.64 19.57
CA ASP A 42 -11.78 -11.18 20.34
C ASP A 42 -11.25 -10.15 21.36
N ASP A 43 -10.04 -10.39 21.87
CA ASP A 43 -9.42 -9.47 22.82
C ASP A 43 -8.42 -8.57 22.10
N PRO A 44 -8.67 -7.25 22.14
CA PRO A 44 -7.90 -6.25 21.38
C PRO A 44 -6.38 -6.35 21.57
N VAL A 45 -5.66 -6.40 20.46
CA VAL A 45 -4.20 -6.39 20.48
C VAL A 45 -3.69 -4.98 20.17
N PRO A 46 -3.08 -4.31 21.16
CA PRO A 46 -2.63 -2.93 21.03
C PRO A 46 -1.42 -2.76 20.12
N LEU A 47 -1.54 -1.91 19.13
CA LEU A 47 -0.44 -1.54 18.25
C LEU A 47 -0.06 -0.08 18.54
N PRO A 48 0.96 0.13 19.39
CA PRO A 48 1.31 1.46 19.91
C PRO A 48 2.06 2.35 18.92
N ASN A 49 1.60 2.37 17.67
CA ASN A 49 2.23 3.22 16.66
C ASN A 49 1.24 4.18 16.04
N VAL A 50 0.11 3.64 15.60
CA VAL A 50 -0.82 4.38 14.77
C VAL A 50 -2.19 4.50 15.43
N ASN A 51 -2.91 5.57 15.12
CA ASN A 51 -4.26 5.78 15.63
C ASN A 51 -5.31 5.30 14.63
N ALA A 52 -6.56 5.33 15.06
CA ALA A 52 -7.69 4.84 14.26
C ALA A 52 -7.71 5.43 12.86
N ALA A 53 -7.58 6.74 12.77
CA ALA A 53 -7.69 7.47 11.50
C ALA A 53 -6.86 6.85 10.39
N ILE A 54 -5.60 6.53 10.68
CA ILE A 54 -4.70 6.03 9.66
C ILE A 54 -4.72 4.50 9.61
N LEU A 55 -4.95 3.87 10.76
CA LEU A 55 -4.90 2.41 10.84
C LEU A 55 -5.90 1.75 9.88
N LYS A 56 -7.16 2.16 9.96
CA LYS A 56 -8.18 1.59 9.11
C LYS A 56 -7.99 2.02 7.65
N LYS A 57 -7.31 3.14 7.46
CA LYS A 57 -7.05 3.67 6.14
C LYS A 57 -6.04 2.79 5.39
N VAL A 58 -5.08 2.25 6.13
CA VAL A 58 -4.07 1.40 5.54
C VAL A 58 -4.61 -0.01 5.29
N ILE A 59 -5.40 -0.51 6.23
CA ILE A 59 -5.89 -1.88 6.14
C ILE A 59 -7.06 -2.00 5.15
N GLN A 60 -7.70 -0.86 4.86
CA GLN A 60 -8.78 -0.86 3.87
C GLN A 60 -8.23 -1.10 2.46
N TRP A 61 -6.94 -0.83 2.28
CA TRP A 61 -6.26 -1.12 1.02
C TRP A 61 -6.35 -2.61 0.75
N CYS A 62 -5.98 -3.39 1.76
CA CYS A 62 -6.01 -4.84 1.68
C CYS A 62 -7.42 -5.32 1.32
N THR A 63 -8.42 -4.62 1.83
CA THR A 63 -9.82 -4.87 1.49
C THR A 63 -10.01 -4.93 -0.03
N HIS A 64 -9.59 -3.88 -0.71
CA HIS A 64 -9.81 -3.77 -2.14
C HIS A 64 -8.88 -4.65 -2.94
N HIS A 65 -7.77 -5.06 -2.35
CA HIS A 65 -6.80 -5.88 -3.08
C HIS A 65 -7.18 -7.35 -3.03
N LYS A 66 -7.93 -7.77 -2.02
CA LYS A 66 -8.39 -9.15 -1.95
C LYS A 66 -9.70 -9.33 -2.72
N ASP A 67 -10.34 -8.21 -3.02
CA ASP A 67 -11.64 -8.20 -3.68
C ASP A 67 -11.48 -7.97 -5.19
N ASP A 68 -10.27 -8.20 -5.67
CA ASP A 68 -9.94 -7.91 -7.07
C ASP A 68 -10.38 -9.05 -7.99
N PRO A 69 -10.85 -8.69 -9.20
CA PRO A 69 -11.27 -9.67 -10.20
C PRO A 69 -10.08 -10.30 -10.92
N PRO A 70 -10.25 -11.53 -11.44
CA PRO A 70 -9.18 -12.26 -12.14
C PRO A 70 -8.83 -11.63 -13.50
N PRO A 71 -7.55 -11.72 -13.88
CA PRO A 71 -7.07 -11.25 -15.19
C PRO A 71 -7.83 -11.90 -16.35
N PRO A 72 -8.41 -11.08 -17.25
CA PRO A 72 -9.26 -11.55 -18.33
C PRO A 72 -8.53 -12.43 -19.35
N GLU A 73 -7.71 -11.83 -20.21
CA GLU A 73 -7.08 -12.59 -21.29
C GLU A 73 -5.63 -12.17 -21.52
N ASP A 74 -5.32 -10.89 -21.36
CA ASP A 74 -3.96 -10.42 -21.60
C ASP A 74 -3.35 -9.85 -20.33
N ASP A 75 -4.21 -9.46 -19.39
CA ASP A 75 -3.76 -8.87 -18.13
C ASP A 75 -3.30 -9.95 -17.15
N GLU A 76 -2.98 -11.13 -17.70
CA GLU A 76 -2.58 -12.29 -16.89
C GLU A 76 -1.36 -11.95 -16.04
N ASN A 77 -0.29 -11.50 -16.69
CA ASN A 77 0.90 -11.10 -15.98
C ASN A 77 0.74 -9.67 -15.49
N LYS A 78 1.12 -9.42 -14.25
CA LYS A 78 0.97 -8.12 -13.65
C LYS A 78 2.17 -7.23 -13.99
N GLU A 79 3.29 -7.88 -14.32
CA GLU A 79 4.54 -7.18 -14.64
C GLU A 79 4.88 -6.16 -13.56
N LYS A 80 4.88 -4.88 -13.93
CA LYS A 80 5.14 -3.81 -12.99
C LYS A 80 4.00 -2.81 -13.00
N ARG A 81 2.98 -3.09 -13.83
CA ARG A 81 1.83 -2.21 -14.05
C ARG A 81 2.22 -0.91 -14.78
N THR A 82 3.33 -0.30 -14.36
CA THR A 82 3.90 0.90 -14.98
C THR A 82 2.91 2.08 -15.09
N ASP A 83 2.03 2.04 -16.08
CA ASP A 83 1.08 3.12 -16.31
C ASP A 83 -0.32 2.72 -15.87
N ASP A 84 -0.55 1.42 -15.72
CA ASP A 84 -1.86 0.92 -15.37
C ASP A 84 -2.10 1.02 -13.87
N ILE A 85 -2.94 1.98 -13.49
CA ILE A 85 -3.28 2.19 -12.10
C ILE A 85 -4.79 2.04 -11.88
N PRO A 86 -5.18 1.08 -11.01
CA PRO A 86 -6.58 0.80 -10.74
C PRO A 86 -7.21 1.79 -9.76
N VAL A 87 -8.53 1.71 -9.59
CA VAL A 87 -9.27 2.60 -8.71
C VAL A 87 -8.97 2.31 -7.23
N TRP A 88 -8.45 1.11 -6.96
CA TRP A 88 -8.12 0.70 -5.60
C TRP A 88 -7.05 1.61 -4.99
N ASP A 89 -5.88 1.64 -5.63
CA ASP A 89 -4.76 2.48 -5.17
C ASP A 89 -5.11 3.96 -5.30
N GLN A 90 -5.97 4.26 -6.27
CA GLN A 90 -6.30 5.63 -6.64
C GLN A 90 -6.77 6.47 -5.45
N GLU A 91 -7.62 5.89 -4.62
CA GLU A 91 -8.22 6.62 -3.51
C GLU A 91 -7.19 7.06 -2.47
N PHE A 92 -6.08 6.34 -2.41
CA PHE A 92 -5.03 6.64 -1.44
C PHE A 92 -4.07 7.69 -1.97
N LEU A 93 -4.05 7.87 -3.28
CA LEU A 93 -3.08 8.75 -3.92
C LEU A 93 -3.66 10.14 -4.18
N LYS A 94 -4.81 10.40 -3.59
CA LYS A 94 -5.45 11.71 -3.73
C LYS A 94 -5.35 12.49 -2.42
N VAL A 95 -4.68 11.91 -1.44
CA VAL A 95 -4.73 12.44 -0.10
C VAL A 95 -3.50 13.27 0.22
N ASP A 96 -3.71 14.34 0.97
CA ASP A 96 -2.65 15.24 1.41
C ASP A 96 -1.69 14.52 2.38
N GLN A 97 -0.59 15.18 2.71
CA GLN A 97 0.51 14.58 3.48
C GLN A 97 0.05 13.95 4.81
N GLY A 98 -1.08 14.40 5.34
CA GLY A 98 -1.56 13.87 6.61
C GLY A 98 -1.70 12.37 6.59
N THR A 99 -2.42 11.85 5.61
CA THR A 99 -2.55 10.41 5.45
C THR A 99 -1.42 9.87 4.57
N LEU A 100 -1.00 10.67 3.59
CA LEU A 100 -0.02 10.25 2.60
C LEU A 100 1.31 9.85 3.26
N PHE A 101 1.85 10.73 4.10
CA PHE A 101 3.12 10.48 4.77
C PHE A 101 3.12 9.16 5.54
N GLU A 102 2.13 8.98 6.43
CA GLU A 102 2.08 7.80 7.26
C GLU A 102 1.59 6.59 6.46
N LEU A 103 0.92 6.83 5.34
CA LEU A 103 0.53 5.74 4.45
C LEU A 103 1.77 4.96 4.03
N ILE A 104 2.87 5.67 3.85
CA ILE A 104 4.15 5.06 3.53
C ILE A 104 4.79 4.47 4.80
N LEU A 105 4.75 5.27 5.87
CA LEU A 105 5.37 4.91 7.14
C LEU A 105 4.74 3.67 7.75
N ALA A 106 3.41 3.66 7.82
CA ALA A 106 2.67 2.57 8.45
C ALA A 106 2.85 1.26 7.69
N ALA A 107 2.98 1.36 6.38
CA ALA A 107 3.15 0.19 5.52
C ALA A 107 4.47 -0.51 5.83
N ASN A 108 5.48 0.28 6.21
CA ASN A 108 6.81 -0.24 6.54
C ASN A 108 6.73 -1.17 7.75
N TYR A 109 5.83 -0.88 8.68
CA TYR A 109 5.68 -1.68 9.88
C TYR A 109 5.00 -3.02 9.58
N LEU A 110 4.20 -3.04 8.53
CA LEU A 110 3.49 -4.25 8.12
C LEU A 110 4.32 -5.04 7.10
N ASP A 111 5.45 -4.46 6.72
CA ASP A 111 6.38 -5.04 5.74
C ASP A 111 5.75 -5.15 4.37
N ILE A 112 4.61 -4.48 4.19
CA ILE A 112 4.00 -4.42 2.87
C ILE A 112 4.62 -3.29 2.09
N LYS A 113 5.73 -3.59 1.42
CA LYS A 113 6.37 -2.59 0.59
C LYS A 113 5.60 -2.42 -0.71
N GLY A 114 4.57 -3.24 -0.89
CA GLY A 114 3.71 -3.11 -2.05
C GLY A 114 3.01 -1.76 -2.08
N LEU A 115 2.26 -1.48 -1.01
CA LEU A 115 1.58 -0.19 -0.87
C LEU A 115 2.62 0.92 -0.86
N LEU A 116 3.70 0.69 -0.11
CA LEU A 116 4.78 1.66 0.04
C LEU A 116 5.38 2.02 -1.31
N ASP A 117 5.61 1.00 -2.14
CA ASP A 117 6.25 1.20 -3.44
C ASP A 117 5.36 2.01 -4.37
N VAL A 118 4.07 1.65 -4.42
CA VAL A 118 3.12 2.33 -5.28
C VAL A 118 3.05 3.83 -4.95
N THR A 119 2.83 4.15 -3.69
CA THR A 119 2.72 5.54 -3.27
C THR A 119 4.08 6.24 -3.41
N CYS A 120 5.17 5.48 -3.24
CA CYS A 120 6.52 6.02 -3.38
C CYS A 120 6.72 6.61 -4.78
N LYS A 121 6.41 5.81 -5.79
CA LYS A 121 6.58 6.24 -7.17
C LYS A 121 5.54 7.30 -7.54
N THR A 122 4.44 7.33 -6.81
CA THR A 122 3.39 8.30 -7.03
C THR A 122 3.85 9.70 -6.58
N VAL A 123 4.39 9.77 -5.37
CA VAL A 123 4.89 11.04 -4.84
C VAL A 123 6.16 11.45 -5.60
N ALA A 124 6.91 10.45 -6.06
CA ALA A 124 8.12 10.68 -6.85
C ALA A 124 7.77 11.18 -8.25
N ASN A 125 6.62 10.75 -8.77
CA ASN A 125 6.19 11.09 -10.12
C ASN A 125 6.11 12.60 -10.31
N MET A 126 5.77 13.29 -9.22
CA MET A 126 5.64 14.75 -9.25
C MET A 126 6.88 15.42 -9.81
N ILE A 127 8.05 15.01 -9.32
CA ILE A 127 9.30 15.56 -9.83
C ILE A 127 9.76 14.84 -11.12
N LYS A 128 9.92 13.52 -11.04
CA LYS A 128 10.43 12.76 -12.19
C LYS A 128 9.84 11.35 -12.26
N GLY A 129 9.50 10.78 -11.11
CA GLY A 129 8.90 9.45 -11.09
C GLY A 129 9.88 8.37 -10.68
N LYS A 130 11.10 8.75 -10.32
CA LYS A 130 12.11 7.78 -9.94
C LYS A 130 12.23 7.70 -8.42
N THR A 131 12.69 8.79 -7.81
CA THR A 131 12.82 8.86 -6.36
C THR A 131 12.05 10.08 -5.85
N PRO A 132 11.40 9.97 -4.67
CA PRO A 132 10.61 11.06 -4.11
C PRO A 132 11.45 12.12 -3.39
N GLU A 133 12.77 11.97 -3.47
CA GLU A 133 13.67 12.92 -2.83
C GLU A 133 14.22 13.90 -3.86
N GLU A 134 13.88 15.18 -3.68
CA GLU A 134 14.10 16.20 -4.70
C GLU A 134 15.56 16.64 -4.75
N ILE A 135 16.30 16.43 -3.68
CA ILE A 135 17.71 16.82 -3.63
C ILE A 135 18.57 15.89 -4.49
N ARG A 136 17.94 14.86 -5.04
CA ARG A 136 18.63 13.88 -5.87
C ARG A 136 18.79 14.38 -7.30
N LYS A 137 18.12 15.48 -7.63
CA LYS A 137 18.16 16.06 -8.98
C LYS A 137 19.60 16.31 -9.43
N THR A 138 20.45 16.70 -8.48
CA THR A 138 21.87 16.97 -8.77
C THR A 138 22.56 15.73 -9.34
N PHE A 139 22.07 14.56 -8.95
CA PHE A 139 22.69 13.29 -9.31
C PHE A 139 21.92 12.59 -10.43
N ASN A 140 21.13 13.38 -11.17
CA ASN A 140 20.28 12.87 -12.25
C ASN A 140 19.11 12.07 -11.67
N ILE A 141 18.74 12.42 -10.44
CA ILE A 141 17.61 11.82 -9.73
C ILE A 141 17.89 10.37 -9.36
N LYS A 142 17.70 9.45 -10.30
CA LYS A 142 17.92 8.03 -10.07
C LYS A 142 17.64 7.26 -11.35
N ASN A 143 18.69 6.78 -11.99
CA ASN A 143 18.57 6.13 -13.28
C ASN A 143 18.26 4.64 -13.14
N ASP A 144 18.86 3.99 -12.16
CA ASP A 144 18.69 2.55 -12.00
C ASP A 144 18.14 2.20 -10.63
N PHE A 145 17.26 1.21 -10.58
CA PHE A 145 16.64 0.77 -9.34
C PHE A 145 17.23 -0.55 -8.87
N THR A 146 17.07 -0.85 -7.59
CA THR A 146 17.64 -2.05 -6.97
C THR A 146 17.45 -2.01 -5.46
N GLU A 147 17.17 -0.81 -4.93
CA GLU A 147 17.03 -0.62 -3.50
C GLU A 147 15.75 -1.26 -2.97
N GLU A 148 14.85 -1.61 -3.89
CA GLU A 148 13.62 -2.31 -3.53
C GLU A 148 13.94 -3.67 -2.89
N GLU A 149 15.09 -4.22 -3.22
CA GLU A 149 15.49 -5.54 -2.75
C GLU A 149 16.31 -5.45 -1.46
N GLU A 150 16.69 -4.25 -1.08
CA GLU A 150 17.57 -4.06 0.09
C GLU A 150 16.82 -4.35 1.39
N ALA A 151 15.50 -4.31 1.33
CA ALA A 151 14.68 -4.54 2.52
C ALA A 151 14.56 -6.03 2.81
N GLN A 152 14.75 -6.87 1.79
CA GLN A 152 14.61 -8.32 1.89
C GLN A 152 13.22 -8.74 2.38
N VAL A 153 12.42 -9.24 1.45
CA VAL A 153 11.08 -9.68 1.80
C VAL A 153 11.10 -11.19 2.10
N ARG A 154 11.43 -11.52 3.33
CA ARG A 154 11.48 -12.91 3.78
C ARG A 154 11.58 -12.98 5.30
N LYS A 155 12.48 -12.16 5.86
CA LYS A 155 12.71 -12.10 7.31
C LYS A 155 13.17 -13.45 7.85
N GLU A 156 13.34 -13.49 9.18
CA GLU A 156 13.82 -14.68 9.88
C GLU A 156 15.22 -15.09 9.43
N ASN A 157 15.88 -14.19 8.70
CA ASN A 157 17.22 -14.44 8.17
C ASN A 157 18.28 -14.09 9.21
N GLN A 158 17.90 -14.21 10.48
CA GLN A 158 18.80 -13.93 11.59
C GLN A 158 19.79 -15.06 11.77
N TRP A 159 19.36 -16.26 11.41
CA TRP A 159 20.23 -17.43 11.46
C TRP A 159 21.26 -17.35 10.35
N CYS A 160 22.53 -17.36 10.73
CA CYS A 160 23.60 -17.33 9.73
C CYS A 160 23.79 -18.72 9.12
N GLU A 161 22.84 -19.09 8.28
CA GLU A 161 22.80 -20.39 7.63
C GLU A 161 21.55 -20.45 6.74
N GLU A 162 21.45 -21.46 5.90
CA GLU A 162 20.23 -21.70 5.16
C GLU A 162 19.42 -22.79 5.86
N LYS A 163 19.64 -24.04 5.45
CA LYS A 163 19.06 -25.18 6.12
C LYS A 163 20.03 -26.35 6.02
N MET A 1 -14.96 -12.77 6.42
CA MET A 1 -15.83 -13.44 7.41
C MET A 1 -15.26 -13.28 8.84
N PRO A 2 -14.03 -13.77 9.12
CA PRO A 2 -13.38 -13.52 10.40
C PRO A 2 -12.79 -12.11 10.43
N SER A 3 -12.84 -11.46 11.57
CA SER A 3 -12.36 -10.10 11.67
C SER A 3 -11.06 -10.00 12.46
N ILE A 4 -10.14 -9.23 11.95
CA ILE A 4 -8.90 -8.97 12.65
C ILE A 4 -9.04 -7.67 13.42
N LYS A 5 -9.03 -7.79 14.73
CA LYS A 5 -9.24 -6.65 15.61
C LYS A 5 -7.95 -6.28 16.33
N LEU A 6 -7.58 -5.03 16.24
CA LEU A 6 -6.37 -4.53 16.88
C LEU A 6 -6.64 -3.16 17.48
N GLN A 7 -5.97 -2.86 18.57
CA GLN A 7 -6.18 -1.61 19.27
C GLN A 7 -5.01 -0.68 19.00
N SER A 8 -5.31 0.46 18.40
CA SER A 8 -4.29 1.42 18.01
C SER A 8 -3.62 2.07 19.23
N SER A 9 -2.64 2.91 18.94
CA SER A 9 -1.76 3.48 19.95
C SER A 9 -2.49 4.35 20.97
N ASP A 10 -3.65 4.88 20.61
CA ASP A 10 -4.38 5.77 21.53
C ASP A 10 -5.43 4.98 22.31
N GLY A 11 -5.67 3.76 21.89
CA GLY A 11 -6.61 2.90 22.58
C GLY A 11 -7.91 2.70 21.82
N GLU A 12 -7.86 2.88 20.51
CA GLU A 12 -9.02 2.69 19.67
C GLU A 12 -8.97 1.31 19.00
N ILE A 13 -10.04 0.54 19.14
CA ILE A 13 -10.08 -0.80 18.56
C ILE A 13 -10.71 -0.77 17.17
N PHE A 14 -9.95 -1.22 16.18
CA PHE A 14 -10.45 -1.39 14.84
C PHE A 14 -10.47 -2.86 14.46
N GLU A 15 -11.51 -3.26 13.75
CA GLU A 15 -11.60 -4.60 13.22
C GLU A 15 -12.11 -4.58 11.79
N VAL A 16 -11.64 -5.52 11.00
CA VAL A 16 -12.01 -5.63 9.60
C VAL A 16 -11.75 -7.06 9.13
N ASP A 17 -12.24 -7.42 7.95
CA ASP A 17 -12.03 -8.74 7.39
C ASP A 17 -10.54 -9.12 7.41
N VAL A 18 -10.24 -10.27 8.00
CA VAL A 18 -8.87 -10.68 8.23
C VAL A 18 -8.15 -11.04 6.92
N GLU A 19 -8.90 -11.34 5.87
CA GLU A 19 -8.30 -11.77 4.62
C GLU A 19 -7.57 -10.62 3.93
N ILE A 20 -7.96 -9.39 4.25
CA ILE A 20 -7.27 -8.22 3.71
C ILE A 20 -5.94 -8.02 4.47
N ALA A 21 -5.98 -8.22 5.78
CA ALA A 21 -4.84 -7.92 6.66
C ALA A 21 -3.77 -8.98 6.53
N LYS A 22 -4.10 -10.05 5.82
CA LYS A 22 -3.19 -11.14 5.56
C LYS A 22 -1.99 -10.68 4.73
N GLN A 23 -2.10 -9.50 4.15
CA GLN A 23 -1.03 -8.90 3.38
C GLN A 23 0.07 -8.35 4.30
N SER A 24 -0.34 -7.71 5.40
CA SER A 24 0.61 -7.12 6.33
C SER A 24 1.40 -8.21 7.03
N VAL A 25 2.73 -8.11 6.98
CA VAL A 25 3.61 -9.18 7.46
C VAL A 25 3.48 -9.38 8.97
N THR A 26 3.48 -8.28 9.71
CA THR A 26 3.33 -8.33 11.16
C THR A 26 2.06 -9.07 11.56
N ILE A 27 0.96 -8.76 10.89
CA ILE A 27 -0.32 -9.37 11.19
C ILE A 27 -0.38 -10.80 10.66
N LYS A 28 0.20 -10.99 9.47
CA LYS A 28 0.25 -12.29 8.81
C LYS A 28 0.78 -13.36 9.74
N THR A 29 1.98 -13.12 10.28
CA THR A 29 2.60 -14.06 11.19
C THR A 29 1.90 -14.05 12.55
N MET A 30 1.37 -12.89 12.94
CA MET A 30 0.71 -12.72 14.23
C MET A 30 -0.53 -13.60 14.34
N LEU A 31 -1.15 -13.89 13.20
CA LEU A 31 -2.35 -14.73 13.16
C LEU A 31 -2.07 -16.15 13.66
N GLU A 32 -0.80 -16.54 13.63
CA GLU A 32 -0.40 -17.83 14.17
C GLU A 32 0.39 -17.62 15.46
N ASP A 33 1.26 -16.62 15.44
CA ASP A 33 2.12 -16.32 16.59
C ASP A 33 1.29 -16.03 17.83
N LEU A 34 0.36 -15.10 17.69
CA LEU A 34 -0.54 -14.72 18.78
C LEU A 34 -1.96 -15.12 18.44
N GLY A 35 -2.06 -16.04 17.48
CA GLY A 35 -3.35 -16.44 16.93
C GLY A 35 -4.35 -16.88 17.97
N MET A 36 -5.62 -16.56 17.72
CA MET A 36 -6.70 -16.86 18.64
C MET A 36 -8.05 -16.55 18.03
N ASP A 37 -8.07 -15.65 17.04
CA ASP A 37 -9.33 -15.18 16.47
C ASP A 37 -10.20 -16.34 15.99
N ASP A 38 -11.26 -16.58 16.74
CA ASP A 38 -12.16 -17.69 16.45
C ASP A 38 -13.47 -17.17 15.87
N GLU A 39 -13.91 -16.01 16.34
CA GLU A 39 -15.20 -15.47 15.92
C GLU A 39 -15.10 -14.16 15.16
N GLY A 40 -14.07 -13.37 15.47
CA GLY A 40 -13.95 -12.07 14.85
C GLY A 40 -14.04 -10.94 15.85
N ASP A 41 -14.70 -11.19 16.98
CA ASP A 41 -14.69 -10.24 18.08
C ASP A 41 -13.48 -10.53 18.96
N ASP A 42 -13.58 -11.55 19.81
CA ASP A 42 -12.42 -12.11 20.50
C ASP A 42 -11.63 -11.02 21.26
N ASP A 43 -10.34 -11.24 21.48
CA ASP A 43 -9.52 -10.27 22.20
C ASP A 43 -8.57 -9.54 21.26
N PRO A 44 -8.65 -8.20 21.21
CA PRO A 44 -7.85 -7.38 20.30
C PRO A 44 -6.38 -7.28 20.70
N VAL A 45 -5.51 -7.13 19.71
CA VAL A 45 -4.09 -6.98 19.96
C VAL A 45 -3.70 -5.50 19.97
N PRO A 46 -3.06 -5.04 21.06
CA PRO A 46 -2.60 -3.65 21.17
C PRO A 46 -1.41 -3.34 20.27
N LEU A 47 -1.56 -2.32 19.44
CA LEU A 47 -0.50 -1.88 18.54
C LEU A 47 -0.15 -0.42 18.82
N PRO A 48 0.85 -0.19 19.68
CA PRO A 48 1.22 1.16 20.11
C PRO A 48 2.13 1.88 19.11
N ASN A 49 1.92 1.62 17.83
CA ASN A 49 2.74 2.22 16.78
C ASN A 49 1.96 3.24 15.97
N VAL A 50 0.65 3.03 15.86
CA VAL A 50 -0.19 3.90 15.03
C VAL A 50 -1.59 4.02 15.65
N ASN A 51 -2.22 5.18 15.45
CA ASN A 51 -3.58 5.39 15.93
C ASN A 51 -4.60 5.01 14.86
N ALA A 52 -5.87 4.97 15.24
CA ALA A 52 -6.94 4.53 14.36
C ALA A 52 -7.08 5.45 13.15
N ALA A 53 -6.75 6.72 13.35
CA ALA A 53 -6.86 7.72 12.31
C ALA A 53 -6.04 7.32 11.07
N ILE A 54 -4.82 6.87 11.30
CA ILE A 54 -3.94 6.48 10.20
C ILE A 54 -4.08 4.99 9.88
N LEU A 55 -4.33 4.20 10.92
CA LEU A 55 -4.39 2.74 10.79
C LEU A 55 -5.43 2.32 9.74
N LYS A 56 -6.58 2.96 9.76
CA LYS A 56 -7.67 2.61 8.86
C LYS A 56 -7.31 2.88 7.40
N LYS A 57 -6.35 3.78 7.18
CA LYS A 57 -5.88 4.05 5.82
C LYS A 57 -5.02 2.89 5.32
N VAL A 58 -4.19 2.37 6.21
CA VAL A 58 -3.26 1.31 5.85
C VAL A 58 -3.98 0.02 5.50
N ILE A 59 -4.97 -0.34 6.31
CA ILE A 59 -5.59 -1.64 6.18
C ILE A 59 -6.67 -1.66 5.08
N GLN A 60 -7.23 -0.50 4.75
CA GLN A 60 -8.26 -0.44 3.70
C GLN A 60 -7.65 -0.71 2.32
N TRP A 61 -6.36 -0.47 2.17
CA TRP A 61 -5.69 -0.74 0.91
C TRP A 61 -5.67 -2.24 0.66
N CYS A 62 -5.48 -2.98 1.74
CA CYS A 62 -5.47 -4.42 1.69
C CYS A 62 -6.86 -4.97 1.34
N THR A 63 -7.87 -4.21 1.77
CA THR A 63 -9.27 -4.50 1.45
C THR A 63 -9.48 -4.77 -0.04
N HIS A 64 -9.14 -3.79 -0.86
CA HIS A 64 -9.39 -3.92 -2.30
C HIS A 64 -8.26 -4.68 -2.97
N HIS A 65 -7.15 -4.83 -2.25
CA HIS A 65 -6.01 -5.59 -2.77
C HIS A 65 -6.39 -7.05 -2.96
N LYS A 66 -7.09 -7.63 -1.99
CA LYS A 66 -7.53 -9.02 -2.09
C LYS A 66 -8.73 -9.12 -3.04
N ASP A 67 -9.25 -7.97 -3.41
CA ASP A 67 -10.45 -7.86 -4.21
C ASP A 67 -10.12 -7.40 -5.62
N ASP A 68 -8.87 -7.63 -6.03
CA ASP A 68 -8.42 -7.25 -7.35
C ASP A 68 -9.26 -7.95 -8.42
N PRO A 69 -9.75 -7.17 -9.39
CA PRO A 69 -10.68 -7.67 -10.41
C PRO A 69 -9.99 -8.52 -11.47
N PRO A 70 -10.78 -9.19 -12.34
CA PRO A 70 -10.24 -9.92 -13.49
C PRO A 70 -9.52 -8.98 -14.45
N PRO A 71 -8.23 -9.22 -14.70
CA PRO A 71 -7.40 -8.37 -15.56
C PRO A 71 -8.05 -8.06 -16.91
N PRO A 72 -7.74 -6.86 -17.46
CA PRO A 72 -8.39 -6.26 -18.63
C PRO A 72 -9.09 -7.23 -19.58
N GLU A 73 -8.32 -7.90 -20.44
CA GLU A 73 -8.90 -8.77 -21.44
C GLU A 73 -7.96 -9.92 -21.84
N ASP A 74 -6.91 -9.59 -22.58
CA ASP A 74 -5.99 -10.60 -23.09
C ASP A 74 -5.00 -11.04 -22.02
N ASP A 75 -4.53 -10.08 -21.24
CA ASP A 75 -3.60 -10.36 -20.16
C ASP A 75 -4.35 -11.00 -18.99
N GLU A 76 -4.09 -12.27 -18.78
CA GLU A 76 -4.71 -13.02 -17.68
C GLU A 76 -3.86 -12.95 -16.41
N ASN A 77 -2.62 -12.47 -16.57
CA ASN A 77 -1.64 -12.43 -15.49
C ASN A 77 -2.21 -11.88 -14.17
N LYS A 78 -1.91 -12.57 -13.07
CA LYS A 78 -2.42 -12.17 -11.76
C LYS A 78 -1.38 -11.37 -11.00
N GLU A 79 -0.12 -11.57 -11.31
CA GLU A 79 0.97 -10.90 -10.59
C GLU A 79 1.08 -9.45 -11.06
N LYS A 80 0.98 -8.53 -10.11
CA LYS A 80 0.87 -7.11 -10.45
C LYS A 80 2.22 -6.53 -10.84
N ARG A 81 2.55 -6.62 -12.13
CA ARG A 81 3.80 -6.07 -12.65
C ARG A 81 3.65 -4.57 -12.94
N THR A 82 2.93 -3.88 -12.07
CA THR A 82 2.67 -2.45 -12.20
C THR A 82 1.57 -2.17 -13.25
N ASP A 83 1.40 -3.11 -14.18
CA ASP A 83 0.40 -2.98 -15.23
C ASP A 83 -1.01 -3.05 -14.66
N ASP A 84 -1.32 -4.17 -14.02
CA ASP A 84 -2.63 -4.34 -13.40
C ASP A 84 -2.64 -3.72 -12.02
N ILE A 85 -3.29 -2.57 -11.91
CA ILE A 85 -3.38 -1.86 -10.65
C ILE A 85 -4.84 -1.55 -10.31
N PRO A 86 -5.31 -2.01 -9.13
CA PRO A 86 -6.69 -1.77 -8.68
C PRO A 86 -6.98 -0.28 -8.50
N VAL A 87 -8.16 0.13 -8.94
CA VAL A 87 -8.60 1.53 -8.90
C VAL A 87 -8.60 2.12 -7.48
N TRP A 88 -8.55 1.25 -6.47
CA TRP A 88 -8.58 1.67 -5.07
C TRP A 88 -7.61 2.83 -4.79
N ASP A 89 -6.39 2.74 -5.34
CA ASP A 89 -5.36 3.73 -5.04
C ASP A 89 -5.62 5.04 -5.79
N GLN A 90 -6.31 4.94 -6.92
CA GLN A 90 -6.61 6.09 -7.77
C GLN A 90 -7.29 7.20 -6.96
N GLU A 91 -8.29 6.81 -6.17
CA GLU A 91 -9.02 7.74 -5.31
C GLU A 91 -8.32 7.90 -3.95
N PHE A 92 -7.45 6.94 -3.63
CA PHE A 92 -6.83 6.92 -2.31
C PHE A 92 -5.61 7.84 -2.25
N LEU A 93 -4.89 7.95 -3.36
CA LEU A 93 -3.69 8.79 -3.40
C LEU A 93 -4.01 10.20 -3.88
N LYS A 94 -5.29 10.54 -3.91
CA LYS A 94 -5.70 11.89 -4.28
C LYS A 94 -5.96 12.69 -3.01
N VAL A 95 -5.53 12.16 -1.89
CA VAL A 95 -5.77 12.76 -0.60
C VAL A 95 -4.54 13.57 -0.16
N ASP A 96 -4.77 14.49 0.77
CA ASP A 96 -3.73 15.40 1.25
C ASP A 96 -2.52 14.64 1.80
N GLN A 97 -1.38 15.35 1.87
CA GLN A 97 -0.12 14.75 2.30
C GLN A 97 -0.20 14.22 3.73
N GLY A 98 -1.15 14.72 4.50
CA GLY A 98 -1.34 14.25 5.86
C GLY A 98 -1.57 12.75 5.93
N THR A 99 -2.20 12.22 4.90
CA THR A 99 -2.48 10.80 4.82
C THR A 99 -1.28 10.04 4.27
N LEU A 100 -0.85 10.41 3.06
CA LEU A 100 0.12 9.61 2.31
C LEU A 100 1.51 9.63 2.95
N PHE A 101 1.85 10.72 3.65
CA PHE A 101 3.16 10.82 4.28
C PHE A 101 3.36 9.72 5.32
N GLU A 102 2.43 9.62 6.26
CA GLU A 102 2.50 8.59 7.29
C GLU A 102 2.16 7.23 6.69
N LEU A 103 1.35 7.24 5.63
CA LEU A 103 0.90 6.01 4.97
C LEU A 103 2.08 5.10 4.64
N ILE A 104 3.17 5.71 4.16
CA ILE A 104 4.37 4.96 3.82
C ILE A 104 5.06 4.43 5.08
N LEU A 105 5.20 5.30 6.07
CA LEU A 105 5.91 4.96 7.30
C LEU A 105 5.11 3.98 8.13
N ALA A 106 3.81 4.21 8.21
CA ALA A 106 2.90 3.35 8.96
C ALA A 106 2.95 1.93 8.41
N ALA A 107 2.97 1.83 7.08
CA ALA A 107 2.99 0.54 6.41
C ALA A 107 4.31 -0.19 6.66
N ASN A 108 5.38 0.57 6.82
CA ASN A 108 6.71 0.00 7.03
C ASN A 108 6.79 -0.71 8.38
N TYR A 109 5.96 -0.29 9.33
CA TYR A 109 5.94 -0.91 10.64
C TYR A 109 5.33 -2.31 10.58
N LEU A 110 4.45 -2.53 9.62
CA LEU A 110 3.84 -3.84 9.43
C LEU A 110 4.53 -4.59 8.29
N ASP A 111 5.51 -3.92 7.70
CA ASP A 111 6.28 -4.46 6.57
C ASP A 111 5.37 -4.84 5.40
N ILE A 112 4.21 -4.19 5.31
CA ILE A 112 3.36 -4.39 4.16
C ILE A 112 3.76 -3.36 3.10
N LYS A 113 4.86 -3.68 2.42
CA LYS A 113 5.53 -2.75 1.53
C LYS A 113 4.82 -2.63 0.19
N GLY A 114 3.77 -3.42 0.01
CA GLY A 114 2.94 -3.25 -1.16
C GLY A 114 2.31 -1.88 -1.21
N LEU A 115 1.85 -1.42 -0.04
CA LEU A 115 1.28 -0.09 0.09
C LEU A 115 2.37 0.96 0.06
N LEU A 116 3.52 0.63 0.65
CA LEU A 116 4.66 1.53 0.72
C LEU A 116 5.09 1.96 -0.68
N ASP A 117 5.18 1.00 -1.60
CA ASP A 117 5.61 1.28 -2.97
C ASP A 117 4.55 2.07 -3.72
N VAL A 118 3.29 1.64 -3.60
CA VAL A 118 2.19 2.30 -4.30
C VAL A 118 2.06 3.77 -3.90
N THR A 119 2.19 4.05 -2.60
CA THR A 119 2.08 5.42 -2.11
C THR A 119 3.19 6.29 -2.69
N CYS A 120 4.34 5.69 -2.93
CA CYS A 120 5.46 6.41 -3.54
C CYS A 120 5.23 6.51 -5.06
N LYS A 121 4.69 5.45 -5.63
CA LYS A 121 4.47 5.33 -7.07
C LYS A 121 3.51 6.40 -7.58
N THR A 122 2.30 6.43 -7.02
CA THR A 122 1.26 7.32 -7.51
C THR A 122 1.61 8.79 -7.28
N VAL A 123 2.30 9.08 -6.17
CA VAL A 123 2.70 10.45 -5.86
C VAL A 123 3.89 10.87 -6.72
N ALA A 124 4.66 9.88 -7.17
CA ALA A 124 5.81 10.12 -8.03
C ALA A 124 5.39 10.62 -9.42
N ASN A 125 4.09 10.54 -9.70
CA ASN A 125 3.52 10.92 -11.00
C ASN A 125 4.10 12.24 -11.54
N MET A 126 4.45 13.15 -10.63
CA MET A 126 5.01 14.44 -11.04
C MET A 126 6.33 14.25 -11.80
N ILE A 127 7.21 13.39 -11.29
CA ILE A 127 8.47 13.09 -11.97
C ILE A 127 8.27 11.98 -13.01
N LYS A 128 7.17 12.09 -13.76
CA LYS A 128 6.78 11.12 -14.79
C LYS A 128 6.18 9.85 -14.17
N GLY A 129 6.43 9.64 -12.89
CA GLY A 129 5.77 8.58 -12.15
C GLY A 129 6.30 7.19 -12.46
N LYS A 130 7.41 7.11 -13.18
CA LYS A 130 7.95 5.80 -13.55
C LYS A 130 8.95 5.31 -12.50
N THR A 131 10.15 5.86 -12.50
CA THR A 131 11.13 5.50 -11.50
C THR A 131 11.41 6.67 -10.56
N PRO A 132 10.96 6.55 -9.31
CA PRO A 132 11.07 7.63 -8.31
C PRO A 132 12.51 7.86 -7.84
N GLU A 133 13.20 8.77 -8.51
CA GLU A 133 14.54 9.17 -8.13
C GLU A 133 14.58 10.66 -7.82
N GLU A 134 14.72 10.99 -6.55
CA GLU A 134 14.64 12.37 -6.08
C GLU A 134 15.80 13.21 -6.61
N ILE A 135 17.00 12.64 -6.65
CA ILE A 135 18.19 13.38 -7.06
C ILE A 135 18.42 13.30 -8.56
N ARG A 136 17.75 12.37 -9.22
CA ARG A 136 17.99 12.13 -10.64
C ARG A 136 17.27 13.17 -11.49
N LYS A 137 16.10 13.60 -11.04
CA LYS A 137 15.28 14.54 -11.81
C LYS A 137 15.99 15.86 -12.05
N THR A 138 16.90 16.21 -11.15
CA THR A 138 17.58 17.49 -11.22
C THR A 138 18.47 17.61 -12.46
N PHE A 139 19.35 16.64 -12.68
CA PHE A 139 20.31 16.73 -13.77
C PHE A 139 20.07 15.70 -14.85
N ASN A 140 19.11 14.81 -14.64
CA ASN A 140 18.77 13.79 -15.65
C ASN A 140 17.33 13.92 -16.09
N ILE A 141 16.51 14.57 -15.26
CA ILE A 141 15.06 14.63 -15.44
C ILE A 141 14.46 13.23 -15.27
N LYS A 142 14.59 12.42 -16.32
CA LYS A 142 14.20 11.02 -16.26
C LYS A 142 14.76 10.31 -17.49
N ASN A 143 13.95 10.26 -18.55
CA ASN A 143 14.38 9.71 -19.84
C ASN A 143 13.24 9.76 -20.84
N ASP A 144 13.52 10.35 -22.00
CA ASP A 144 12.65 10.26 -23.17
C ASP A 144 11.26 10.84 -22.93
N PHE A 145 10.42 10.66 -23.94
CA PHE A 145 9.01 11.00 -23.86
C PHE A 145 8.20 9.87 -24.50
N THR A 146 8.69 8.65 -24.32
CA THR A 146 8.08 7.47 -24.91
C THR A 146 6.70 7.20 -24.29
N GLU A 147 6.47 7.82 -23.12
CA GLU A 147 5.21 7.67 -22.40
C GLU A 147 4.05 8.30 -23.17
N GLU A 148 4.40 9.06 -24.21
CA GLU A 148 3.42 9.68 -25.09
C GLU A 148 2.35 8.67 -25.49
N GLU A 149 2.80 7.49 -25.93
CA GLU A 149 1.88 6.41 -26.23
C GLU A 149 2.48 5.05 -25.89
N GLU A 150 2.81 4.84 -24.62
CA GLU A 150 3.20 3.51 -24.15
C GLU A 150 1.97 2.63 -24.02
N ALA A 151 0.81 3.27 -23.95
CA ALA A 151 -0.45 2.57 -23.79
C ALA A 151 -0.73 1.66 -24.98
N GLN A 152 -0.76 2.24 -26.18
CA GLN A 152 -1.11 1.51 -27.40
C GLN A 152 -2.45 0.82 -27.21
N VAL A 153 -3.48 1.63 -27.02
CA VAL A 153 -4.81 1.12 -26.69
C VAL A 153 -5.55 0.64 -27.95
N ARG A 154 -4.97 -0.36 -28.57
CA ARG A 154 -5.59 -0.99 -29.73
C ARG A 154 -6.50 -2.12 -29.25
N LYS A 155 -6.32 -2.49 -27.99
CA LYS A 155 -7.22 -3.43 -27.32
C LYS A 155 -8.43 -2.66 -26.82
N GLU A 156 -9.60 -3.28 -26.88
CA GLU A 156 -10.85 -2.55 -26.80
C GLU A 156 -11.47 -2.49 -25.40
N ASN A 157 -10.91 -3.24 -24.45
CA ASN A 157 -11.45 -3.19 -23.09
C ASN A 157 -10.38 -3.51 -22.05
N GLN A 158 -9.81 -2.46 -21.48
CA GLN A 158 -8.85 -2.60 -20.40
C GLN A 158 -9.40 -1.92 -19.14
N TRP A 159 -9.96 -0.73 -19.34
CA TRP A 159 -10.64 0.04 -18.30
C TRP A 159 -9.67 0.48 -17.21
N CYS A 160 -9.10 1.66 -17.38
CA CYS A 160 -8.18 2.24 -16.40
C CYS A 160 -8.95 2.89 -15.26
N GLU A 161 -10.20 3.26 -15.53
CA GLU A 161 -11.06 3.87 -14.53
C GLU A 161 -12.32 3.05 -14.37
N GLU A 162 -12.57 2.58 -13.15
CA GLU A 162 -13.77 1.78 -12.89
C GLU A 162 -14.96 2.69 -12.66
N LYS A 163 -15.67 2.99 -13.73
CA LYS A 163 -16.83 3.86 -13.67
C LYS A 163 -18.03 3.16 -14.27
N MET A 1 -16.60 -17.64 9.75
CA MET A 1 -15.26 -17.10 9.41
C MET A 1 -14.85 -16.05 10.44
N PRO A 2 -13.66 -16.19 11.03
CA PRO A 2 -13.15 -15.24 12.03
C PRO A 2 -12.73 -13.92 11.39
N SER A 3 -12.62 -12.89 12.21
CA SER A 3 -12.21 -11.57 11.73
C SER A 3 -10.77 -11.30 12.17
N ILE A 4 -10.31 -10.08 11.97
CA ILE A 4 -9.03 -9.65 12.52
C ILE A 4 -9.20 -8.40 13.37
N LYS A 5 -8.63 -8.44 14.57
CA LYS A 5 -8.69 -7.29 15.46
C LYS A 5 -7.35 -6.56 15.46
N LEU A 6 -7.42 -5.24 15.43
CA LEU A 6 -6.24 -4.41 15.57
C LEU A 6 -6.61 -3.08 16.21
N GLN A 7 -5.98 -2.77 17.32
CA GLN A 7 -6.29 -1.57 18.09
C GLN A 7 -5.21 -0.52 17.85
N SER A 8 -5.61 0.66 17.44
CA SER A 8 -4.65 1.71 17.11
C SER A 8 -4.03 2.32 18.37
N SER A 9 -3.09 3.24 18.17
CA SER A 9 -2.34 3.86 19.26
C SER A 9 -3.26 4.67 20.16
N ASP A 10 -4.34 5.19 19.59
CA ASP A 10 -5.28 6.03 20.34
C ASP A 10 -6.28 5.17 21.12
N GLY A 11 -6.32 3.88 20.82
CA GLY A 11 -7.18 2.98 21.55
C GLY A 11 -8.36 2.47 20.73
N GLU A 12 -8.57 3.01 19.53
CA GLU A 12 -9.66 2.53 18.68
C GLU A 12 -9.35 1.15 18.12
N ILE A 13 -10.29 0.24 18.28
CA ILE A 13 -10.15 -1.12 17.77
C ILE A 13 -10.85 -1.24 16.42
N PHE A 14 -10.10 -1.69 15.43
CA PHE A 14 -10.67 -1.98 14.14
C PHE A 14 -10.75 -3.48 13.95
N GLU A 15 -11.86 -3.93 13.40
CA GLU A 15 -12.01 -5.32 13.04
C GLU A 15 -12.55 -5.44 11.62
N VAL A 16 -11.98 -6.34 10.86
CA VAL A 16 -12.23 -6.40 9.44
C VAL A 16 -11.93 -7.81 8.91
N ASP A 17 -12.19 -8.04 7.63
CA ASP A 17 -12.02 -9.34 6.99
C ASP A 17 -10.60 -9.88 7.20
N VAL A 18 -10.52 -11.17 7.53
CA VAL A 18 -9.24 -11.81 7.86
C VAL A 18 -8.37 -12.04 6.62
N GLU A 19 -9.00 -12.12 5.44
CA GLU A 19 -8.26 -12.38 4.21
C GLU A 19 -7.39 -11.18 3.84
N ILE A 20 -7.78 -10.01 4.31
CA ILE A 20 -7.01 -8.80 4.07
C ILE A 20 -5.84 -8.75 5.05
N ALA A 21 -6.08 -9.25 6.25
CA ALA A 21 -5.05 -9.33 7.28
C ALA A 21 -3.98 -10.35 6.90
N LYS A 22 -4.35 -11.23 5.99
CA LYS A 22 -3.45 -12.27 5.50
C LYS A 22 -2.42 -11.69 4.54
N GLN A 23 -2.72 -10.49 4.04
CA GLN A 23 -1.83 -9.82 3.09
C GLN A 23 -0.77 -9.06 3.85
N SER A 24 -1.20 -8.34 4.89
CA SER A 24 -0.28 -7.66 5.79
C SER A 24 0.46 -8.70 6.63
N VAL A 25 1.76 -8.83 6.40
CA VAL A 25 2.51 -9.96 6.94
C VAL A 25 2.64 -9.86 8.45
N THR A 26 2.80 -8.65 8.96
CA THR A 26 2.93 -8.44 10.39
C THR A 26 1.64 -8.83 11.13
N ILE A 27 0.50 -8.61 10.48
CA ILE A 27 -0.79 -8.99 11.08
C ILE A 27 -0.99 -10.50 10.94
N LYS A 28 -0.60 -11.02 9.78
CA LYS A 28 -0.62 -12.46 9.54
C LYS A 28 0.23 -13.19 10.59
N THR A 29 1.35 -12.57 10.95
CA THR A 29 2.22 -13.10 11.98
C THR A 29 1.60 -12.93 13.37
N MET A 30 0.82 -11.87 13.54
CA MET A 30 0.15 -11.60 14.81
C MET A 30 -0.78 -12.74 15.20
N LEU A 31 -1.57 -13.21 14.24
CA LEU A 31 -2.52 -14.30 14.49
C LEU A 31 -1.79 -15.60 14.80
N GLU A 32 -0.62 -15.75 14.23
CA GLU A 32 0.17 -16.96 14.40
C GLU A 32 0.94 -16.91 15.72
N ASP A 33 1.48 -15.73 16.03
CA ASP A 33 2.33 -15.55 17.20
C ASP A 33 1.49 -15.34 18.46
N LEU A 34 0.58 -14.38 18.42
CA LEU A 34 -0.21 -14.02 19.61
C LEU A 34 -1.46 -14.88 19.72
N GLY A 35 -2.08 -15.20 18.58
CA GLY A 35 -3.29 -16.00 18.62
C GLY A 35 -4.36 -15.45 17.69
N MET A 36 -5.24 -16.33 17.24
CA MET A 36 -6.30 -15.96 16.30
C MET A 36 -7.53 -15.44 17.03
N ASP A 37 -7.78 -15.97 18.24
CA ASP A 37 -9.03 -15.74 18.98
C ASP A 37 -10.12 -16.66 18.45
N ASP A 38 -11.17 -16.82 19.24
CA ASP A 38 -12.29 -17.69 18.86
C ASP A 38 -13.05 -17.09 17.68
N GLU A 39 -13.08 -15.76 17.65
CA GLU A 39 -13.83 -15.03 16.63
C GLU A 39 -12.91 -14.19 15.77
N GLY A 40 -11.64 -14.13 16.14
CA GLY A 40 -10.69 -13.36 15.38
C GLY A 40 -10.54 -11.93 15.87
N ASP A 41 -11.56 -11.43 16.55
CA ASP A 41 -11.57 -10.06 17.05
C ASP A 41 -12.09 -10.00 18.49
N ASP A 42 -11.88 -11.08 19.23
CA ASP A 42 -12.39 -11.19 20.59
C ASP A 42 -11.58 -10.32 21.55
N ASP A 43 -10.27 -10.55 21.60
CA ASP A 43 -9.36 -9.70 22.37
C ASP A 43 -8.51 -8.86 21.44
N PRO A 44 -8.54 -7.53 21.61
CA PRO A 44 -7.78 -6.60 20.75
C PRO A 44 -6.29 -6.58 21.06
N VAL A 45 -5.48 -6.39 20.02
CA VAL A 45 -4.05 -6.23 20.18
C VAL A 45 -3.67 -4.78 19.90
N PRO A 46 -3.03 -4.10 20.88
CA PRO A 46 -2.65 -2.70 20.75
C PRO A 46 -1.47 -2.47 19.81
N LEU A 47 -1.69 -1.62 18.82
CA LEU A 47 -0.65 -1.21 17.89
C LEU A 47 -0.30 0.26 18.17
N PRO A 48 0.73 0.49 19.01
CA PRO A 48 1.03 1.84 19.52
C PRO A 48 1.75 2.74 18.52
N ASN A 49 1.84 2.27 17.27
CA ASN A 49 2.56 3.01 16.24
C ASN A 49 1.66 3.97 15.49
N VAL A 50 0.45 3.54 15.20
CA VAL A 50 -0.42 4.27 14.29
C VAL A 50 -1.77 4.62 14.92
N ASN A 51 -2.24 5.83 14.64
CA ASN A 51 -3.54 6.29 15.11
C ASN A 51 -4.66 5.73 14.21
N ALA A 52 -5.86 5.60 14.79
CA ALA A 52 -7.02 5.06 14.09
C ALA A 52 -7.23 5.68 12.71
N ALA A 53 -7.05 6.99 12.63
CA ALA A 53 -7.26 7.74 11.40
C ALA A 53 -6.46 7.16 10.25
N ILE A 54 -5.24 6.72 10.53
CA ILE A 54 -4.35 6.22 9.50
C ILE A 54 -4.50 4.72 9.31
N LEU A 55 -4.59 4.00 10.44
CA LEU A 55 -4.59 2.53 10.42
C LEU A 55 -5.70 1.95 9.55
N LYS A 56 -6.89 2.53 9.64
CA LYS A 56 -8.02 2.03 8.86
C LYS A 56 -7.77 2.20 7.37
N LYS A 57 -7.05 3.26 7.00
CA LYS A 57 -6.73 3.51 5.60
C LYS A 57 -5.61 2.58 5.13
N VAL A 58 -4.80 2.12 6.07
CA VAL A 58 -3.71 1.21 5.74
C VAL A 58 -4.24 -0.20 5.49
N ILE A 59 -5.11 -0.69 6.39
CA ILE A 59 -5.58 -2.07 6.28
C ILE A 59 -6.66 -2.19 5.22
N GLN A 60 -7.34 -1.08 4.90
CA GLN A 60 -8.37 -1.10 3.86
C GLN A 60 -7.74 -1.37 2.49
N TRP A 61 -6.44 -1.12 2.35
CA TRP A 61 -5.72 -1.45 1.14
C TRP A 61 -5.87 -2.94 0.86
N CYS A 62 -5.63 -3.73 1.90
CA CYS A 62 -5.72 -5.18 1.80
C CYS A 62 -7.16 -5.62 1.62
N THR A 63 -8.08 -4.91 2.25
CA THR A 63 -9.51 -5.25 2.15
C THR A 63 -10.02 -5.06 0.73
N HIS A 64 -9.51 -4.06 0.04
CA HIS A 64 -9.96 -3.77 -1.31
C HIS A 64 -9.17 -4.61 -2.32
N HIS A 65 -8.06 -5.18 -1.88
CA HIS A 65 -7.27 -6.02 -2.76
C HIS A 65 -7.44 -7.50 -2.43
N LYS A 66 -8.38 -7.82 -1.54
CA LYS A 66 -8.73 -9.22 -1.31
C LYS A 66 -9.86 -9.62 -2.24
N ASP A 67 -10.66 -8.65 -2.64
CA ASP A 67 -11.83 -8.89 -3.47
C ASP A 67 -11.60 -8.37 -4.88
N ASP A 68 -10.33 -8.24 -5.26
CA ASP A 68 -9.97 -7.79 -6.58
C ASP A 68 -10.31 -8.85 -7.62
N PRO A 69 -11.21 -8.51 -8.54
CA PRO A 69 -11.78 -9.45 -9.50
C PRO A 69 -10.75 -9.98 -10.50
N PRO A 70 -11.03 -11.15 -11.09
CA PRO A 70 -10.13 -11.80 -12.06
C PRO A 70 -9.77 -10.87 -13.22
N PRO A 71 -8.53 -10.99 -13.71
CA PRO A 71 -7.99 -10.14 -14.79
C PRO A 71 -8.88 -10.12 -16.04
N PRO A 72 -8.81 -9.02 -16.82
CA PRO A 72 -9.63 -8.83 -18.03
C PRO A 72 -9.18 -9.72 -19.20
N GLU A 73 -7.89 -9.65 -19.47
CA GLU A 73 -7.29 -10.31 -20.61
C GLU A 73 -6.76 -11.69 -20.24
N ASP A 74 -5.53 -11.96 -20.64
CA ASP A 74 -4.88 -13.23 -20.36
C ASP A 74 -3.99 -13.11 -19.14
N ASP A 75 -3.59 -11.88 -18.85
CA ASP A 75 -2.76 -11.55 -17.69
C ASP A 75 -1.35 -12.11 -17.86
N GLU A 76 -0.60 -11.50 -18.77
CA GLU A 76 0.82 -11.80 -18.90
C GLU A 76 1.58 -10.89 -17.96
N ASN A 77 1.17 -9.63 -17.93
CA ASN A 77 1.69 -8.66 -16.99
C ASN A 77 0.53 -7.84 -16.42
N LYS A 78 0.67 -7.45 -15.16
CA LYS A 78 -0.38 -6.68 -14.48
C LYS A 78 -0.37 -5.23 -14.95
N GLU A 79 0.70 -4.53 -14.62
CA GLU A 79 0.89 -3.16 -15.07
C GLU A 79 2.18 -3.11 -15.88
N LYS A 80 2.28 -2.15 -16.78
CA LYS A 80 3.46 -2.05 -17.63
C LYS A 80 4.71 -1.73 -16.81
N ARG A 81 4.83 -0.47 -16.38
CA ARG A 81 6.02 -0.04 -15.66
C ARG A 81 5.66 0.90 -14.51
N THR A 82 4.50 0.68 -13.92
CA THR A 82 4.02 1.44 -12.77
C THR A 82 3.78 2.91 -13.16
N ASP A 83 2.75 3.11 -13.95
CA ASP A 83 2.32 4.46 -14.33
C ASP A 83 0.81 4.58 -14.16
N ASP A 84 0.11 3.54 -14.59
CA ASP A 84 -1.35 3.53 -14.54
C ASP A 84 -1.82 3.05 -13.18
N ILE A 85 -2.51 3.93 -12.47
CA ILE A 85 -2.95 3.61 -11.12
C ILE A 85 -4.36 3.03 -11.11
N PRO A 86 -4.55 1.92 -10.39
CA PRO A 86 -5.85 1.28 -10.27
C PRO A 86 -6.76 1.96 -9.24
N VAL A 87 -8.06 1.75 -9.37
CA VAL A 87 -9.05 2.38 -8.49
C VAL A 87 -8.86 1.99 -7.02
N TRP A 88 -8.32 0.80 -6.78
CA TRP A 88 -8.06 0.32 -5.42
C TRP A 88 -7.08 1.26 -4.70
N ASP A 89 -5.88 1.36 -5.25
CA ASP A 89 -4.81 2.16 -4.63
C ASP A 89 -5.09 3.66 -4.75
N GLN A 90 -5.93 4.02 -5.70
CA GLN A 90 -6.21 5.43 -5.99
C GLN A 90 -6.93 6.13 -4.84
N GLU A 91 -7.70 5.38 -4.06
CA GLU A 91 -8.53 5.97 -3.01
C GLU A 91 -7.70 6.42 -1.81
N PHE A 92 -6.49 5.88 -1.66
CA PHE A 92 -5.62 6.25 -0.55
C PHE A 92 -4.83 7.50 -0.89
N LEU A 93 -4.55 7.64 -2.18
CA LEU A 93 -3.65 8.68 -2.67
C LEU A 93 -4.39 9.99 -2.92
N LYS A 94 -5.52 10.16 -2.25
CA LYS A 94 -6.33 11.36 -2.42
C LYS A 94 -6.22 12.26 -1.19
N VAL A 95 -5.47 11.80 -0.20
CA VAL A 95 -5.34 12.52 1.05
C VAL A 95 -4.02 13.29 1.08
N ASP A 96 -3.97 14.35 1.88
CA ASP A 96 -2.79 15.20 1.96
C ASP A 96 -1.67 14.54 2.75
N GLN A 97 -0.58 15.28 2.93
CA GLN A 97 0.66 14.76 3.51
C GLN A 97 0.45 14.13 4.89
N GLY A 98 -0.50 14.65 5.66
CA GLY A 98 -0.76 14.12 6.98
C GLY A 98 -0.94 12.61 6.99
N THR A 99 -1.79 12.13 6.09
CA THR A 99 -2.00 10.71 5.93
C THR A 99 -1.02 10.12 4.93
N LEU A 100 -0.77 10.85 3.84
CA LEU A 100 0.08 10.39 2.74
C LEU A 100 1.45 9.97 3.24
N PHE A 101 2.12 10.86 3.96
CA PHE A 101 3.46 10.59 4.49
C PHE A 101 3.47 9.31 5.33
N GLU A 102 2.49 9.16 6.21
CA GLU A 102 2.44 8.02 7.12
C GLU A 102 1.98 6.76 6.39
N LEU A 103 1.30 6.92 5.25
CA LEU A 103 0.92 5.77 4.43
C LEU A 103 2.14 4.92 4.10
N ILE A 104 3.24 5.57 3.74
CA ILE A 104 4.48 4.88 3.48
C ILE A 104 5.09 4.34 4.77
N LEU A 105 5.10 5.19 5.79
CA LEU A 105 5.72 4.84 7.07
C LEU A 105 5.00 3.67 7.73
N ALA A 106 3.68 3.80 7.87
CA ALA A 106 2.87 2.80 8.53
C ALA A 106 2.95 1.45 7.82
N ALA A 107 2.96 1.51 6.49
CA ALA A 107 2.97 0.30 5.65
C ALA A 107 4.25 -0.50 5.85
N ASN A 108 5.36 0.20 6.08
CA ASN A 108 6.66 -0.44 6.28
C ASN A 108 6.63 -1.41 7.46
N TYR A 109 5.82 -1.10 8.46
CA TYR A 109 5.77 -1.91 9.67
C TYR A 109 5.05 -3.24 9.43
N LEU A 110 4.27 -3.32 8.34
CA LEU A 110 3.43 -4.51 8.10
C LEU A 110 3.93 -5.32 6.93
N ASP A 111 5.07 -4.91 6.37
CA ASP A 111 5.65 -5.54 5.17
C ASP A 111 4.84 -5.22 3.93
N ILE A 112 3.71 -4.52 4.10
CA ILE A 112 2.92 -4.12 2.96
C ILE A 112 3.65 -3.00 2.21
N LYS A 113 4.66 -3.40 1.44
CA LYS A 113 5.47 -2.47 0.69
C LYS A 113 4.80 -2.07 -0.61
N GLY A 114 3.70 -2.73 -0.93
CA GLY A 114 2.91 -2.35 -2.09
C GLY A 114 2.34 -0.96 -1.93
N LEU A 115 1.62 -0.75 -0.83
CA LEU A 115 1.07 0.55 -0.50
C LEU A 115 2.20 1.56 -0.35
N LEU A 116 3.29 1.12 0.27
CA LEU A 116 4.46 1.95 0.50
C LEU A 116 5.00 2.51 -0.82
N ASP A 117 5.30 1.63 -1.75
CA ASP A 117 5.93 2.02 -3.01
C ASP A 117 4.98 2.84 -3.88
N VAL A 118 3.75 2.36 -4.03
CA VAL A 118 2.77 3.02 -4.89
C VAL A 118 2.50 4.46 -4.43
N THR A 119 2.25 4.63 -3.14
CA THR A 119 1.94 5.95 -2.61
C THR A 119 3.14 6.91 -2.76
N CYS A 120 4.34 6.37 -2.70
CA CYS A 120 5.54 7.17 -2.83
C CYS A 120 5.81 7.51 -4.29
N LYS A 121 5.74 6.50 -5.15
CA LYS A 121 6.04 6.66 -6.57
C LYS A 121 5.09 7.63 -7.25
N THR A 122 3.83 7.59 -6.88
CA THR A 122 2.82 8.44 -7.52
C THR A 122 3.04 9.92 -7.19
N VAL A 123 3.43 10.19 -5.96
CA VAL A 123 3.74 11.56 -5.54
C VAL A 123 5.04 12.00 -6.20
N ALA A 124 5.93 11.05 -6.41
CA ALA A 124 7.23 11.30 -7.04
C ALA A 124 7.10 11.37 -8.56
N ASN A 125 5.95 10.94 -9.10
CA ASN A 125 5.74 10.91 -10.55
C ASN A 125 5.95 12.27 -11.20
N MET A 126 5.89 13.33 -10.40
CA MET A 126 6.18 14.67 -10.90
C MET A 126 7.59 14.72 -11.49
N ILE A 127 8.56 14.23 -10.73
CA ILE A 127 9.94 14.10 -11.22
C ILE A 127 10.08 12.77 -11.99
N LYS A 128 8.98 12.37 -12.64
CA LYS A 128 8.86 11.09 -13.37
C LYS A 128 8.64 9.93 -12.41
N GLY A 129 9.32 9.95 -11.28
CA GLY A 129 9.12 8.92 -10.28
C GLY A 129 9.89 7.65 -10.57
N LYS A 130 10.78 7.73 -11.54
CA LYS A 130 11.63 6.59 -11.86
C LYS A 130 12.83 6.59 -10.92
N THR A 131 13.01 7.72 -10.26
CA THR A 131 14.02 7.87 -9.23
C THR A 131 13.55 8.93 -8.23
N PRO A 132 13.35 8.53 -6.96
CA PRO A 132 12.91 9.46 -5.90
C PRO A 132 13.96 10.50 -5.56
N GLU A 133 15.17 10.30 -6.05
CA GLU A 133 16.25 11.24 -5.82
C GLU A 133 16.14 12.41 -6.80
N GLU A 134 16.24 13.62 -6.30
CA GLU A 134 16.10 14.81 -7.14
C GLU A 134 17.32 14.99 -8.06
N ILE A 135 18.37 14.23 -7.80
CA ILE A 135 19.58 14.27 -8.60
C ILE A 135 19.57 13.19 -9.68
N ARG A 136 18.36 12.77 -10.07
CA ARG A 136 18.19 11.65 -11.00
C ARG A 136 18.85 11.88 -12.37
N LYS A 137 19.26 13.11 -12.64
CA LYS A 137 19.94 13.41 -13.90
C LYS A 137 21.34 12.83 -13.94
N THR A 138 21.96 12.61 -12.77
CA THR A 138 23.30 12.05 -12.72
C THR A 138 23.26 10.52 -12.81
N PHE A 139 22.04 9.97 -12.73
CA PHE A 139 21.85 8.53 -12.82
C PHE A 139 21.74 8.09 -14.28
N ASN A 140 22.23 8.94 -15.18
CA ASN A 140 22.18 8.70 -16.63
C ASN A 140 20.75 8.69 -17.12
N ILE A 141 19.86 9.33 -16.36
CA ILE A 141 18.43 9.38 -16.66
C ILE A 141 17.82 7.99 -16.62
N LYS A 142 17.14 7.69 -15.51
CA LYS A 142 16.49 6.40 -15.33
C LYS A 142 15.25 6.31 -16.21
N ASN A 143 15.32 5.52 -17.26
CA ASN A 143 14.15 5.30 -18.11
C ASN A 143 13.12 4.48 -17.35
N ASP A 144 13.54 3.35 -16.78
CA ASP A 144 12.64 2.51 -15.99
C ASP A 144 13.39 1.33 -15.37
N PHE A 145 12.65 0.36 -14.84
CA PHE A 145 13.23 -0.81 -14.20
C PHE A 145 12.68 -2.08 -14.84
N THR A 146 13.32 -3.20 -14.51
CA THR A 146 12.86 -4.53 -14.94
C THR A 146 13.81 -5.59 -14.37
N GLU A 147 14.44 -5.24 -13.25
CA GLU A 147 15.53 -6.04 -12.72
C GLU A 147 15.14 -6.81 -11.45
N GLU A 148 14.12 -6.36 -10.74
CA GLU A 148 13.78 -6.99 -9.46
C GLU A 148 12.45 -7.74 -9.55
N GLU A 149 11.94 -7.89 -10.77
CA GLU A 149 10.70 -8.64 -11.03
C GLU A 149 9.50 -7.91 -10.45
N GLU A 150 8.98 -7.00 -11.26
CA GLU A 150 7.95 -6.07 -10.83
C GLU A 150 6.57 -6.75 -10.79
N ALA A 151 6.45 -7.88 -11.47
CA ALA A 151 5.17 -8.59 -11.61
C ALA A 151 4.59 -9.03 -10.27
N GLN A 152 5.47 -9.33 -9.31
CA GLN A 152 5.07 -9.81 -7.98
C GLN A 152 4.50 -11.23 -8.05
N VAL A 153 4.58 -11.96 -6.94
CA VAL A 153 4.12 -13.34 -6.91
C VAL A 153 3.48 -13.70 -5.56
N ARG A 154 3.28 -12.70 -4.71
CA ARG A 154 2.68 -12.94 -3.39
C ARG A 154 1.16 -12.93 -3.47
N LYS A 155 0.64 -12.71 -4.67
CA LYS A 155 -0.78 -12.78 -4.93
C LYS A 155 -1.16 -14.20 -5.35
N GLU A 156 -1.20 -15.11 -4.38
CA GLU A 156 -1.48 -16.51 -4.65
C GLU A 156 -2.92 -16.71 -5.10
N ASN A 157 -3.83 -15.98 -4.49
CA ASN A 157 -5.23 -16.05 -4.89
C ASN A 157 -5.59 -14.84 -5.74
N GLN A 158 -5.35 -14.98 -7.04
CA GLN A 158 -5.59 -13.91 -8.00
C GLN A 158 -7.04 -13.98 -8.50
N TRP A 159 -7.51 -15.19 -8.77
CA TRP A 159 -8.88 -15.39 -9.18
C TRP A 159 -9.78 -15.32 -7.96
N CYS A 160 -10.32 -14.14 -7.70
CA CYS A 160 -11.17 -13.94 -6.54
C CYS A 160 -12.36 -13.06 -6.87
N GLU A 161 -13.53 -13.51 -6.45
CA GLU A 161 -14.75 -12.74 -6.60
C GLU A 161 -15.80 -13.30 -5.65
N GLU A 162 -15.64 -12.95 -4.38
CA GLU A 162 -16.44 -13.52 -3.29
C GLU A 162 -17.87 -13.02 -3.31
N LYS A 163 -18.07 -11.82 -2.78
CA LYS A 163 -19.39 -11.26 -2.64
C LYS A 163 -19.68 -10.31 -3.80
N MET A 1 -16.33 -18.59 10.02
CA MET A 1 -15.01 -18.06 9.59
C MET A 1 -14.62 -16.86 10.45
N PRO A 2 -13.35 -16.81 10.89
CA PRO A 2 -12.85 -15.74 11.75
C PRO A 2 -12.54 -14.47 10.99
N SER A 3 -12.24 -13.42 11.73
CA SER A 3 -11.84 -12.15 11.14
C SER A 3 -10.85 -11.45 12.06
N ILE A 4 -10.07 -10.54 11.50
CA ILE A 4 -8.98 -9.91 12.25
C ILE A 4 -9.42 -8.57 12.83
N LYS A 5 -8.99 -8.30 14.06
CA LYS A 5 -9.28 -7.03 14.70
C LYS A 5 -8.10 -6.59 15.57
N LEU A 6 -7.80 -5.31 15.52
CA LEU A 6 -6.73 -4.76 16.32
C LEU A 6 -7.11 -3.38 16.83
N GLN A 7 -6.60 -3.03 17.99
CA GLN A 7 -6.96 -1.78 18.63
C GLN A 7 -5.79 -0.81 18.57
N SER A 8 -6.01 0.33 17.95
CA SER A 8 -4.98 1.33 17.76
C SER A 8 -4.49 1.88 19.10
N SER A 9 -3.36 2.58 19.06
CA SER A 9 -2.74 3.13 20.25
C SER A 9 -3.64 4.15 20.96
N ASP A 10 -4.59 4.71 20.23
CA ASP A 10 -5.48 5.73 20.78
C ASP A 10 -6.76 5.11 21.32
N GLY A 11 -6.88 3.80 21.20
CA GLY A 11 -8.00 3.09 21.80
C GLY A 11 -9.05 2.65 20.81
N GLU A 12 -8.96 3.11 19.56
CA GLU A 12 -9.95 2.74 18.55
C GLU A 12 -9.64 1.38 17.95
N ILE A 13 -10.60 0.49 18.00
CA ILE A 13 -10.42 -0.86 17.48
C ILE A 13 -11.01 -0.97 16.08
N PHE A 14 -10.26 -1.59 15.18
CA PHE A 14 -10.71 -1.79 13.80
C PHE A 14 -10.76 -3.27 13.48
N GLU A 15 -11.84 -3.68 12.82
CA GLU A 15 -12.00 -5.07 12.41
C GLU A 15 -12.28 -5.17 10.92
N VAL A 16 -11.72 -6.19 10.30
CA VAL A 16 -11.84 -6.39 8.86
C VAL A 16 -11.72 -7.87 8.49
N ASP A 17 -11.89 -8.17 7.22
CA ASP A 17 -11.75 -9.53 6.72
C ASP A 17 -10.34 -10.05 6.95
N VAL A 18 -10.23 -11.28 7.42
CA VAL A 18 -8.92 -11.91 7.57
C VAL A 18 -8.29 -12.12 6.20
N GLU A 19 -9.13 -12.08 5.18
CA GLU A 19 -8.70 -12.24 3.80
C GLU A 19 -7.78 -11.09 3.38
N ILE A 20 -8.01 -9.91 3.92
CA ILE A 20 -7.15 -8.77 3.61
C ILE A 20 -5.84 -8.88 4.40
N ALA A 21 -5.94 -9.37 5.63
CA ALA A 21 -4.77 -9.55 6.49
C ALA A 21 -3.85 -10.62 5.94
N LYS A 22 -4.36 -11.37 4.97
CA LYS A 22 -3.60 -12.41 4.29
C LYS A 22 -2.39 -11.81 3.58
N GLN A 23 -2.49 -10.53 3.23
CA GLN A 23 -1.43 -9.83 2.52
C GLN A 23 -0.28 -9.49 3.47
N SER A 24 -0.61 -8.80 4.56
CA SER A 24 0.38 -8.35 5.52
C SER A 24 1.17 -9.51 6.12
N VAL A 25 2.48 -9.43 6.04
CA VAL A 25 3.35 -10.50 6.47
C VAL A 25 3.63 -10.45 7.97
N THR A 26 4.11 -9.31 8.44
CA THR A 26 4.58 -9.16 9.81
C THR A 26 3.47 -9.40 10.83
N ILE A 27 2.26 -8.91 10.52
CA ILE A 27 1.14 -9.01 11.45
C ILE A 27 0.69 -10.46 11.61
N LYS A 28 1.00 -11.30 10.63
CA LYS A 28 0.60 -12.71 10.64
C LYS A 28 1.10 -13.39 11.91
N THR A 29 2.36 -13.13 12.24
CA THR A 29 2.97 -13.68 13.43
C THR A 29 2.34 -13.10 14.70
N MET A 30 1.97 -11.82 14.62
CA MET A 30 1.39 -11.10 15.74
C MET A 30 0.06 -11.71 16.16
N LEU A 31 -0.70 -12.20 15.17
CA LEU A 31 -2.01 -12.81 15.44
C LEU A 31 -1.88 -14.02 16.34
N GLU A 32 -0.91 -14.87 16.07
CA GLU A 32 -0.71 -16.08 16.89
C GLU A 32 0.05 -15.74 18.17
N ASP A 33 0.86 -14.70 18.11
CA ASP A 33 1.75 -14.36 19.21
C ASP A 33 1.03 -13.56 20.31
N LEU A 34 0.23 -12.59 19.91
CA LEU A 34 -0.40 -11.69 20.86
C LEU A 34 -1.92 -11.66 20.72
N GLY A 35 -2.46 -12.48 19.85
CA GLY A 35 -3.88 -12.42 19.59
C GLY A 35 -4.57 -13.77 19.58
N MET A 36 -5.68 -13.84 18.88
CA MET A 36 -6.49 -15.05 18.80
C MET A 36 -7.24 -15.03 17.47
N ASP A 37 -8.16 -14.07 17.35
CA ASP A 37 -8.82 -13.76 16.08
C ASP A 37 -9.58 -14.97 15.54
N ASP A 38 -10.41 -15.55 16.40
CA ASP A 38 -11.18 -16.73 16.05
C ASP A 38 -12.68 -16.41 15.94
N GLU A 39 -13.15 -15.53 16.82
CA GLU A 39 -14.57 -15.20 16.87
C GLU A 39 -14.99 -14.23 15.76
N GLY A 40 -14.06 -13.42 15.30
CA GLY A 40 -14.38 -12.43 14.28
C GLY A 40 -14.70 -11.09 14.91
N ASP A 41 -15.17 -11.12 16.15
CA ASP A 41 -15.24 -9.94 16.99
C ASP A 41 -14.15 -10.08 18.03
N ASP A 42 -14.07 -11.28 18.61
CA ASP A 42 -12.90 -11.77 19.33
C ASP A 42 -12.43 -10.77 20.40
N ASP A 43 -11.13 -10.80 20.70
CA ASP A 43 -10.55 -9.87 21.65
C ASP A 43 -9.64 -8.88 20.92
N PRO A 44 -9.87 -7.58 21.10
CA PRO A 44 -9.07 -6.53 20.44
C PRO A 44 -7.62 -6.53 20.92
N VAL A 45 -6.71 -6.74 19.98
CA VAL A 45 -5.28 -6.72 20.30
C VAL A 45 -4.74 -5.30 20.16
N PRO A 46 -4.29 -4.69 21.27
CA PRO A 46 -3.77 -3.33 21.28
C PRO A 46 -2.44 -3.21 20.53
N LEU A 47 -2.41 -2.29 19.58
CA LEU A 47 -1.20 -1.99 18.83
C LEU A 47 -0.72 -0.58 19.15
N PRO A 48 0.22 -0.45 20.09
CA PRO A 48 0.72 0.85 20.56
C PRO A 48 1.60 1.57 19.54
N ASN A 49 1.64 1.05 18.32
CA ASN A 49 2.47 1.63 17.27
C ASN A 49 1.77 2.80 16.59
N VAL A 50 0.52 2.59 16.19
CA VAL A 50 -0.19 3.58 15.42
C VAL A 50 -1.61 3.78 15.92
N ASN A 51 -2.11 5.02 15.82
CA ASN A 51 -3.45 5.38 16.25
C ASN A 51 -4.46 5.22 15.12
N ALA A 52 -5.74 5.28 15.48
CA ALA A 52 -6.87 5.01 14.57
C ALA A 52 -6.72 5.68 13.22
N ALA A 53 -6.43 6.98 13.25
CA ALA A 53 -6.35 7.79 12.04
C ALA A 53 -5.48 7.15 10.98
N ILE A 54 -4.34 6.63 11.38
CA ILE A 54 -3.38 6.08 10.44
C ILE A 54 -3.57 4.58 10.22
N LEU A 55 -4.06 3.88 11.24
CA LEU A 55 -4.13 2.41 11.21
C LEU A 55 -4.95 1.89 10.04
N LYS A 56 -6.20 2.33 9.93
CA LYS A 56 -7.09 1.84 8.87
C LYS A 56 -6.60 2.28 7.49
N LYS A 57 -5.78 3.33 7.48
CA LYS A 57 -5.20 3.84 6.24
C LYS A 57 -4.20 2.84 5.66
N VAL A 58 -3.64 2.00 6.53
CA VAL A 58 -2.67 1.00 6.09
C VAL A 58 -3.38 -0.27 5.61
N ILE A 59 -4.31 -0.76 6.42
CA ILE A 59 -4.93 -2.07 6.17
C ILE A 59 -5.93 -1.99 5.01
N GLN A 60 -6.39 -0.78 4.69
CA GLN A 60 -7.31 -0.57 3.56
C GLN A 60 -6.71 -1.05 2.24
N TRP A 61 -5.38 -1.10 2.16
CA TRP A 61 -4.70 -1.58 0.96
C TRP A 61 -5.00 -3.06 0.79
N CYS A 62 -4.73 -3.81 1.84
CA CYS A 62 -4.99 -5.23 1.88
C CYS A 62 -6.45 -5.50 1.57
N THR A 63 -7.32 -4.63 2.10
CA THR A 63 -8.74 -4.65 1.81
C THR A 63 -9.03 -4.76 0.31
N HIS A 64 -8.50 -3.83 -0.47
CA HIS A 64 -8.85 -3.73 -1.88
C HIS A 64 -8.02 -4.65 -2.77
N HIS A 65 -6.87 -5.10 -2.31
CA HIS A 65 -6.03 -5.94 -3.15
C HIS A 65 -6.58 -7.36 -3.22
N LYS A 66 -7.29 -7.78 -2.17
CA LYS A 66 -8.05 -9.03 -2.22
C LYS A 66 -9.46 -8.78 -2.76
N ASP A 67 -9.76 -7.51 -3.02
CA ASP A 67 -11.12 -7.06 -3.30
C ASP A 67 -11.35 -6.92 -4.79
N ASP A 68 -10.34 -7.27 -5.58
CA ASP A 68 -10.43 -7.15 -7.02
C ASP A 68 -11.30 -8.24 -7.61
N PRO A 69 -12.27 -7.85 -8.44
CA PRO A 69 -13.05 -8.79 -9.23
C PRO A 69 -12.27 -9.24 -10.46
N PRO A 70 -12.71 -10.31 -11.15
CA PRO A 70 -12.04 -10.83 -12.34
C PRO A 70 -11.62 -9.72 -13.29
N PRO A 71 -10.32 -9.70 -13.65
CA PRO A 71 -9.73 -8.68 -14.52
C PRO A 71 -10.60 -8.33 -15.73
N PRO A 72 -10.70 -7.03 -16.04
CA PRO A 72 -11.55 -6.53 -17.13
C PRO A 72 -11.20 -7.15 -18.48
N GLU A 73 -9.91 -7.41 -18.71
CA GLU A 73 -9.48 -7.93 -20.00
C GLU A 73 -8.06 -8.50 -19.96
N ASP A 74 -7.09 -7.67 -19.60
CA ASP A 74 -5.68 -8.01 -19.78
C ASP A 74 -5.22 -9.06 -18.77
N ASP A 75 -5.60 -8.85 -17.50
CA ASP A 75 -5.32 -9.80 -16.42
C ASP A 75 -3.88 -9.68 -15.91
N GLU A 76 -3.63 -8.59 -15.21
CA GLU A 76 -2.43 -8.47 -14.39
C GLU A 76 -2.74 -8.94 -12.97
N ASN A 77 -4.05 -9.04 -12.69
CA ASN A 77 -4.60 -9.46 -11.39
C ASN A 77 -3.87 -8.84 -10.18
N LYS A 78 -2.99 -9.60 -9.55
CA LYS A 78 -2.35 -9.14 -8.32
C LYS A 78 -1.18 -8.21 -8.61
N GLU A 79 -0.13 -8.76 -9.22
CA GLU A 79 1.07 -8.00 -9.57
C GLU A 79 1.67 -7.30 -8.35
N LYS A 80 2.62 -6.39 -8.59
CA LYS A 80 3.19 -5.58 -7.52
C LYS A 80 2.24 -4.45 -7.17
N ARG A 81 1.62 -3.88 -8.19
CA ARG A 81 0.60 -2.85 -8.01
C ARG A 81 -0.67 -3.37 -8.65
N THR A 82 -1.80 -2.73 -8.36
CA THR A 82 -3.03 -3.13 -9.00
C THR A 82 -3.19 -2.38 -10.31
N ASP A 83 -2.24 -2.59 -11.21
CA ASP A 83 -2.21 -1.92 -12.51
C ASP A 83 -3.41 -2.33 -13.34
N ASP A 84 -3.86 -3.56 -13.15
CA ASP A 84 -4.98 -4.10 -13.92
C ASP A 84 -6.27 -3.36 -13.59
N ILE A 85 -6.57 -3.24 -12.30
CA ILE A 85 -7.72 -2.47 -11.85
C ILE A 85 -7.24 -1.24 -11.08
N PRO A 86 -7.16 -0.09 -11.75
CA PRO A 86 -6.52 1.12 -11.21
C PRO A 86 -7.29 1.75 -10.05
N VAL A 87 -8.59 1.49 -9.98
CA VAL A 87 -9.46 2.17 -9.01
C VAL A 87 -9.08 1.85 -7.56
N TRP A 88 -8.49 0.68 -7.33
CA TRP A 88 -8.13 0.27 -5.98
C TRP A 88 -6.98 1.11 -5.44
N ASP A 89 -5.88 1.14 -6.18
CA ASP A 89 -4.68 1.87 -5.77
C ASP A 89 -4.89 3.37 -5.85
N GLN A 90 -5.65 3.80 -6.84
CA GLN A 90 -5.84 5.23 -7.11
C GLN A 90 -6.55 5.96 -5.96
N GLU A 91 -7.50 5.29 -5.32
CA GLU A 91 -8.29 5.93 -4.27
C GLU A 91 -7.46 6.21 -3.02
N PHE A 92 -6.32 5.53 -2.90
CA PHE A 92 -5.46 5.71 -1.74
C PHE A 92 -4.62 6.99 -1.86
N LEU A 93 -4.40 7.43 -3.09
CA LEU A 93 -3.50 8.54 -3.35
C LEU A 93 -4.26 9.86 -3.59
N LYS A 94 -5.51 9.91 -3.13
CA LYS A 94 -6.33 11.11 -3.33
C LYS A 94 -6.50 11.89 -2.04
N VAL A 95 -5.97 11.34 -0.94
CA VAL A 95 -6.28 11.85 0.38
C VAL A 95 -5.19 12.77 0.92
N ASP A 96 -5.41 13.21 2.15
CA ASP A 96 -4.53 14.15 2.84
C ASP A 96 -3.13 13.59 3.07
N GLN A 97 -2.17 14.48 3.31
CA GLN A 97 -0.80 14.08 3.60
C GLN A 97 -0.73 13.35 4.94
N GLY A 98 -1.74 13.57 5.77
CA GLY A 98 -1.85 12.84 7.03
C GLY A 98 -1.92 11.35 6.78
N THR A 99 -2.50 10.98 5.64
CA THR A 99 -2.48 9.60 5.19
C THR A 99 -1.23 9.33 4.36
N LEU A 100 -0.96 10.25 3.43
CA LEU A 100 0.11 10.10 2.44
C LEU A 100 1.48 9.85 3.07
N PHE A 101 1.83 10.65 4.09
CA PHE A 101 3.13 10.55 4.72
C PHE A 101 3.33 9.18 5.38
N GLU A 102 2.50 8.86 6.36
CA GLU A 102 2.61 7.58 7.05
C GLU A 102 2.29 6.40 6.15
N LEU A 103 1.60 6.66 5.05
CA LEU A 103 1.29 5.63 4.07
C LEU A 103 2.56 4.88 3.65
N ILE A 104 3.69 5.59 3.69
CA ILE A 104 4.97 4.98 3.40
C ILE A 104 5.57 4.36 4.65
N LEU A 105 5.54 5.11 5.75
CA LEU A 105 6.20 4.70 6.99
C LEU A 105 5.49 3.54 7.68
N ALA A 106 4.17 3.66 7.84
CA ALA A 106 3.38 2.66 8.52
C ALA A 106 3.38 1.33 7.75
N ALA A 107 3.62 1.41 6.44
CA ALA A 107 3.63 0.24 5.57
C ALA A 107 4.75 -0.73 5.94
N ASN A 108 5.82 -0.18 6.49
CA ASN A 108 7.01 -0.97 6.84
C ASN A 108 6.70 -1.93 8.00
N TYR A 109 5.67 -1.63 8.77
CA TYR A 109 5.33 -2.42 9.95
C TYR A 109 4.60 -3.71 9.60
N LEU A 110 4.04 -3.78 8.40
CA LEU A 110 3.29 -4.97 7.97
C LEU A 110 4.00 -5.70 6.85
N ASP A 111 5.16 -5.18 6.46
CA ASP A 111 5.99 -5.75 5.38
C ASP A 111 5.31 -5.58 4.03
N ILE A 112 4.19 -4.87 4.01
CA ILE A 112 3.52 -4.55 2.77
C ILE A 112 4.27 -3.42 2.07
N LYS A 113 5.35 -3.78 1.41
CA LYS A 113 6.18 -2.83 0.68
C LYS A 113 5.54 -2.45 -0.64
N GLY A 114 4.60 -3.29 -1.09
CA GLY A 114 3.87 -3.00 -2.30
C GLY A 114 3.11 -1.69 -2.19
N LEU A 115 2.52 -1.45 -1.02
CA LEU A 115 1.81 -0.22 -0.74
C LEU A 115 2.78 0.95 -0.66
N LEU A 116 3.93 0.68 -0.05
CA LEU A 116 4.98 1.69 0.11
C LEU A 116 5.43 2.21 -1.25
N ASP A 117 5.70 1.32 -2.19
CA ASP A 117 6.15 1.69 -3.53
C ASP A 117 5.15 2.62 -4.20
N VAL A 118 3.88 2.23 -4.18
CA VAL A 118 2.83 2.98 -4.89
C VAL A 118 2.74 4.42 -4.38
N THR A 119 2.65 4.58 -3.06
CA THR A 119 2.46 5.90 -2.49
C THR A 119 3.72 6.75 -2.62
N CYS A 120 4.89 6.12 -2.57
CA CYS A 120 6.15 6.84 -2.66
C CYS A 120 6.39 7.33 -4.08
N LYS A 121 6.16 6.43 -5.04
CA LYS A 121 6.39 6.75 -6.45
C LYS A 121 5.48 7.88 -6.90
N THR A 122 4.24 7.87 -6.43
CA THR A 122 3.28 8.90 -6.81
C THR A 122 3.75 10.29 -6.39
N VAL A 123 4.26 10.40 -5.16
CA VAL A 123 4.73 11.68 -4.65
C VAL A 123 6.06 12.07 -5.30
N ALA A 124 6.79 11.07 -5.77
CA ALA A 124 8.08 11.31 -6.40
C ALA A 124 7.94 11.77 -7.85
N ASN A 125 6.84 11.39 -8.49
CA ASN A 125 6.63 11.70 -9.90
C ASN A 125 6.34 13.19 -10.12
N MET A 126 5.91 13.89 -9.08
CA MET A 126 5.47 15.27 -9.20
C MET A 126 6.59 16.21 -9.67
N ILE A 127 7.84 15.81 -9.45
CA ILE A 127 8.98 16.65 -9.82
C ILE A 127 9.33 16.54 -11.30
N LYS A 128 9.34 15.30 -11.82
CA LYS A 128 9.72 15.03 -13.20
C LYS A 128 9.05 13.75 -13.68
N GLY A 129 8.98 12.76 -12.78
CA GLY A 129 8.40 11.49 -13.14
C GLY A 129 9.44 10.53 -13.68
N LYS A 130 10.71 10.84 -13.40
CA LYS A 130 11.81 10.04 -13.92
C LYS A 130 12.50 9.25 -12.82
N THR A 131 12.40 9.73 -11.58
CA THR A 131 13.07 9.10 -10.46
C THR A 131 12.09 8.30 -9.60
N PRO A 132 12.59 7.30 -8.85
CA PRO A 132 11.76 6.51 -7.93
C PRO A 132 11.46 7.26 -6.63
N GLU A 133 12.17 8.35 -6.41
CA GLU A 133 12.00 9.16 -5.22
C GLU A 133 12.34 10.61 -5.55
N GLU A 134 11.78 11.55 -4.79
CA GLU A 134 11.99 12.96 -5.05
C GLU A 134 13.46 13.33 -4.82
N ILE A 135 14.03 12.78 -3.75
CA ILE A 135 15.41 13.09 -3.38
C ILE A 135 16.40 12.30 -4.24
N ARG A 136 15.89 11.28 -4.93
CA ARG A 136 16.71 10.44 -5.80
C ARG A 136 17.23 11.24 -6.99
N LYS A 137 16.59 12.37 -7.28
CA LYS A 137 17.01 13.24 -8.37
C LYS A 137 18.45 13.71 -8.14
N THR A 138 18.84 13.81 -6.88
CA THR A 138 20.19 14.23 -6.53
C THR A 138 21.15 13.03 -6.52
N PHE A 139 20.65 11.85 -6.16
CA PHE A 139 21.50 10.67 -6.05
C PHE A 139 21.74 10.03 -7.41
N ASN A 140 20.83 10.28 -8.35
CA ASN A 140 20.96 9.74 -9.69
C ASN A 140 20.12 10.55 -10.67
N ILE A 141 20.81 11.32 -11.51
CA ILE A 141 20.14 12.15 -12.49
C ILE A 141 19.61 11.32 -13.65
N LYS A 142 18.50 11.76 -14.22
CA LYS A 142 17.95 11.15 -15.41
C LYS A 142 18.23 12.05 -16.59
N ASN A 143 18.55 11.46 -17.74
CA ASN A 143 18.75 12.24 -18.95
C ASN A 143 17.42 12.79 -19.45
N ASP A 144 17.12 14.01 -19.02
CA ASP A 144 15.89 14.68 -19.42
C ASP A 144 16.23 15.75 -20.44
N PHE A 145 15.31 16.66 -20.71
CA PHE A 145 15.53 17.68 -21.74
C PHE A 145 16.31 18.87 -21.20
N THR A 146 17.63 18.79 -21.30
CA THR A 146 18.50 19.89 -20.89
C THR A 146 18.74 20.84 -22.06
N GLU A 147 18.20 20.47 -23.21
CA GLU A 147 18.34 21.26 -24.43
C GLU A 147 17.74 22.65 -24.25
N GLU A 148 16.79 22.77 -23.34
CA GLU A 148 16.12 24.04 -23.09
C GLU A 148 16.98 24.95 -22.21
N GLU A 149 18.01 24.38 -21.61
CA GLU A 149 18.91 25.15 -20.77
C GLU A 149 19.98 25.84 -21.63
N GLU A 150 20.84 26.61 -20.98
CA GLU A 150 21.76 27.48 -21.70
C GLU A 150 23.01 26.75 -22.17
N ALA A 151 23.62 25.99 -21.28
CA ALA A 151 24.91 25.38 -21.58
C ALA A 151 24.76 24.05 -22.32
N GLN A 152 23.83 23.21 -21.87
CA GLN A 152 23.63 21.87 -22.40
C GLN A 152 24.86 21.01 -22.16
N VAL A 153 24.79 20.13 -21.17
CA VAL A 153 25.91 19.26 -20.86
C VAL A 153 25.58 17.79 -21.15
N ARG A 154 26.04 17.33 -22.31
CA ARG A 154 25.81 15.94 -22.72
C ARG A 154 26.69 15.55 -23.91
N LYS A 155 27.07 16.55 -24.73
CA LYS A 155 27.79 16.29 -25.98
C LYS A 155 26.95 15.41 -26.91
N GLU A 156 27.61 14.78 -27.87
CA GLU A 156 26.98 13.82 -28.76
C GLU A 156 25.90 14.47 -29.64
N ASN A 157 26.31 15.00 -30.78
CA ASN A 157 25.37 15.50 -31.76
C ASN A 157 25.20 14.47 -32.87
N GLN A 158 23.99 14.39 -33.43
CA GLN A 158 23.63 13.36 -34.43
C GLN A 158 23.46 11.99 -33.76
N TRP A 159 23.57 12.00 -32.42
CA TRP A 159 23.56 10.77 -31.62
C TRP A 159 24.74 9.88 -31.98
N CYS A 160 24.76 8.69 -31.42
CA CYS A 160 25.74 7.68 -31.79
C CYS A 160 25.05 6.57 -32.57
N GLU A 161 23.82 6.85 -33.02
CA GLU A 161 22.98 5.88 -33.70
C GLU A 161 22.68 4.71 -32.76
N GLU A 162 22.20 3.61 -33.32
CA GLU A 162 22.03 2.40 -32.54
C GLU A 162 23.21 1.49 -32.81
N LYS A 163 23.15 0.79 -33.94
CA LYS A 163 24.25 -0.03 -34.46
C LYS A 163 23.84 -0.56 -35.83
N MET A 1 -15.40 -17.37 12.58
CA MET A 1 -14.51 -17.01 11.46
C MET A 1 -13.56 -15.90 11.88
N PRO A 2 -12.27 -16.02 11.53
CA PRO A 2 -11.25 -15.05 11.93
C PRO A 2 -11.38 -13.73 11.21
N SER A 3 -11.31 -12.64 11.96
CA SER A 3 -11.24 -11.31 11.37
C SER A 3 -9.97 -10.61 11.84
N ILE A 4 -9.61 -9.52 11.18
CA ILE A 4 -8.44 -8.76 11.61
C ILE A 4 -8.86 -7.61 12.50
N LYS A 5 -8.47 -7.70 13.75
CA LYS A 5 -8.84 -6.72 14.74
C LYS A 5 -7.59 -6.31 15.51
N LEU A 6 -7.33 -5.02 15.55
CA LEU A 6 -6.18 -4.52 16.26
C LEU A 6 -6.51 -3.22 16.96
N GLN A 7 -5.85 -3.01 18.09
CA GLN A 7 -6.10 -1.86 18.92
C GLN A 7 -5.00 -0.84 18.74
N SER A 8 -5.34 0.30 18.16
CA SER A 8 -4.37 1.34 17.87
C SER A 8 -3.68 1.85 19.15
N SER A 9 -2.70 2.72 18.96
CA SER A 9 -1.82 3.14 20.05
C SER A 9 -2.56 3.83 21.19
N ASP A 10 -3.69 4.49 20.90
CA ASP A 10 -4.43 5.19 21.95
C ASP A 10 -5.56 4.32 22.48
N GLY A 11 -5.69 3.12 21.93
CA GLY A 11 -6.70 2.20 22.41
C GLY A 11 -7.91 2.11 21.51
N GLU A 12 -7.84 2.69 20.32
CA GLU A 12 -8.96 2.63 19.38
C GLU A 12 -8.85 1.37 18.53
N ILE A 13 -9.77 0.43 18.75
CA ILE A 13 -9.72 -0.85 18.07
C ILE A 13 -10.65 -0.85 16.85
N PHE A 14 -10.14 -1.36 15.74
CA PHE A 14 -10.94 -1.55 14.53
C PHE A 14 -10.80 -2.98 14.04
N GLU A 15 -11.87 -3.51 13.44
CA GLU A 15 -11.86 -4.87 12.94
C GLU A 15 -12.47 -4.95 11.54
N VAL A 16 -11.78 -5.67 10.66
CA VAL A 16 -12.22 -5.89 9.29
C VAL A 16 -11.97 -7.36 8.95
N ASP A 17 -12.35 -7.82 7.76
CA ASP A 17 -12.15 -9.22 7.40
C ASP A 17 -10.66 -9.52 7.25
N VAL A 18 -10.28 -10.75 7.59
CA VAL A 18 -8.87 -11.14 7.68
C VAL A 18 -8.24 -11.34 6.30
N GLU A 19 -9.06 -11.45 5.27
CA GLU A 19 -8.55 -11.72 3.92
C GLU A 19 -7.74 -10.54 3.41
N ILE A 20 -8.13 -9.34 3.79
CA ILE A 20 -7.39 -8.14 3.44
C ILE A 20 -6.08 -8.07 4.23
N ALA A 21 -6.11 -8.57 5.46
CA ALA A 21 -4.94 -8.59 6.34
C ALA A 21 -3.92 -9.63 5.88
N LYS A 22 -4.32 -10.43 4.91
CA LYS A 22 -3.45 -11.43 4.31
C LYS A 22 -2.31 -10.76 3.54
N GLN A 23 -2.46 -9.46 3.32
CA GLN A 23 -1.46 -8.68 2.61
C GLN A 23 -0.39 -8.16 3.57
N SER A 24 -0.70 -8.20 4.87
CA SER A 24 0.22 -7.72 5.89
C SER A 24 0.93 -8.90 6.56
N VAL A 25 2.24 -8.81 6.66
CA VAL A 25 3.05 -9.93 7.13
C VAL A 25 3.11 -9.97 8.66
N THR A 26 3.40 -8.82 9.27
CA THR A 26 3.53 -8.73 10.72
C THR A 26 2.23 -9.13 11.43
N ILE A 27 1.11 -9.01 10.72
CA ILE A 27 -0.19 -9.36 11.27
C ILE A 27 -0.28 -10.86 11.57
N LYS A 28 0.30 -11.68 10.69
CA LYS A 28 0.31 -13.12 10.92
C LYS A 28 1.08 -13.44 12.20
N THR A 29 2.25 -12.84 12.35
CA THR A 29 3.06 -13.03 13.55
C THR A 29 2.29 -12.60 14.79
N MET A 30 1.56 -11.50 14.67
CA MET A 30 0.75 -10.99 15.76
C MET A 30 -0.31 -12.01 16.20
N LEU A 31 -1.04 -12.54 15.22
CA LEU A 31 -2.11 -13.49 15.49
C LEU A 31 -1.55 -14.85 15.89
N GLU A 32 -0.42 -15.20 15.30
CA GLU A 32 0.23 -16.47 15.57
C GLU A 32 0.73 -16.52 17.00
N ASP A 33 1.54 -15.52 17.35
CA ASP A 33 2.24 -15.50 18.63
C ASP A 33 1.37 -14.95 19.75
N LEU A 34 0.74 -13.80 19.51
CA LEU A 34 0.07 -13.04 20.57
C LEU A 34 -1.43 -13.28 20.60
N GLY A 35 -1.99 -13.85 19.54
CA GLY A 35 -3.43 -13.92 19.45
C GLY A 35 -3.97 -15.30 19.18
N MET A 36 -5.20 -15.33 18.69
CA MET A 36 -5.92 -16.56 18.39
C MET A 36 -7.00 -16.29 17.37
N ASP A 37 -8.01 -15.54 17.82
CA ASP A 37 -9.14 -15.11 17.01
C ASP A 37 -9.83 -16.26 16.29
N ASP A 38 -10.91 -16.74 16.88
CA ASP A 38 -11.79 -17.69 16.23
C ASP A 38 -13.08 -17.00 15.82
N GLU A 39 -13.30 -15.84 16.43
CA GLU A 39 -14.59 -15.16 16.33
C GLU A 39 -14.55 -13.93 15.41
N GLY A 40 -13.42 -13.28 15.33
CA GLY A 40 -13.33 -12.05 14.58
C GLY A 40 -13.21 -10.84 15.49
N ASP A 41 -13.71 -10.99 16.71
CA ASP A 41 -13.50 -10.00 17.76
C ASP A 41 -12.41 -10.49 18.70
N ASP A 42 -12.75 -11.48 19.53
CA ASP A 42 -11.76 -12.23 20.30
C ASP A 42 -10.84 -11.28 21.09
N ASP A 43 -9.57 -11.62 21.21
CA ASP A 43 -8.59 -10.74 21.85
C ASP A 43 -8.02 -9.75 20.84
N PRO A 44 -8.34 -8.45 20.98
CA PRO A 44 -7.79 -7.41 20.12
C PRO A 44 -6.40 -6.98 20.58
N VAL A 45 -5.39 -7.29 19.77
CA VAL A 45 -4.01 -7.01 20.12
C VAL A 45 -3.69 -5.53 19.97
N PRO A 46 -3.23 -4.89 21.04
CA PRO A 46 -2.81 -3.48 21.02
C PRO A 46 -1.53 -3.27 20.21
N LEU A 47 -1.55 -2.28 19.33
CA LEU A 47 -0.42 -1.95 18.50
C LEU A 47 0.04 -0.52 18.78
N PRO A 48 1.10 -0.38 19.60
CA PRO A 48 1.63 0.95 19.98
C PRO A 48 2.44 1.60 18.86
N ASN A 49 1.89 1.60 17.66
CA ASN A 49 2.58 2.15 16.50
C ASN A 49 1.77 3.26 15.82
N VAL A 50 0.48 3.01 15.64
CA VAL A 50 -0.35 3.91 14.85
C VAL A 50 -1.73 4.14 15.51
N ASN A 51 -2.30 5.31 15.25
CA ASN A 51 -3.66 5.62 15.70
C ASN A 51 -4.68 5.10 14.68
N ALA A 52 -5.92 4.92 15.13
CA ALA A 52 -6.96 4.29 14.31
C ALA A 52 -7.29 5.10 13.07
N ALA A 53 -7.20 6.41 13.18
CA ALA A 53 -7.49 7.31 12.07
C ALA A 53 -6.63 6.97 10.86
N ILE A 54 -5.34 6.81 11.08
CA ILE A 54 -4.42 6.44 10.01
C ILE A 54 -4.57 4.97 9.66
N LEU A 55 -4.78 4.16 10.70
CA LEU A 55 -4.85 2.71 10.56
C LEU A 55 -5.92 2.26 9.57
N LYS A 56 -7.12 2.83 9.67
CA LYS A 56 -8.23 2.38 8.84
C LYS A 56 -7.97 2.62 7.36
N LYS A 57 -7.16 3.63 7.04
CA LYS A 57 -6.81 3.90 5.65
C LYS A 57 -5.97 2.76 5.09
N VAL A 58 -4.99 2.32 5.87
CA VAL A 58 -4.08 1.28 5.45
C VAL A 58 -4.82 -0.05 5.27
N ILE A 59 -5.80 -0.30 6.12
CA ILE A 59 -6.49 -1.59 6.11
C ILE A 59 -7.57 -1.63 5.04
N GLN A 60 -8.16 -0.47 4.71
CA GLN A 60 -9.19 -0.42 3.66
C GLN A 60 -8.55 -0.58 2.29
N TRP A 61 -7.27 -0.26 2.19
CA TRP A 61 -6.53 -0.48 0.95
C TRP A 61 -6.42 -1.97 0.71
N CYS A 62 -6.00 -2.69 1.75
CA CYS A 62 -5.86 -4.13 1.70
C CYS A 62 -7.20 -4.75 1.32
N THR A 63 -8.28 -4.14 1.82
CA THR A 63 -9.65 -4.57 1.53
C THR A 63 -9.87 -4.83 0.04
N HIS A 64 -9.72 -3.80 -0.78
CA HIS A 64 -10.02 -3.95 -2.19
C HIS A 64 -8.83 -4.43 -3.01
N HIS A 65 -7.63 -4.35 -2.45
CA HIS A 65 -6.45 -4.78 -3.20
C HIS A 65 -6.38 -6.31 -3.31
N LYS A 66 -6.99 -7.02 -2.36
CA LYS A 66 -7.14 -8.46 -2.49
C LYS A 66 -8.43 -8.79 -3.24
N ASP A 67 -9.17 -7.75 -3.59
CA ASP A 67 -10.51 -7.90 -4.13
C ASP A 67 -10.58 -7.39 -5.57
N ASP A 68 -9.42 -7.36 -6.23
CA ASP A 68 -9.34 -6.89 -7.60
C ASP A 68 -9.91 -7.92 -8.58
N PRO A 69 -10.78 -7.47 -9.49
CA PRO A 69 -11.44 -8.32 -10.47
C PRO A 69 -10.65 -8.42 -11.78
N PRO A 70 -11.22 -9.08 -12.82
CA PRO A 70 -10.62 -9.13 -14.17
C PRO A 70 -10.16 -7.75 -14.66
N PRO A 71 -8.89 -7.66 -15.08
CA PRO A 71 -8.29 -6.42 -15.58
C PRO A 71 -8.73 -6.09 -17.01
N PRO A 72 -8.21 -4.99 -17.61
CA PRO A 72 -8.62 -4.52 -18.95
C PRO A 72 -8.60 -5.60 -20.04
N GLU A 73 -7.42 -5.92 -20.55
CA GLU A 73 -7.33 -6.83 -21.69
C GLU A 73 -5.96 -7.49 -21.85
N ASP A 74 -5.12 -6.94 -22.73
CA ASP A 74 -3.90 -7.62 -23.17
C ASP A 74 -2.82 -7.63 -22.09
N ASP A 75 -2.11 -6.52 -21.92
CA ASP A 75 -0.98 -6.49 -21.00
C ASP A 75 -1.30 -5.64 -19.79
N GLU A 76 -2.09 -6.19 -18.91
CA GLU A 76 -2.36 -5.58 -17.63
C GLU A 76 -1.35 -6.09 -16.61
N ASN A 77 -0.95 -7.36 -16.81
CA ASN A 77 0.05 -8.08 -16.00
C ASN A 77 -0.21 -7.98 -14.50
N LYS A 78 -1.45 -7.63 -14.14
CA LYS A 78 -1.88 -7.55 -12.74
C LYS A 78 -0.94 -6.68 -11.90
N GLU A 79 0.05 -7.31 -11.27
CA GLU A 79 0.92 -6.62 -10.33
C GLU A 79 2.40 -6.81 -10.70
N LYS A 80 2.66 -7.24 -11.94
CA LYS A 80 4.05 -7.40 -12.40
C LYS A 80 4.76 -6.06 -12.46
N ARG A 81 4.23 -5.14 -13.25
CA ARG A 81 4.81 -3.83 -13.40
C ARG A 81 3.89 -2.75 -12.85
N THR A 82 2.71 -3.16 -12.39
CA THR A 82 1.72 -2.24 -11.87
C THR A 82 1.25 -1.29 -12.98
N ASP A 83 1.19 -1.81 -14.20
CA ASP A 83 0.83 -1.01 -15.37
C ASP A 83 -0.60 -0.49 -15.27
N ASP A 84 -1.52 -1.36 -14.93
CA ASP A 84 -2.92 -0.96 -14.81
C ASP A 84 -3.47 -1.36 -13.45
N ILE A 85 -3.83 -0.35 -12.67
CA ILE A 85 -4.47 -0.59 -11.38
C ILE A 85 -5.88 -0.03 -11.39
N PRO A 86 -6.82 -0.73 -10.75
CA PRO A 86 -8.22 -0.31 -10.71
C PRO A 86 -8.44 0.88 -9.78
N VAL A 87 -9.69 1.34 -9.72
CA VAL A 87 -10.04 2.50 -8.90
C VAL A 87 -9.80 2.26 -7.42
N TRP A 88 -9.68 1.00 -7.01
CA TRP A 88 -9.44 0.64 -5.61
C TRP A 88 -8.25 1.41 -5.05
N ASP A 89 -7.09 1.20 -5.67
CA ASP A 89 -5.86 1.87 -5.26
C ASP A 89 -5.89 3.33 -5.70
N GLN A 90 -6.58 3.58 -6.80
CA GLN A 90 -6.59 4.91 -7.42
C GLN A 90 -7.24 5.95 -6.51
N GLU A 91 -8.47 5.70 -6.07
CA GLU A 91 -9.19 6.66 -5.24
C GLU A 91 -8.64 6.66 -3.81
N PHE A 92 -8.00 5.55 -3.44
CA PHE A 92 -7.39 5.41 -2.13
C PHE A 92 -6.22 6.37 -1.97
N LEU A 93 -5.41 6.51 -3.02
CA LEU A 93 -4.19 7.29 -2.95
C LEU A 93 -4.49 8.79 -2.82
N LYS A 94 -5.70 9.18 -3.18
CA LYS A 94 -6.09 10.58 -3.08
C LYS A 94 -6.47 10.94 -1.66
N VAL A 95 -5.46 11.23 -0.85
CA VAL A 95 -5.66 11.68 0.51
C VAL A 95 -4.78 12.88 0.81
N ASP A 96 -5.06 13.55 1.91
CA ASP A 96 -4.23 14.67 2.35
C ASP A 96 -2.87 14.15 2.81
N GLN A 97 -1.84 14.99 2.69
CA GLN A 97 -0.48 14.58 3.05
C GLN A 97 -0.39 14.13 4.52
N GLY A 98 -1.34 14.57 5.34
CA GLY A 98 -1.39 14.12 6.72
C GLY A 98 -1.48 12.61 6.83
N THR A 99 -2.30 12.01 5.98
CA THR A 99 -2.39 10.56 5.90
C THR A 99 -1.38 10.02 4.88
N LEU A 100 -1.15 10.79 3.82
CA LEU A 100 -0.31 10.36 2.70
C LEU A 100 1.11 10.03 3.15
N PHE A 101 1.66 10.83 4.04
CA PHE A 101 3.02 10.61 4.52
C PHE A 101 3.11 9.29 5.30
N GLU A 102 2.30 9.17 6.36
CA GLU A 102 2.26 7.94 7.16
C GLU A 102 1.76 6.76 6.36
N LEU A 103 1.07 7.01 5.26
CA LEU A 103 0.60 5.96 4.37
C LEU A 103 1.76 5.01 4.02
N ILE A 104 2.95 5.57 3.89
CA ILE A 104 4.14 4.78 3.63
C ILE A 104 4.74 4.31 4.96
N LEU A 105 4.85 5.23 5.90
CA LEU A 105 5.48 5.00 7.19
C LEU A 105 4.79 3.86 7.95
N ALA A 106 3.46 3.92 8.02
CA ALA A 106 2.68 2.96 8.78
C ALA A 106 2.71 1.58 8.15
N ALA A 107 2.62 1.53 6.81
CA ALA A 107 2.56 0.27 6.07
C ALA A 107 3.85 -0.53 6.23
N ASN A 108 4.94 0.18 6.46
CA ASN A 108 6.24 -0.44 6.62
C ASN A 108 6.30 -1.32 7.88
N TYR A 109 5.49 -0.98 8.87
CA TYR A 109 5.50 -1.72 10.14
C TYR A 109 4.77 -3.05 10.02
N LEU A 110 3.78 -3.12 9.13
CA LEU A 110 3.04 -4.36 8.91
C LEU A 110 3.70 -5.18 7.83
N ASP A 111 4.81 -4.66 7.30
CA ASP A 111 5.51 -5.26 6.18
C ASP A 111 4.59 -5.37 4.98
N ILE A 112 3.98 -4.24 4.63
CA ILE A 112 3.24 -4.13 3.39
C ILE A 112 3.99 -3.19 2.44
N LYS A 113 4.98 -3.72 1.76
CA LYS A 113 5.76 -2.95 0.82
C LYS A 113 4.92 -2.56 -0.37
N GLY A 114 3.93 -3.40 -0.68
CA GLY A 114 3.05 -3.15 -1.82
C GLY A 114 2.40 -1.78 -1.79
N LEU A 115 1.97 -1.35 -0.61
CA LEU A 115 1.34 -0.04 -0.47
C LEU A 115 2.37 1.05 -0.71
N LEU A 116 3.58 0.83 -0.20
CA LEU A 116 4.69 1.75 -0.36
C LEU A 116 4.93 2.05 -1.84
N ASP A 117 5.08 1.01 -2.65
CA ASP A 117 5.37 1.16 -4.07
C ASP A 117 4.27 1.95 -4.77
N VAL A 118 3.02 1.62 -4.45
CA VAL A 118 1.87 2.27 -5.09
C VAL A 118 1.92 3.78 -4.91
N THR A 119 2.02 4.24 -3.66
CA THR A 119 1.99 5.67 -3.38
C THR A 119 3.32 6.34 -3.79
N CYS A 120 4.42 5.60 -3.67
CA CYS A 120 5.72 6.16 -4.00
C CYS A 120 5.82 6.43 -5.50
N LYS A 121 5.42 5.47 -6.31
CA LYS A 121 5.50 5.59 -7.75
C LYS A 121 4.38 6.47 -8.32
N THR A 122 3.64 7.13 -7.45
CA THR A 122 2.64 8.09 -7.89
C THR A 122 3.01 9.49 -7.41
N VAL A 123 3.27 9.62 -6.12
CA VAL A 123 3.59 10.92 -5.54
C VAL A 123 5.01 11.35 -5.91
N ALA A 124 5.97 10.43 -5.78
CA ALA A 124 7.36 10.71 -6.06
C ALA A 124 7.67 10.63 -7.55
N ASN A 125 6.74 10.08 -8.31
CA ASN A 125 6.94 9.86 -9.73
C ASN A 125 6.95 11.16 -10.52
N MET A 126 6.33 12.21 -9.96
CA MET A 126 6.21 13.49 -10.66
C MET A 126 7.57 14.14 -10.90
N ILE A 127 8.51 13.93 -9.96
CA ILE A 127 9.85 14.44 -10.13
C ILE A 127 10.69 13.50 -11.00
N LYS A 128 10.96 12.29 -10.51
CA LYS A 128 11.71 11.30 -11.27
C LYS A 128 11.25 9.88 -10.95
N GLY A 129 10.51 9.72 -9.86
CA GLY A 129 9.93 8.44 -9.56
C GLY A 129 10.65 7.66 -8.47
N LYS A 130 11.83 8.13 -8.07
CA LYS A 130 12.61 7.41 -7.05
C LYS A 130 13.03 8.32 -5.91
N THR A 131 12.42 9.48 -5.83
CA THR A 131 12.68 10.39 -4.73
C THR A 131 11.41 11.16 -4.37
N PRO A 132 10.97 11.08 -3.11
CA PRO A 132 9.74 11.72 -2.65
C PRO A 132 9.92 13.20 -2.34
N GLU A 133 11.16 13.68 -2.45
CA GLU A 133 11.46 15.06 -2.13
C GLU A 133 12.59 15.58 -3.01
N GLU A 134 12.71 16.91 -3.07
CA GLU A 134 13.68 17.56 -3.94
C GLU A 134 15.09 17.52 -3.34
N ILE A 135 15.17 17.51 -2.02
CA ILE A 135 16.47 17.56 -1.35
C ILE A 135 17.04 16.16 -1.12
N ARG A 136 16.26 15.13 -1.42
CA ARG A 136 16.72 13.77 -1.24
C ARG A 136 17.55 13.31 -2.45
N LYS A 137 17.30 13.93 -3.60
CA LYS A 137 17.94 13.53 -4.85
C LYS A 137 19.38 13.99 -4.91
N THR A 138 19.80 14.81 -3.95
CA THR A 138 21.14 15.40 -3.93
C THR A 138 22.27 14.37 -4.07
N PHE A 139 21.99 13.09 -3.80
CA PHE A 139 23.00 12.05 -3.97
C PHE A 139 23.21 11.78 -5.46
N ASN A 140 22.34 12.39 -6.27
CA ASN A 140 22.41 12.38 -7.73
C ASN A 140 21.98 11.03 -8.31
N ILE A 141 22.29 9.97 -7.61
CA ILE A 141 21.90 8.63 -8.05
C ILE A 141 21.12 7.91 -6.96
N LYS A 142 19.92 7.50 -7.31
CA LYS A 142 19.08 6.74 -6.40
C LYS A 142 18.77 5.37 -7.00
N ASN A 143 19.46 4.36 -6.49
CA ASN A 143 19.20 2.98 -6.88
C ASN A 143 19.39 2.06 -5.69
N ASP A 144 18.40 1.22 -5.43
CA ASP A 144 18.42 0.38 -4.25
C ASP A 144 18.52 -1.09 -4.64
N PHE A 145 19.27 -1.85 -3.87
CA PHE A 145 19.42 -3.28 -4.13
C PHE A 145 18.30 -4.06 -3.44
N THR A 146 17.17 -4.13 -4.11
CA THR A 146 16.01 -4.82 -3.60
C THR A 146 15.10 -5.23 -4.77
N GLU A 147 15.72 -5.40 -5.92
CA GLU A 147 15.01 -5.63 -7.18
C GLU A 147 14.70 -7.12 -7.38
N GLU A 148 14.87 -7.91 -6.32
CA GLU A 148 14.57 -9.34 -6.36
C GLU A 148 13.09 -9.56 -6.65
N GLU A 149 12.24 -9.00 -5.81
CA GLU A 149 10.80 -9.01 -6.06
C GLU A 149 10.15 -7.83 -5.33
N GLU A 150 9.81 -6.80 -6.08
CA GLU A 150 9.34 -5.55 -5.51
C GLU A 150 7.86 -5.65 -5.13
N ALA A 151 7.01 -5.85 -6.12
CA ALA A 151 5.57 -5.95 -5.89
C ALA A 151 5.15 -7.38 -5.59
N GLN A 152 6.02 -8.32 -5.95
CA GLN A 152 5.70 -9.76 -5.90
C GLN A 152 4.63 -10.09 -6.94
N VAL A 153 4.28 -11.37 -7.01
CA VAL A 153 3.20 -11.83 -7.87
C VAL A 153 2.70 -13.19 -7.39
N ARG A 154 1.55 -13.19 -6.73
CA ARG A 154 1.02 -14.42 -6.17
C ARG A 154 -0.46 -14.31 -5.81
N LYS A 155 -0.86 -13.18 -5.23
CA LYS A 155 -2.16 -13.06 -4.58
C LYS A 155 -2.31 -14.18 -3.54
N GLU A 156 -2.92 -15.28 -3.95
CA GLU A 156 -2.96 -16.49 -3.15
C GLU A 156 -2.44 -17.65 -3.97
N ASN A 157 -2.95 -17.78 -5.20
CA ASN A 157 -2.49 -18.79 -6.14
C ASN A 157 -3.09 -18.48 -7.52
N GLN A 158 -2.74 -19.27 -8.53
CA GLN A 158 -3.22 -19.03 -9.89
C GLN A 158 -4.75 -19.01 -9.95
N TRP A 159 -5.37 -20.01 -9.32
CA TRP A 159 -6.81 -20.10 -9.30
C TRP A 159 -7.41 -19.16 -8.27
N CYS A 160 -7.66 -17.93 -8.69
CA CYS A 160 -8.38 -16.98 -7.86
C CYS A 160 -9.81 -16.83 -8.37
N GLU A 161 -10.09 -17.53 -9.48
CA GLU A 161 -11.40 -17.49 -10.13
C GLU A 161 -11.66 -16.10 -10.70
N GLU A 162 -11.34 -15.92 -11.98
CA GLU A 162 -11.54 -14.64 -12.65
C GLU A 162 -13.01 -14.25 -12.67
N LYS A 163 -13.84 -15.19 -13.10
CA LYS A 163 -15.28 -14.98 -13.13
C LYS A 163 -15.98 -16.33 -13.30
N MET A 1 -11.68 -16.58 10.02
CA MET A 1 -12.37 -15.91 8.89
C MET A 1 -13.20 -14.70 9.35
N PRO A 2 -14.03 -14.82 10.42
CA PRO A 2 -14.92 -13.74 10.88
C PRO A 2 -14.28 -12.35 10.85
N SER A 3 -13.38 -12.06 11.79
CA SER A 3 -12.71 -10.76 11.80
C SER A 3 -11.37 -10.83 12.52
N ILE A 4 -10.55 -9.81 12.29
CA ILE A 4 -9.29 -9.66 13.00
C ILE A 4 -9.39 -8.47 13.95
N LYS A 5 -8.79 -8.62 15.12
CA LYS A 5 -8.87 -7.60 16.17
C LYS A 5 -7.51 -6.95 16.40
N LEU A 6 -7.49 -5.63 16.39
CA LEU A 6 -6.26 -4.89 16.65
C LEU A 6 -6.58 -3.53 17.25
N GLN A 7 -5.73 -3.07 18.15
CA GLN A 7 -5.94 -1.81 18.85
C GLN A 7 -4.78 -0.86 18.59
N SER A 8 -5.08 0.32 18.07
CA SER A 8 -4.06 1.29 17.71
C SER A 8 -3.36 1.86 18.94
N SER A 9 -2.26 2.58 18.72
CA SER A 9 -1.51 3.21 19.80
C SER A 9 -2.34 4.33 20.45
N ASP A 10 -3.45 4.67 19.82
CA ASP A 10 -4.33 5.72 20.32
C ASP A 10 -5.27 5.17 21.40
N GLY A 11 -5.35 3.85 21.48
CA GLY A 11 -6.30 3.22 22.36
C GLY A 11 -7.59 2.87 21.64
N GLU A 12 -7.61 3.16 20.34
CA GLU A 12 -8.76 2.86 19.50
C GLU A 12 -8.72 1.41 19.04
N ILE A 13 -9.80 0.68 19.27
CA ILE A 13 -9.89 -0.69 18.85
C ILE A 13 -10.57 -0.76 17.49
N PHE A 14 -9.94 -1.43 16.54
CA PHE A 14 -10.50 -1.57 15.21
C PHE A 14 -10.73 -3.04 14.88
N GLU A 15 -11.82 -3.30 14.18
CA GLU A 15 -12.14 -4.65 13.77
C GLU A 15 -12.63 -4.68 12.32
N VAL A 16 -12.17 -5.68 11.60
CA VAL A 16 -12.55 -5.90 10.23
C VAL A 16 -12.29 -7.35 9.90
N ASP A 17 -12.85 -7.89 8.82
CA ASP A 17 -12.65 -9.31 8.50
C ASP A 17 -11.17 -9.58 8.27
N VAL A 18 -10.73 -10.74 8.76
CA VAL A 18 -9.30 -11.06 8.83
C VAL A 18 -8.70 -11.29 7.44
N GLU A 19 -9.54 -11.65 6.48
CA GLU A 19 -9.07 -12.02 5.15
C GLU A 19 -8.33 -10.86 4.48
N ILE A 20 -8.74 -9.63 4.77
CA ILE A 20 -8.10 -8.48 4.17
C ILE A 20 -6.75 -8.20 4.81
N ALA A 21 -6.68 -8.27 6.14
CA ALA A 21 -5.47 -7.91 6.87
C ALA A 21 -4.43 -9.00 6.76
N LYS A 22 -4.89 -10.20 6.42
CA LYS A 22 -4.05 -11.39 6.30
C LYS A 22 -2.90 -11.18 5.31
N GLN A 23 -3.03 -10.17 4.47
CA GLN A 23 -2.03 -9.89 3.45
C GLN A 23 -0.79 -9.26 4.07
N SER A 24 -0.98 -8.51 5.15
CA SER A 24 0.12 -7.92 5.88
C SER A 24 1.05 -9.00 6.42
N VAL A 25 2.35 -8.74 6.35
CA VAL A 25 3.35 -9.72 6.78
C VAL A 25 3.51 -9.68 8.30
N THR A 26 3.66 -8.49 8.83
CA THR A 26 3.88 -8.30 10.27
C THR A 26 2.73 -8.88 11.09
N ILE A 27 1.49 -8.56 10.71
CA ILE A 27 0.34 -9.03 11.47
C ILE A 27 0.14 -10.53 11.29
N LYS A 28 0.65 -11.06 10.18
CA LYS A 28 0.56 -12.49 9.90
C LYS A 28 1.32 -13.29 10.94
N THR A 29 2.41 -12.70 11.43
CA THR A 29 3.22 -13.33 12.46
C THR A 29 2.48 -13.32 13.80
N MET A 30 2.06 -12.12 14.23
CA MET A 30 1.38 -11.98 15.52
C MET A 30 0.03 -12.69 15.51
N LEU A 31 -0.53 -12.91 14.32
CA LEU A 31 -1.77 -13.65 14.16
C LEU A 31 -1.65 -15.05 14.75
N GLU A 32 -0.44 -15.61 14.71
CA GLU A 32 -0.19 -16.93 15.25
C GLU A 32 -0.02 -16.87 16.77
N ASP A 33 0.37 -15.70 17.27
CA ASP A 33 0.60 -15.52 18.70
C ASP A 33 -0.72 -15.26 19.44
N LEU A 34 -1.29 -14.09 19.20
CA LEU A 34 -2.52 -13.68 19.90
C LEU A 34 -3.64 -13.40 18.90
N GLY A 35 -3.41 -13.74 17.65
CA GLY A 35 -4.42 -13.53 16.64
C GLY A 35 -5.52 -14.58 16.71
N MET A 36 -5.15 -15.82 16.37
CA MET A 36 -6.02 -17.01 16.44
C MET A 36 -7.18 -16.96 15.43
N ASP A 37 -7.83 -15.79 15.31
CA ASP A 37 -8.92 -15.59 14.34
C ASP A 37 -10.04 -16.60 14.60
N ASP A 38 -10.69 -16.47 15.75
CA ASP A 38 -11.73 -17.43 16.12
C ASP A 38 -13.11 -16.77 16.12
N GLU A 39 -13.28 -15.71 16.90
CA GLU A 39 -14.58 -15.04 16.99
C GLU A 39 -14.65 -13.79 16.12
N GLY A 40 -13.52 -13.13 15.97
CA GLY A 40 -13.45 -11.96 15.12
C GLY A 40 -13.43 -10.66 15.90
N ASP A 41 -14.03 -10.65 17.08
CA ASP A 41 -13.90 -9.51 17.98
C ASP A 41 -12.81 -9.83 18.99
N ASP A 42 -12.94 -11.03 19.58
CA ASP A 42 -11.83 -11.69 20.26
C ASP A 42 -11.19 -10.80 21.32
N ASP A 43 -9.92 -11.04 21.62
CA ASP A 43 -9.14 -10.15 22.47
C ASP A 43 -8.29 -9.23 21.61
N PRO A 44 -8.57 -7.92 21.62
CA PRO A 44 -7.89 -6.96 20.76
C PRO A 44 -6.39 -6.88 21.03
N VAL A 45 -5.59 -7.08 20.00
CA VAL A 45 -4.14 -7.03 20.12
C VAL A 45 -3.66 -5.59 20.03
N PRO A 46 -3.04 -5.09 21.11
CA PRO A 46 -2.54 -3.72 21.17
C PRO A 46 -1.31 -3.51 20.29
N LEU A 47 -1.39 -2.52 19.41
CA LEU A 47 -0.28 -2.16 18.55
C LEU A 47 0.15 -0.72 18.82
N PRO A 48 1.07 -0.52 19.76
CA PRO A 48 1.54 0.81 20.18
C PRO A 48 2.53 1.41 19.17
N ASN A 49 2.21 1.28 17.89
CA ASN A 49 3.09 1.72 16.83
C ASN A 49 2.43 2.81 15.97
N VAL A 50 1.21 2.55 15.53
CA VAL A 50 0.45 3.53 14.75
C VAL A 50 -0.89 3.82 15.42
N ASN A 51 -1.31 5.08 15.35
CA ASN A 51 -2.57 5.49 15.97
C ASN A 51 -3.75 5.24 15.02
N ALA A 52 -4.92 5.76 15.39
CA ALA A 52 -6.17 5.38 14.74
C ALA A 52 -6.27 5.86 13.30
N ALA A 53 -5.68 7.01 13.02
CA ALA A 53 -5.87 7.70 11.74
C ALA A 53 -5.44 6.85 10.55
N ILE A 54 -4.18 6.43 10.54
CA ILE A 54 -3.62 5.77 9.38
C ILE A 54 -3.93 4.28 9.35
N LEU A 55 -4.00 3.65 10.53
CA LEU A 55 -4.15 2.21 10.62
C LEU A 55 -5.38 1.71 9.85
N LYS A 56 -6.53 2.34 10.09
CA LYS A 56 -7.77 1.93 9.44
C LYS A 56 -7.72 2.22 7.94
N LYS A 57 -6.96 3.24 7.56
CA LYS A 57 -6.84 3.65 6.16
C LYS A 57 -6.00 2.64 5.40
N VAL A 58 -5.11 1.96 6.12
CA VAL A 58 -4.26 0.95 5.52
C VAL A 58 -4.98 -0.39 5.43
N ILE A 59 -5.85 -0.67 6.39
CA ILE A 59 -6.53 -1.95 6.41
C ILE A 59 -7.65 -1.99 5.35
N GLN A 60 -8.20 -0.82 5.03
CA GLN A 60 -9.18 -0.74 3.95
C GLN A 60 -8.50 -0.89 2.59
N TRP A 61 -7.20 -0.62 2.53
CA TRP A 61 -6.41 -0.93 1.35
C TRP A 61 -6.35 -2.42 1.16
N CYS A 62 -6.15 -3.13 2.27
CA CYS A 62 -6.03 -4.57 2.26
C CYS A 62 -7.30 -5.23 1.69
N THR A 63 -8.45 -4.76 2.15
CA THR A 63 -9.74 -5.30 1.68
C THR A 63 -9.88 -5.19 0.17
N HIS A 64 -9.33 -4.13 -0.41
CA HIS A 64 -9.46 -3.91 -1.84
C HIS A 64 -8.48 -4.77 -2.61
N HIS A 65 -7.47 -5.29 -1.92
CA HIS A 65 -6.53 -6.19 -2.57
C HIS A 65 -6.90 -7.65 -2.30
N LYS A 66 -7.67 -7.92 -1.25
CA LYS A 66 -8.12 -9.29 -0.99
C LYS A 66 -9.28 -9.64 -1.90
N ASP A 67 -9.94 -8.60 -2.42
CA ASP A 67 -11.00 -8.77 -3.40
C ASP A 67 -10.36 -8.86 -4.79
N ASP A 68 -9.09 -9.28 -4.77
CA ASP A 68 -8.25 -9.49 -5.94
C ASP A 68 -9.05 -9.82 -7.20
N PRO A 69 -9.02 -8.91 -8.18
CA PRO A 69 -9.83 -9.01 -9.40
C PRO A 69 -9.35 -10.11 -10.34
N PRO A 70 -10.27 -10.68 -11.13
CA PRO A 70 -9.94 -11.66 -12.15
C PRO A 70 -9.10 -11.04 -13.28
N PRO A 71 -8.32 -11.86 -13.99
CA PRO A 71 -7.46 -11.42 -15.10
C PRO A 71 -8.19 -10.48 -16.07
N PRO A 72 -7.75 -9.22 -16.14
CA PRO A 72 -8.43 -8.18 -16.93
C PRO A 72 -8.41 -8.46 -18.43
N GLU A 73 -7.35 -9.10 -18.91
CA GLU A 73 -7.20 -9.33 -20.34
C GLU A 73 -6.22 -10.47 -20.65
N ASP A 74 -4.93 -10.24 -20.42
CA ASP A 74 -3.90 -11.16 -20.89
C ASP A 74 -3.51 -12.16 -19.79
N ASP A 75 -3.73 -11.78 -18.54
CA ASP A 75 -3.43 -12.61 -17.36
C ASP A 75 -1.93 -12.61 -17.04
N GLU A 76 -1.19 -11.70 -17.66
CA GLU A 76 0.19 -11.43 -17.21
C GLU A 76 0.15 -11.02 -15.75
N ASN A 77 -0.89 -10.29 -15.41
CA ASN A 77 -1.15 -9.88 -14.04
C ASN A 77 -2.63 -9.54 -13.91
N LYS A 78 -3.00 -8.90 -12.82
CA LYS A 78 -4.39 -8.55 -12.58
C LYS A 78 -4.54 -7.04 -12.49
N GLU A 79 -3.43 -6.37 -12.76
CA GLU A 79 -3.39 -4.92 -12.79
C GLU A 79 -3.06 -4.47 -14.22
N LYS A 80 -2.11 -3.55 -14.35
CA LYS A 80 -1.60 -3.17 -15.65
C LYS A 80 -0.08 -3.22 -15.63
N ARG A 81 0.52 -2.08 -15.29
CA ARG A 81 1.98 -1.98 -15.21
C ARG A 81 2.32 -1.02 -14.08
N THR A 82 3.59 -0.74 -13.89
CA THR A 82 4.04 0.22 -12.88
C THR A 82 3.95 1.65 -13.41
N ASP A 83 2.92 1.91 -14.22
CA ASP A 83 2.71 3.22 -14.82
C ASP A 83 1.25 3.64 -14.65
N ASP A 84 0.35 2.79 -15.13
CA ASP A 84 -1.08 3.03 -15.03
C ASP A 84 -1.62 2.49 -13.72
N ILE A 85 -2.56 3.21 -13.13
CA ILE A 85 -3.05 2.89 -11.79
C ILE A 85 -4.27 1.98 -11.82
N PRO A 86 -4.24 0.91 -11.01
CA PRO A 86 -5.40 0.04 -10.78
C PRO A 86 -6.48 0.72 -9.95
N VAL A 87 -7.58 0.01 -9.68
CA VAL A 87 -8.75 0.60 -9.05
C VAL A 87 -8.55 0.97 -7.58
N TRP A 88 -7.80 0.14 -6.84
CA TRP A 88 -7.63 0.38 -5.41
C TRP A 88 -6.66 1.54 -5.16
N ASP A 89 -5.60 1.63 -5.94
CA ASP A 89 -4.64 2.72 -5.80
C ASP A 89 -5.30 4.05 -6.15
N GLN A 90 -6.12 4.03 -7.19
CA GLN A 90 -6.81 5.22 -7.69
C GLN A 90 -7.60 5.92 -6.59
N GLU A 91 -8.27 5.14 -5.76
CA GLU A 91 -9.16 5.71 -4.75
C GLU A 91 -8.41 6.14 -3.50
N PHE A 92 -7.33 5.46 -3.16
CA PHE A 92 -6.60 5.77 -1.94
C PHE A 92 -5.58 6.88 -2.17
N LEU A 93 -5.13 7.05 -3.40
CA LEU A 93 -4.18 8.10 -3.71
C LEU A 93 -4.87 9.36 -4.22
N LYS A 94 -6.19 9.43 -4.03
CA LYS A 94 -6.94 10.64 -4.35
C LYS A 94 -7.19 11.43 -3.07
N VAL A 95 -6.58 10.98 -1.99
CA VAL A 95 -6.84 11.51 -0.66
C VAL A 95 -5.76 12.51 -0.28
N ASP A 96 -6.11 13.41 0.63
CA ASP A 96 -5.21 14.44 1.14
C ASP A 96 -3.88 13.86 1.63
N GLN A 97 -2.83 14.69 1.58
CA GLN A 97 -1.48 14.23 1.89
C GLN A 97 -1.33 13.86 3.37
N GLY A 98 -2.30 14.26 4.19
CA GLY A 98 -2.29 13.91 5.60
C GLY A 98 -2.13 12.42 5.80
N THR A 99 -2.91 11.64 5.07
CA THR A 99 -2.80 10.20 5.10
C THR A 99 -1.65 9.74 4.21
N LEU A 100 -1.52 10.40 3.06
CA LEU A 100 -0.54 10.04 2.04
C LEU A 100 0.88 9.99 2.61
N PHE A 101 1.24 10.99 3.42
CA PHE A 101 2.58 11.08 3.97
C PHE A 101 2.96 9.83 4.77
N GLU A 102 2.16 9.52 5.79
CA GLU A 102 2.47 8.40 6.68
C GLU A 102 2.19 7.07 5.98
N LEU A 103 1.37 7.11 4.93
CA LEU A 103 0.96 5.90 4.22
C LEU A 103 2.17 5.03 3.84
N ILE A 104 3.27 5.66 3.47
CA ILE A 104 4.49 4.93 3.11
C ILE A 104 5.10 4.28 4.35
N LEU A 105 5.18 5.04 5.43
CA LEU A 105 5.77 4.55 6.68
C LEU A 105 4.85 3.52 7.32
N ALA A 106 3.54 3.76 7.21
CA ALA A 106 2.54 2.86 7.74
C ALA A 106 2.68 1.48 7.10
N ALA A 107 2.86 1.46 5.79
CA ALA A 107 3.02 0.23 5.04
C ALA A 107 4.34 -0.44 5.40
N ASN A 108 5.34 0.38 5.72
CA ASN A 108 6.66 -0.12 6.12
C ASN A 108 6.53 -0.92 7.41
N TYR A 109 5.59 -0.54 8.25
CA TYR A 109 5.36 -1.23 9.52
C TYR A 109 4.82 -2.65 9.30
N LEU A 110 4.06 -2.81 8.21
CA LEU A 110 3.35 -4.07 7.97
C LEU A 110 4.01 -4.89 6.87
N ASP A 111 5.04 -4.31 6.26
CA ASP A 111 5.76 -4.95 5.15
C ASP A 111 4.87 -5.16 3.93
N ILE A 112 3.78 -4.40 3.87
CA ILE A 112 2.99 -4.34 2.65
C ILE A 112 3.68 -3.37 1.70
N LYS A 113 4.64 -3.90 0.96
CA LYS A 113 5.49 -3.08 0.08
C LYS A 113 4.71 -2.63 -1.14
N GLY A 114 3.61 -3.31 -1.42
CA GLY A 114 2.76 -2.91 -2.52
C GLY A 114 2.24 -1.50 -2.32
N LEU A 115 1.67 -1.25 -1.15
CA LEU A 115 1.16 0.06 -0.80
C LEU A 115 2.29 1.07 -0.72
N LEU A 116 3.41 0.63 -0.15
CA LEU A 116 4.58 1.48 0.04
C LEU A 116 5.12 1.98 -1.29
N ASP A 117 5.36 1.06 -2.22
CA ASP A 117 6.03 1.40 -3.47
C ASP A 117 5.15 2.25 -4.38
N VAL A 118 3.88 1.89 -4.50
CA VAL A 118 2.95 2.62 -5.36
C VAL A 118 2.80 4.06 -4.85
N THR A 119 2.61 4.21 -3.55
CA THR A 119 2.48 5.52 -2.95
C THR A 119 3.79 6.30 -3.07
N CYS A 120 4.91 5.58 -3.03
CA CYS A 120 6.21 6.21 -3.20
C CYS A 120 6.35 6.77 -4.60
N LYS A 121 5.83 6.05 -5.59
CA LYS A 121 5.90 6.48 -6.98
C LYS A 121 5.05 7.72 -7.23
N THR A 122 3.85 7.77 -6.64
CA THR A 122 2.94 8.87 -6.91
C THR A 122 3.43 10.19 -6.27
N VAL A 123 4.29 10.07 -5.27
CA VAL A 123 4.90 11.24 -4.66
C VAL A 123 6.15 11.64 -5.46
N ALA A 124 6.67 10.67 -6.20
CA ALA A 124 7.86 10.89 -7.02
C ALA A 124 7.50 11.65 -8.30
N ASN A 125 6.21 11.72 -8.61
CA ASN A 125 5.75 12.47 -9.77
C ASN A 125 6.10 13.95 -9.65
N MET A 126 6.36 14.40 -8.43
CA MET A 126 6.70 15.80 -8.16
C MET A 126 7.94 16.24 -8.94
N ILE A 127 8.94 15.36 -9.03
CA ILE A 127 10.11 15.65 -9.88
C ILE A 127 9.75 15.43 -11.33
N LYS A 128 10.03 14.24 -11.85
CA LYS A 128 9.61 13.88 -13.19
C LYS A 128 8.79 12.61 -13.17
N GLY A 129 8.81 11.91 -12.03
CA GLY A 129 7.95 10.77 -11.84
C GLY A 129 8.49 9.46 -12.38
N LYS A 130 9.40 9.54 -13.35
CA LYS A 130 9.85 8.35 -14.07
C LYS A 130 11.33 8.46 -14.38
N THR A 131 11.72 9.47 -15.14
CA THR A 131 13.13 9.70 -15.42
C THR A 131 13.57 11.10 -14.99
N PRO A 132 13.74 11.31 -13.67
CA PRO A 132 14.27 12.55 -13.14
C PRO A 132 15.79 12.54 -13.10
N GLU A 133 16.40 13.68 -13.40
CA GLU A 133 17.86 13.81 -13.41
C GLU A 133 18.47 13.33 -12.11
N GLU A 134 17.72 13.50 -11.03
CA GLU A 134 18.20 13.24 -9.69
C GLU A 134 18.10 11.77 -9.31
N ILE A 135 17.01 11.12 -9.65
CA ILE A 135 16.70 9.80 -9.09
C ILE A 135 16.30 8.76 -10.15
N ARG A 136 16.53 9.05 -11.43
CA ARG A 136 16.16 8.09 -12.49
C ARG A 136 16.92 6.76 -12.35
N LYS A 137 17.93 6.75 -11.50
CA LYS A 137 18.68 5.53 -11.22
C LYS A 137 17.81 4.54 -10.44
N THR A 138 17.10 5.05 -9.45
CA THR A 138 16.29 4.21 -8.55
C THR A 138 14.99 3.74 -9.23
N PHE A 139 14.67 4.36 -10.35
CA PHE A 139 13.51 3.96 -11.14
C PHE A 139 13.86 2.84 -12.10
N ASN A 140 14.93 2.11 -11.75
CA ASN A 140 15.46 1.04 -12.59
C ASN A 140 16.10 1.62 -13.84
N ILE A 141 17.21 2.34 -13.62
CA ILE A 141 18.01 2.96 -14.68
C ILE A 141 17.14 3.49 -15.83
N LYS A 142 16.48 4.61 -15.57
CA LYS A 142 15.57 5.18 -16.56
C LYS A 142 16.35 5.93 -17.65
N ASN A 143 16.88 5.18 -18.60
CA ASN A 143 17.57 5.76 -19.75
C ASN A 143 16.57 6.04 -20.86
N ASP A 144 16.20 7.30 -21.00
CA ASP A 144 15.25 7.71 -22.03
C ASP A 144 15.98 8.10 -23.32
N PHE A 145 16.58 9.28 -23.34
CA PHE A 145 17.30 9.76 -24.51
C PHE A 145 18.60 10.43 -24.09
N THR A 146 19.71 9.73 -24.29
CA THR A 146 21.03 10.27 -23.97
C THR A 146 22.04 9.80 -25.02
N GLU A 147 21.53 9.35 -26.16
CA GLU A 147 22.34 8.67 -27.15
C GLU A 147 22.60 9.55 -28.37
N GLU A 148 21.80 10.60 -28.51
CA GLU A 148 21.89 11.51 -29.66
C GLU A 148 23.28 12.13 -29.76
N GLU A 149 23.57 13.07 -28.85
CA GLU A 149 24.87 13.73 -28.76
C GLU A 149 25.36 14.23 -30.12
N GLU A 150 24.46 14.78 -30.92
CA GLU A 150 24.83 15.33 -32.22
C GLU A 150 25.58 16.64 -32.06
N ALA A 151 24.95 17.61 -31.41
CA ALA A 151 25.57 18.91 -31.20
C ALA A 151 26.54 18.87 -30.01
N GLN A 152 26.04 18.37 -28.88
CA GLN A 152 26.82 18.25 -27.63
C GLN A 152 27.14 19.62 -27.03
N VAL A 153 27.11 19.69 -25.72
CA VAL A 153 27.36 20.95 -25.02
C VAL A 153 28.82 21.07 -24.62
N ARG A 154 29.65 20.18 -25.17
CA ARG A 154 31.09 20.22 -24.94
C ARG A 154 31.68 21.49 -25.55
N LYS A 155 30.98 22.05 -26.54
CA LYS A 155 31.30 23.37 -27.04
C LYS A 155 30.75 24.40 -26.06
N GLU A 156 31.60 25.33 -25.63
CA GLU A 156 31.23 26.31 -24.60
C GLU A 156 29.91 27.02 -24.94
N ASN A 157 29.92 27.81 -26.01
CA ASN A 157 28.71 28.50 -26.45
C ASN A 157 28.10 27.80 -27.65
N GLN A 158 28.83 26.80 -28.16
CA GLN A 158 28.40 26.03 -29.32
C GLN A 158 28.19 26.97 -30.52
N TRP A 159 28.99 28.04 -30.57
CA TRP A 159 28.96 29.03 -31.66
C TRP A 159 27.72 29.93 -31.58
N CYS A 160 26.54 29.31 -31.50
CA CYS A 160 25.26 30.03 -31.56
C CYS A 160 25.11 30.69 -32.92
N GLU A 161 24.09 31.54 -33.06
CA GLU A 161 23.87 32.30 -34.30
C GLU A 161 23.62 31.35 -35.48
N GLU A 162 23.80 31.88 -36.68
CA GLU A 162 23.76 31.07 -37.88
C GLU A 162 24.92 31.48 -38.77
N LYS A 163 24.81 32.64 -39.40
CA LYS A 163 25.91 33.25 -40.13
C LYS A 163 25.90 34.75 -39.90
N MET A 1 -16.11 -15.00 10.15
CA MET A 1 -15.99 -15.68 11.47
C MET A 1 -14.64 -15.38 12.13
N PRO A 2 -13.51 -15.79 11.54
CA PRO A 2 -12.19 -15.54 12.11
C PRO A 2 -11.57 -14.25 11.58
N SER A 3 -12.29 -13.14 11.75
CA SER A 3 -11.85 -11.85 11.22
C SER A 3 -10.61 -11.34 11.95
N ILE A 4 -9.94 -10.36 11.36
CA ILE A 4 -8.71 -9.84 11.92
C ILE A 4 -8.99 -8.59 12.75
N LYS A 5 -8.51 -8.58 13.98
CA LYS A 5 -8.72 -7.46 14.87
C LYS A 5 -7.38 -6.85 15.27
N LEU A 6 -7.33 -5.53 15.37
CA LEU A 6 -6.14 -4.83 15.80
C LEU A 6 -6.54 -3.50 16.44
N GLN A 7 -5.80 -3.11 17.46
CA GLN A 7 -6.12 -1.90 18.19
C GLN A 7 -5.06 -0.84 17.92
N SER A 8 -5.49 0.34 17.49
CA SER A 8 -4.58 1.43 17.19
C SER A 8 -3.85 1.89 18.46
N SER A 9 -2.85 2.74 18.25
CA SER A 9 -1.99 3.21 19.33
C SER A 9 -2.76 3.96 20.41
N ASP A 10 -3.84 4.64 20.03
CA ASP A 10 -4.62 5.42 20.98
C ASP A 10 -5.67 4.54 21.65
N GLY A 11 -5.83 3.34 21.12
CA GLY A 11 -6.77 2.40 21.71
C GLY A 11 -8.00 2.16 20.87
N GLU A 12 -8.04 2.75 19.67
CA GLU A 12 -9.16 2.54 18.76
C GLU A 12 -9.05 1.17 18.11
N ILE A 13 -9.93 0.26 18.48
CA ILE A 13 -9.87 -1.11 17.99
C ILE A 13 -10.69 -1.27 16.70
N PHE A 14 -10.09 -1.89 15.70
CA PHE A 14 -10.78 -2.18 14.46
C PHE A 14 -10.72 -3.66 14.14
N GLU A 15 -11.78 -4.17 13.54
CA GLU A 15 -11.80 -5.54 13.06
C GLU A 15 -12.40 -5.60 11.67
N VAL A 16 -11.85 -6.46 10.84
CA VAL A 16 -12.17 -6.50 9.43
C VAL A 16 -11.82 -7.89 8.85
N ASP A 17 -12.14 -8.12 7.57
CA ASP A 17 -11.89 -9.41 6.93
C ASP A 17 -10.46 -9.89 7.14
N VAL A 18 -10.31 -11.15 7.55
CA VAL A 18 -8.99 -11.72 7.78
C VAL A 18 -8.30 -12.05 6.45
N GLU A 19 -9.08 -12.09 5.38
CA GLU A 19 -8.55 -12.32 4.05
C GLU A 19 -7.61 -11.20 3.66
N ILE A 20 -7.87 -10.01 4.17
CA ILE A 20 -7.05 -8.84 3.88
C ILE A 20 -5.75 -8.91 4.68
N ALA A 21 -5.85 -9.48 5.88
CA ALA A 21 -4.70 -9.66 6.75
C ALA A 21 -3.66 -10.57 6.09
N LYS A 22 -4.11 -11.37 5.13
CA LYS A 22 -3.22 -12.22 4.33
C LYS A 22 -2.10 -11.40 3.67
N GLN A 23 -2.37 -10.14 3.38
CA GLN A 23 -1.42 -9.31 2.66
C GLN A 23 -0.55 -8.49 3.60
N SER A 24 -0.75 -8.69 4.89
CA SER A 24 0.06 -8.01 5.89
C SER A 24 0.91 -9.01 6.64
N VAL A 25 2.21 -9.00 6.37
CA VAL A 25 3.12 -10.02 6.89
C VAL A 25 3.14 -10.02 8.41
N THR A 26 3.27 -8.85 9.01
CA THR A 26 3.34 -8.73 10.46
C THR A 26 2.05 -9.19 11.14
N ILE A 27 0.90 -8.95 10.50
CA ILE A 27 -0.39 -9.32 11.07
C ILE A 27 -0.58 -10.83 11.11
N LYS A 28 -0.17 -11.51 10.04
CA LYS A 28 -0.35 -12.95 9.93
C LYS A 28 0.30 -13.68 11.10
N THR A 29 1.37 -13.10 11.63
CA THR A 29 2.03 -13.65 12.80
C THR A 29 1.39 -13.12 14.09
N MET A 30 1.06 -11.83 14.10
CA MET A 30 0.63 -11.15 15.31
C MET A 30 -0.72 -11.66 15.82
N LEU A 31 -1.56 -12.11 14.89
CA LEU A 31 -2.87 -12.64 15.25
C LEU A 31 -2.75 -13.83 16.17
N GLU A 32 -1.90 -14.77 15.81
CA GLU A 32 -1.73 -15.99 16.58
C GLU A 32 -0.81 -15.75 17.78
N ASP A 33 -0.04 -14.68 17.70
CA ASP A 33 0.88 -14.29 18.77
C ASP A 33 0.13 -13.98 20.06
N LEU A 34 -0.75 -12.98 20.02
CA LEU A 34 -1.46 -12.54 21.22
C LEU A 34 -2.97 -12.70 21.07
N GLY A 35 -3.41 -13.49 20.10
CA GLY A 35 -4.84 -13.59 19.86
C GLY A 35 -5.31 -15.03 19.66
N MET A 36 -6.58 -15.17 19.32
CA MET A 36 -7.19 -16.47 19.07
C MET A 36 -7.91 -16.47 17.73
N ASP A 37 -8.54 -15.33 17.42
CA ASP A 37 -9.23 -15.09 16.16
C ASP A 37 -10.41 -16.05 15.99
N ASP A 38 -11.19 -16.20 17.06
CA ASP A 38 -12.33 -17.12 17.03
C ASP A 38 -13.57 -16.41 16.50
N GLU A 39 -13.80 -15.18 16.93
CA GLU A 39 -15.00 -14.45 16.54
C GLU A 39 -14.68 -13.17 15.76
N GLY A 40 -13.39 -12.87 15.62
CA GLY A 40 -12.97 -11.76 14.78
C GLY A 40 -12.82 -10.45 15.54
N ASP A 41 -13.55 -10.28 16.63
CA ASP A 41 -13.31 -9.17 17.53
C ASP A 41 -12.32 -9.64 18.58
N ASP A 42 -12.60 -10.82 19.12
CA ASP A 42 -11.60 -11.63 19.81
C ASP A 42 -10.90 -10.84 20.91
N ASP A 43 -9.61 -11.10 21.11
CA ASP A 43 -8.81 -10.34 22.04
C ASP A 43 -7.88 -9.42 21.26
N PRO A 44 -8.16 -8.10 21.27
CA PRO A 44 -7.47 -7.13 20.42
C PRO A 44 -6.00 -6.94 20.77
N VAL A 45 -5.17 -6.81 19.75
CA VAL A 45 -3.76 -6.57 19.93
C VAL A 45 -3.45 -5.09 19.70
N PRO A 46 -2.95 -4.40 20.74
CA PRO A 46 -2.61 -2.98 20.66
C PRO A 46 -1.34 -2.73 19.86
N LEU A 47 -1.46 -1.95 18.81
CA LEU A 47 -0.32 -1.59 17.97
C LEU A 47 0.07 -0.14 18.19
N PRO A 48 1.14 0.10 18.95
CA PRO A 48 1.58 1.46 19.32
C PRO A 48 2.31 2.18 18.17
N ASN A 49 1.89 1.90 16.94
CA ASN A 49 2.53 2.49 15.78
C ASN A 49 1.62 3.51 15.10
N VAL A 50 0.35 3.16 14.93
CA VAL A 50 -0.57 4.00 14.17
C VAL A 50 -1.91 4.15 14.89
N ASN A 51 -2.57 5.29 14.68
CA ASN A 51 -3.88 5.54 15.28
C ASN A 51 -4.99 5.28 14.27
N ALA A 52 -6.24 5.39 14.72
CA ALA A 52 -7.41 5.08 13.91
C ALA A 52 -7.44 5.84 12.59
N ALA A 53 -7.12 7.13 12.65
CA ALA A 53 -7.16 8.01 11.49
C ALA A 53 -6.37 7.43 10.31
N ILE A 54 -5.19 6.91 10.59
CA ILE A 54 -4.32 6.41 9.55
C ILE A 54 -4.57 4.92 9.30
N LEU A 55 -4.78 4.17 10.39
CA LEU A 55 -4.86 2.72 10.34
C LEU A 55 -5.94 2.21 9.39
N LYS A 56 -7.12 2.82 9.43
CA LYS A 56 -8.23 2.36 8.60
C LYS A 56 -7.91 2.52 7.11
N LYS A 57 -7.10 3.54 6.79
CA LYS A 57 -6.69 3.77 5.41
C LYS A 57 -5.62 2.76 5.00
N VAL A 58 -4.91 2.26 5.98
CA VAL A 58 -3.85 1.29 5.74
C VAL A 58 -4.42 -0.11 5.53
N ILE A 59 -5.32 -0.53 6.40
CA ILE A 59 -5.82 -1.89 6.34
C ILE A 59 -6.89 -2.05 5.26
N GLN A 60 -7.50 -0.94 4.83
CA GLN A 60 -8.45 -0.98 3.71
C GLN A 60 -7.73 -1.33 2.41
N TRP A 61 -6.41 -1.10 2.39
CA TRP A 61 -5.58 -1.46 1.25
C TRP A 61 -5.59 -2.97 1.07
N CYS A 62 -5.42 -3.66 2.17
CA CYS A 62 -5.49 -5.12 2.18
C CYS A 62 -6.90 -5.56 1.81
N THR A 63 -7.89 -4.85 2.30
CA THR A 63 -9.29 -5.05 1.92
C THR A 63 -9.44 -5.00 0.40
N HIS A 64 -8.85 -3.99 -0.22
CA HIS A 64 -8.95 -3.84 -1.66
C HIS A 64 -8.11 -4.88 -2.39
N HIS A 65 -7.21 -5.57 -1.68
CA HIS A 65 -6.43 -6.62 -2.30
C HIS A 65 -7.22 -7.93 -2.42
N LYS A 66 -8.20 -8.13 -1.52
CA LYS A 66 -9.16 -9.24 -1.69
C LYS A 66 -10.32 -8.76 -2.56
N ASP A 67 -10.28 -7.48 -2.85
CA ASP A 67 -11.29 -6.81 -3.66
C ASP A 67 -10.65 -6.37 -4.97
N ASP A 68 -9.54 -7.03 -5.30
CA ASP A 68 -8.75 -6.67 -6.46
C ASP A 68 -9.49 -6.99 -7.75
N PRO A 69 -9.40 -6.08 -8.73
CA PRO A 69 -10.03 -6.27 -10.03
C PRO A 69 -9.23 -7.23 -10.91
N PRO A 70 -9.90 -8.21 -11.51
CA PRO A 70 -9.24 -9.19 -12.39
C PRO A 70 -8.85 -8.57 -13.72
N PRO A 71 -7.60 -8.77 -14.14
CA PRO A 71 -7.14 -8.34 -15.46
C PRO A 71 -7.90 -9.05 -16.57
N PRO A 72 -8.13 -8.34 -17.70
CA PRO A 72 -8.98 -8.84 -18.80
C PRO A 72 -8.58 -10.23 -19.30
N GLU A 73 -7.43 -10.31 -19.93
CA GLU A 73 -6.95 -11.57 -20.49
C GLU A 73 -5.47 -11.79 -20.17
N ASP A 74 -4.97 -11.00 -19.23
CA ASP A 74 -3.56 -11.08 -18.86
C ASP A 74 -3.42 -11.86 -17.55
N ASP A 75 -3.73 -11.17 -16.44
CA ASP A 75 -3.76 -11.79 -15.11
C ASP A 75 -2.36 -12.22 -14.66
N GLU A 76 -1.33 -11.70 -15.32
CA GLU A 76 0.04 -12.02 -14.97
C GLU A 76 0.47 -11.21 -13.75
N ASN A 77 -0.16 -10.05 -13.58
CA ASN A 77 0.06 -9.23 -12.40
C ASN A 77 -1.24 -8.54 -12.01
N LYS A 78 -1.25 -7.84 -10.87
CA LYS A 78 -2.49 -7.28 -10.33
C LYS A 78 -2.82 -5.91 -10.92
N GLU A 79 -2.11 -5.55 -11.98
CA GLU A 79 -2.37 -4.31 -12.70
C GLU A 79 -2.48 -4.66 -14.18
N LYS A 80 -3.07 -3.78 -14.98
CA LYS A 80 -3.31 -4.07 -16.37
C LYS A 80 -2.06 -3.79 -17.19
N ARG A 81 -1.77 -2.52 -17.39
CA ARG A 81 -0.62 -2.09 -18.19
C ARG A 81 -0.23 -0.67 -17.80
N THR A 82 -1.15 0.26 -18.03
CA THR A 82 -0.95 1.68 -17.71
C THR A 82 -2.11 2.50 -18.27
N ASP A 83 -2.77 1.97 -19.29
CA ASP A 83 -3.88 2.66 -19.95
C ASP A 83 -5.22 2.20 -19.37
N ASP A 84 -5.15 1.47 -18.27
CA ASP A 84 -6.34 1.01 -17.57
C ASP A 84 -6.03 0.95 -16.08
N ILE A 85 -6.69 1.79 -15.30
CA ILE A 85 -6.39 1.89 -13.88
C ILE A 85 -7.28 0.95 -13.06
N PRO A 86 -6.69 0.24 -12.09
CA PRO A 86 -7.42 -0.59 -11.14
C PRO A 86 -8.15 0.26 -10.10
N VAL A 87 -9.33 -0.20 -9.68
CA VAL A 87 -10.18 0.57 -8.78
C VAL A 87 -9.66 0.60 -7.34
N TRP A 88 -8.78 -0.33 -6.98
CA TRP A 88 -8.40 -0.49 -5.59
C TRP A 88 -7.35 0.53 -5.15
N ASP A 89 -6.34 0.74 -5.97
CA ASP A 89 -5.26 1.67 -5.63
C ASP A 89 -5.67 3.11 -5.92
N GLN A 90 -6.60 3.26 -6.86
CA GLN A 90 -7.08 4.55 -7.33
C GLN A 90 -7.34 5.56 -6.20
N GLU A 91 -8.05 5.12 -5.15
CA GLU A 91 -8.48 6.03 -4.10
C GLU A 91 -7.34 6.38 -3.13
N PHE A 92 -6.28 5.57 -3.12
CA PHE A 92 -5.19 5.76 -2.17
C PHE A 92 -4.27 6.91 -2.57
N LEU A 93 -4.23 7.23 -3.86
CA LEU A 93 -3.34 8.27 -4.34
C LEU A 93 -4.02 9.64 -4.37
N LYS A 94 -5.08 9.79 -3.59
CA LYS A 94 -5.78 11.06 -3.50
C LYS A 94 -5.78 11.57 -2.05
N VAL A 95 -4.89 11.02 -1.24
CA VAL A 95 -4.95 11.27 0.19
C VAL A 95 -3.96 12.36 0.60
N ASP A 96 -4.40 13.19 1.54
CA ASP A 96 -3.59 14.28 2.07
C ASP A 96 -2.28 13.78 2.65
N GLN A 97 -1.27 14.64 2.62
CA GLN A 97 0.09 14.30 3.05
C GLN A 97 0.13 13.73 4.46
N GLY A 98 -0.79 14.19 5.32
CA GLY A 98 -0.85 13.71 6.69
C GLY A 98 -0.92 12.19 6.77
N THR A 99 -1.83 11.61 5.99
CA THR A 99 -1.97 10.16 5.94
C THR A 99 -1.04 9.58 4.87
N LEU A 100 -0.89 10.30 3.77
CA LEU A 100 -0.09 9.85 2.63
C LEU A 100 1.36 9.57 3.05
N PHE A 101 1.93 10.46 3.84
CA PHE A 101 3.31 10.32 4.28
C PHE A 101 3.55 9.01 5.02
N GLU A 102 2.69 8.71 6.00
CA GLU A 102 2.87 7.53 6.82
C GLU A 102 2.54 6.26 6.05
N LEU A 103 1.77 6.37 4.97
CA LEU A 103 1.41 5.20 4.16
C LEU A 103 2.65 4.40 3.75
N ILE A 104 3.75 5.11 3.48
CA ILE A 104 5.00 4.44 3.12
C ILE A 104 5.62 3.78 4.36
N LEU A 105 5.65 4.51 5.47
CA LEU A 105 6.27 4.04 6.71
C LEU A 105 5.46 2.90 7.32
N ALA A 106 4.14 3.09 7.40
CA ALA A 106 3.24 2.09 7.94
C ALA A 106 3.38 0.77 7.17
N ALA A 107 3.58 0.90 5.87
CA ALA A 107 3.76 -0.26 5.00
C ALA A 107 5.06 -1.01 5.33
N ASN A 108 5.99 -0.32 5.97
CA ASN A 108 7.25 -0.94 6.35
C ASN A 108 7.11 -1.69 7.67
N TYR A 109 6.35 -1.13 8.61
CA TYR A 109 6.13 -1.75 9.91
C TYR A 109 5.34 -3.05 9.77
N LEU A 110 4.32 -3.02 8.93
CA LEU A 110 3.43 -4.16 8.78
C LEU A 110 3.83 -5.00 7.57
N ASP A 111 4.85 -4.50 6.86
CA ASP A 111 5.37 -5.10 5.64
C ASP A 111 4.28 -5.36 4.60
N ILE A 112 3.92 -4.32 3.89
CA ILE A 112 3.15 -4.45 2.67
C ILE A 112 3.93 -3.74 1.58
N LYS A 113 4.93 -4.43 1.04
CA LYS A 113 5.87 -3.82 0.10
C LYS A 113 5.16 -3.34 -1.16
N GLY A 114 4.02 -3.94 -1.46
CA GLY A 114 3.25 -3.54 -2.62
C GLY A 114 2.64 -2.16 -2.48
N LEU A 115 2.47 -1.71 -1.24
CA LEU A 115 1.88 -0.41 -0.97
C LEU A 115 2.93 0.69 -1.05
N LEU A 116 4.17 0.33 -0.75
CA LEU A 116 5.28 1.28 -0.71
C LEU A 116 5.47 1.95 -2.07
N ASP A 117 5.74 1.15 -3.09
CA ASP A 117 6.03 1.68 -4.43
C ASP A 117 4.80 2.33 -5.07
N VAL A 118 3.61 1.93 -4.64
CA VAL A 118 2.38 2.53 -5.15
C VAL A 118 2.19 3.93 -4.57
N THR A 119 2.32 4.06 -3.26
CA THR A 119 2.15 5.35 -2.60
C THR A 119 3.22 6.36 -3.02
N CYS A 120 4.41 5.85 -3.32
CA CYS A 120 5.53 6.69 -3.71
C CYS A 120 5.32 7.30 -5.09
N LYS A 121 4.43 6.68 -5.87
CA LYS A 121 4.18 7.09 -7.26
C LYS A 121 3.83 8.58 -7.34
N THR A 122 2.87 9.01 -6.53
CA THR A 122 2.42 10.39 -6.55
C THR A 122 3.43 11.31 -5.86
N VAL A 123 4.15 10.78 -4.89
CA VAL A 123 5.13 11.58 -4.15
C VAL A 123 6.30 11.94 -5.05
N ALA A 124 6.60 11.08 -6.02
CA ALA A 124 7.69 11.30 -6.96
C ALA A 124 7.30 12.28 -8.05
N ASN A 125 6.00 12.57 -8.15
CA ASN A 125 5.48 13.45 -9.21
C ASN A 125 6.01 14.88 -9.07
N MET A 126 6.46 15.25 -7.88
CA MET A 126 6.95 16.61 -7.63
C MET A 126 8.16 16.95 -8.50
N ILE A 127 9.00 15.95 -8.77
CA ILE A 127 10.10 16.13 -9.73
C ILE A 127 9.58 15.91 -11.15
N LYS A 128 9.19 14.68 -11.42
CA LYS A 128 8.64 14.30 -12.71
C LYS A 128 7.73 13.11 -12.55
N GLY A 129 8.16 12.14 -11.72
CA GLY A 129 7.40 10.93 -11.54
C GLY A 129 7.28 10.15 -12.83
N LYS A 130 8.31 10.22 -13.64
CA LYS A 130 8.27 9.67 -14.98
C LYS A 130 9.09 8.39 -15.13
N THR A 131 10.40 8.54 -15.07
CA THR A 131 11.30 7.44 -15.40
C THR A 131 11.77 6.69 -14.15
N PRO A 132 12.38 5.50 -14.34
CA PRO A 132 13.01 4.77 -13.25
C PRO A 132 14.14 5.58 -12.61
N GLU A 133 14.24 5.52 -11.28
CA GLU A 133 15.24 6.27 -10.53
C GLU A 133 15.12 7.78 -10.79
N GLU A 134 14.14 8.39 -10.13
CA GLU A 134 13.86 9.81 -10.30
C GLU A 134 14.73 10.68 -9.39
N ILE A 135 15.42 10.05 -8.44
CA ILE A 135 16.17 10.81 -7.44
C ILE A 135 17.45 11.41 -8.02
N ARG A 136 17.80 11.00 -9.25
CA ARG A 136 18.96 11.54 -9.94
C ARG A 136 18.65 12.87 -10.64
N LYS A 137 17.37 13.22 -10.71
CA LYS A 137 16.92 14.32 -11.57
C LYS A 137 17.61 15.66 -11.30
N THR A 138 18.18 15.84 -10.12
CA THR A 138 18.90 17.08 -9.80
C THR A 138 19.98 17.39 -10.85
N PHE A 139 20.62 16.36 -11.38
CA PHE A 139 21.65 16.55 -12.40
C PHE A 139 21.23 15.89 -13.72
N ASN A 140 19.94 15.59 -13.86
CA ASN A 140 19.46 14.82 -15.00
C ASN A 140 18.23 15.45 -15.62
N ILE A 141 17.26 15.83 -14.78
CA ILE A 141 16.00 16.40 -15.21
C ILE A 141 15.29 15.44 -16.20
N LYS A 142 14.34 15.97 -16.94
CA LYS A 142 13.61 15.20 -17.95
C LYS A 142 12.76 16.15 -18.79
N ASN A 143 12.78 15.95 -20.10
CA ASN A 143 12.03 16.79 -21.02
C ASN A 143 10.52 16.66 -20.80
N ASP A 144 9.79 17.64 -21.36
CA ASP A 144 8.32 17.66 -21.31
C ASP A 144 7.80 17.93 -19.90
N PHE A 145 7.15 19.06 -19.73
CA PHE A 145 6.60 19.44 -18.46
C PHE A 145 5.08 19.38 -18.51
N THR A 146 4.56 18.17 -18.51
CA THR A 146 3.12 17.96 -18.59
C THR A 146 2.45 18.08 -17.23
N GLU A 147 3.24 18.00 -16.18
CA GLU A 147 2.69 18.00 -14.82
C GLU A 147 2.11 19.38 -14.50
N GLU A 148 2.98 20.35 -14.29
CA GLU A 148 2.54 21.74 -14.03
C GLU A 148 2.94 22.63 -15.20
N GLU A 149 4.14 22.39 -15.72
CA GLU A 149 4.73 23.20 -16.81
C GLU A 149 5.25 24.53 -16.28
N GLU A 150 4.84 24.89 -15.07
CA GLU A 150 5.33 26.11 -14.43
C GLU A 150 6.80 25.97 -14.08
N ALA A 151 7.22 24.72 -13.86
CA ALA A 151 8.60 24.41 -13.53
C ALA A 151 9.53 24.64 -14.71
N GLN A 152 8.95 24.81 -15.89
CA GLN A 152 9.70 25.07 -17.12
C GLN A 152 10.73 26.18 -16.92
N VAL A 153 12.00 25.81 -16.88
CA VAL A 153 13.07 26.77 -16.62
C VAL A 153 14.22 26.56 -17.60
N ARG A 154 14.78 27.66 -18.08
CA ARG A 154 15.93 27.61 -18.98
C ARG A 154 16.77 28.88 -18.86
N LYS A 155 16.08 30.02 -18.74
CA LYS A 155 16.71 31.33 -18.71
C LYS A 155 17.64 31.54 -19.92
N GLU A 156 18.45 32.59 -19.86
CA GLU A 156 19.37 32.87 -20.95
C GLU A 156 20.77 32.40 -20.60
N ASN A 157 20.88 31.70 -19.47
CA ASN A 157 22.15 31.14 -19.02
C ASN A 157 21.88 29.93 -18.14
N GLN A 158 22.64 28.86 -18.35
CA GLN A 158 22.48 27.66 -17.55
C GLN A 158 23.69 26.72 -17.66
N TRP A 159 23.85 26.11 -18.84
CA TRP A 159 24.84 25.06 -19.05
C TRP A 159 24.58 23.90 -18.10
N CYS A 160 23.74 22.97 -18.53
CA CYS A 160 23.28 21.89 -17.69
C CYS A 160 24.43 20.96 -17.33
N GLU A 161 25.14 20.48 -18.34
CA GLU A 161 26.24 19.55 -18.11
C GLU A 161 27.56 20.31 -18.04
N GLU A 162 28.23 20.40 -19.18
CA GLU A 162 29.54 21.01 -19.29
C GLU A 162 30.02 20.87 -20.73
N LYS A 163 30.50 19.67 -21.06
CA LYS A 163 30.92 19.33 -22.42
C LYS A 163 30.98 17.81 -22.57
N MET A 1 -12.45 -15.08 6.36
CA MET A 1 -13.49 -15.95 6.99
C MET A 1 -13.72 -15.52 8.44
N PRO A 2 -12.69 -15.56 9.31
CA PRO A 2 -12.80 -14.98 10.64
C PRO A 2 -12.46 -13.49 10.61
N SER A 3 -12.73 -12.78 11.69
CA SER A 3 -12.47 -11.35 11.73
C SER A 3 -11.30 -11.06 12.68
N ILE A 4 -10.40 -10.21 12.23
CA ILE A 4 -9.26 -9.79 13.04
C ILE A 4 -9.57 -8.47 13.72
N LYS A 5 -9.04 -8.29 14.92
CA LYS A 5 -9.27 -7.09 15.70
C LYS A 5 -7.96 -6.58 16.30
N LEU A 6 -7.50 -5.46 15.79
CA LEU A 6 -6.29 -4.85 16.30
C LEU A 6 -6.59 -3.43 16.75
N GLN A 7 -6.03 -3.04 17.88
CA GLN A 7 -6.33 -1.75 18.47
C GLN A 7 -5.11 -0.84 18.34
N SER A 8 -5.28 0.28 17.65
CA SER A 8 -4.18 1.18 17.36
C SER A 8 -3.63 1.83 18.64
N SER A 9 -2.50 2.51 18.49
CA SER A 9 -1.83 3.16 19.59
C SER A 9 -2.73 4.23 20.23
N ASP A 10 -3.68 4.72 19.46
CA ASP A 10 -4.57 5.78 19.92
C ASP A 10 -5.71 5.20 20.75
N GLY A 11 -5.85 3.89 20.73
CA GLY A 11 -6.88 3.23 21.50
C GLY A 11 -8.10 2.84 20.67
N GLU A 12 -8.06 3.16 19.39
CA GLU A 12 -9.16 2.85 18.49
C GLU A 12 -8.97 1.44 17.92
N ILE A 13 -10.03 0.64 17.94
CA ILE A 13 -9.95 -0.75 17.52
C ILE A 13 -10.52 -0.93 16.12
N PHE A 14 -9.83 -1.74 15.31
CA PHE A 14 -10.31 -2.05 13.98
C PHE A 14 -10.53 -3.55 13.84
N GLU A 15 -11.78 -3.91 13.60
CA GLU A 15 -12.15 -5.30 13.43
C GLU A 15 -12.79 -5.54 12.06
N VAL A 16 -12.11 -6.33 11.26
CA VAL A 16 -12.53 -6.59 9.88
C VAL A 16 -12.21 -8.03 9.51
N ASP A 17 -12.67 -8.46 8.34
CA ASP A 17 -12.36 -9.81 7.85
C ASP A 17 -10.85 -10.00 7.74
N VAL A 18 -10.36 -11.09 8.29
CA VAL A 18 -8.92 -11.31 8.43
C VAL A 18 -8.24 -11.56 7.08
N GLU A 19 -9.02 -11.88 6.05
CA GLU A 19 -8.43 -12.19 4.75
C GLU A 19 -7.77 -10.94 4.16
N ILE A 20 -8.24 -9.77 4.57
CA ILE A 20 -7.63 -8.51 4.13
C ILE A 20 -6.27 -8.34 4.81
N ALA A 21 -6.21 -8.71 6.08
CA ALA A 21 -5.02 -8.51 6.88
C ALA A 21 -3.99 -9.60 6.61
N LYS A 22 -4.42 -10.61 5.88
CA LYS A 22 -3.56 -11.72 5.51
C LYS A 22 -2.54 -11.27 4.46
N GLN A 23 -2.84 -10.16 3.80
CA GLN A 23 -1.93 -9.57 2.84
C GLN A 23 -0.72 -9.00 3.57
N SER A 24 -0.95 -8.54 4.78
CA SER A 24 0.11 -8.01 5.62
C SER A 24 0.92 -9.15 6.22
N VAL A 25 2.23 -9.01 6.21
CA VAL A 25 3.11 -10.09 6.62
C VAL A 25 3.18 -10.18 8.14
N THR A 26 3.33 -9.03 8.77
CA THR A 26 3.43 -8.95 10.22
C THR A 26 2.15 -9.44 10.90
N ILE A 27 1.02 -9.26 10.23
CA ILE A 27 -0.27 -9.59 10.81
C ILE A 27 -0.49 -11.09 10.88
N LYS A 28 -0.17 -11.80 9.80
CA LYS A 28 -0.35 -13.24 9.75
C LYS A 28 0.44 -13.89 10.89
N THR A 29 1.67 -13.45 11.06
CA THR A 29 2.54 -13.95 12.12
C THR A 29 1.97 -13.59 13.50
N MET A 30 1.34 -12.42 13.57
CA MET A 30 0.75 -11.95 14.82
C MET A 30 -0.35 -12.89 15.29
N LEU A 31 -1.10 -13.45 14.35
CA LEU A 31 -2.19 -14.36 14.66
C LEU A 31 -1.69 -15.66 15.29
N GLU A 32 -0.44 -16.00 15.01
CA GLU A 32 0.16 -17.20 15.58
C GLU A 32 0.80 -16.88 16.93
N ASP A 33 1.22 -15.63 17.09
CA ASP A 33 1.93 -15.21 18.29
C ASP A 33 0.94 -14.86 19.40
N LEU A 34 0.15 -13.80 19.22
CA LEU A 34 -0.83 -13.37 20.23
C LEU A 34 -2.25 -13.65 19.76
N GLY A 35 -2.37 -14.16 18.55
CA GLY A 35 -3.66 -14.29 17.92
C GLY A 35 -4.57 -15.31 18.56
N MET A 36 -5.87 -15.10 18.39
CA MET A 36 -6.90 -16.02 18.84
C MET A 36 -8.00 -16.04 17.80
N ASP A 37 -8.62 -14.86 17.63
CA ASP A 37 -9.47 -14.56 16.48
C ASP A 37 -10.48 -15.67 16.21
N ASP A 38 -11.21 -16.06 17.24
CA ASP A 38 -12.12 -17.19 17.11
C ASP A 38 -13.40 -16.80 16.37
N GLU A 39 -14.11 -15.81 16.87
CA GLU A 39 -15.37 -15.41 16.26
C GLU A 39 -15.22 -14.11 15.47
N GLY A 40 -14.21 -13.33 15.81
CA GLY A 40 -13.96 -12.10 15.09
C GLY A 40 -14.11 -10.86 15.95
N ASP A 41 -14.88 -10.97 17.01
CA ASP A 41 -14.95 -9.91 18.01
C ASP A 41 -13.75 -10.08 18.94
N ASP A 42 -13.70 -11.25 19.60
CA ASP A 42 -12.47 -11.77 20.22
C ASP A 42 -11.74 -10.73 21.08
N ASP A 43 -10.41 -10.87 21.20
CA ASP A 43 -9.59 -9.96 21.98
C ASP A 43 -8.74 -9.08 21.07
N PRO A 44 -8.78 -7.75 21.28
CA PRO A 44 -8.05 -6.79 20.46
C PRO A 44 -6.54 -6.79 20.75
N VAL A 45 -5.74 -7.01 19.73
CA VAL A 45 -4.29 -6.95 19.87
C VAL A 45 -3.81 -5.50 19.76
N PRO A 46 -3.14 -5.00 20.80
CA PRO A 46 -2.65 -3.62 20.84
C PRO A 46 -1.49 -3.37 19.88
N LEU A 47 -1.65 -2.37 19.01
CA LEU A 47 -0.59 -1.97 18.10
C LEU A 47 -0.10 -0.57 18.48
N PRO A 48 0.93 -0.49 19.31
CA PRO A 48 1.37 0.79 19.90
C PRO A 48 2.17 1.68 18.95
N ASN A 49 2.38 1.20 17.73
CA ASN A 49 3.19 1.95 16.76
C ASN A 49 2.38 2.98 15.99
N VAL A 50 1.21 2.59 15.51
CA VAL A 50 0.40 3.48 14.67
C VAL A 50 -0.97 3.72 15.29
N ASN A 51 -1.51 4.90 15.06
CA ASN A 51 -2.81 5.27 15.60
C ASN A 51 -3.92 4.94 14.61
N ALA A 52 -5.12 5.37 14.93
CA ALA A 52 -6.31 5.02 14.14
C ALA A 52 -6.30 5.72 12.80
N ALA A 53 -5.87 6.97 12.80
CA ALA A 53 -5.91 7.82 11.62
C ALA A 53 -5.27 7.16 10.41
N ILE A 54 -4.16 6.48 10.62
CA ILE A 54 -3.43 5.85 9.53
C ILE A 54 -3.84 4.38 9.34
N LEU A 55 -4.03 3.66 10.45
CA LEU A 55 -4.19 2.21 10.40
C LEU A 55 -5.40 1.78 9.57
N LYS A 56 -6.55 2.43 9.77
CA LYS A 56 -7.77 2.02 9.05
C LYS A 56 -7.66 2.27 7.55
N LYS A 57 -6.79 3.19 7.17
CA LYS A 57 -6.54 3.44 5.77
C LYS A 57 -5.72 2.30 5.17
N VAL A 58 -4.76 1.81 5.95
CA VAL A 58 -3.91 0.70 5.52
C VAL A 58 -4.74 -0.58 5.41
N ILE A 59 -5.61 -0.81 6.38
CA ILE A 59 -6.42 -2.02 6.38
C ILE A 59 -7.57 -1.89 5.36
N GLN A 60 -7.91 -0.65 5.01
CA GLN A 60 -8.86 -0.39 3.94
C GLN A 60 -8.28 -0.78 2.59
N TRP A 61 -6.97 -0.60 2.46
CA TRP A 61 -6.25 -0.97 1.24
C TRP A 61 -6.26 -2.48 1.10
N CYS A 62 -5.95 -3.14 2.19
CA CYS A 62 -5.95 -4.59 2.25
C CYS A 62 -7.36 -5.12 1.96
N THR A 63 -8.35 -4.42 2.51
CA THR A 63 -9.76 -4.70 2.25
C THR A 63 -10.04 -4.78 0.76
N HIS A 64 -9.63 -3.76 0.03
CA HIS A 64 -9.97 -3.65 -1.37
C HIS A 64 -9.09 -4.54 -2.24
N HIS A 65 -7.97 -5.01 -1.70
CA HIS A 65 -7.06 -5.83 -2.49
C HIS A 65 -7.23 -7.32 -2.18
N LYS A 66 -8.15 -7.68 -1.30
CA LYS A 66 -8.57 -9.07 -1.17
C LYS A 66 -9.74 -9.33 -2.12
N ASP A 67 -10.45 -8.25 -2.43
CA ASP A 67 -11.73 -8.32 -3.11
C ASP A 67 -11.58 -8.00 -4.60
N ASP A 68 -10.49 -7.32 -4.93
CA ASP A 68 -10.26 -6.85 -6.30
C ASP A 68 -10.11 -8.02 -7.27
N PRO A 69 -10.52 -7.81 -8.53
CA PRO A 69 -10.34 -8.80 -9.60
C PRO A 69 -8.86 -9.05 -9.86
N PRO A 70 -8.43 -10.31 -9.72
CA PRO A 70 -7.02 -10.69 -9.88
C PRO A 70 -6.41 -10.17 -11.18
N PRO A 71 -5.17 -9.66 -11.11
CA PRO A 71 -4.46 -9.12 -12.29
C PRO A 71 -4.52 -10.07 -13.48
N PRO A 72 -4.57 -9.52 -14.71
CA PRO A 72 -4.75 -10.31 -15.94
C PRO A 72 -3.55 -11.21 -16.24
N GLU A 73 -2.48 -11.02 -15.48
CA GLU A 73 -1.24 -11.74 -15.70
C GLU A 73 -0.27 -11.49 -14.55
N ASP A 74 -0.11 -10.22 -14.23
CA ASP A 74 0.83 -9.74 -13.22
C ASP A 74 0.93 -8.24 -13.39
N ASP A 75 1.33 -7.87 -14.60
CA ASP A 75 1.42 -6.48 -15.09
C ASP A 75 1.56 -5.43 -13.99
N GLU A 76 2.79 -5.18 -13.59
CA GLU A 76 3.08 -4.01 -12.78
C GLU A 76 3.35 -2.85 -13.73
N ASN A 77 3.84 -3.22 -14.91
CA ASN A 77 4.18 -2.29 -15.98
C ASN A 77 4.63 -3.08 -17.20
N LYS A 78 4.07 -4.28 -17.34
CA LYS A 78 4.48 -5.20 -18.40
C LYS A 78 3.76 -4.90 -19.71
N GLU A 79 2.52 -4.44 -19.61
CA GLU A 79 1.73 -4.11 -20.78
C GLU A 79 1.39 -2.63 -20.81
N LYS A 80 0.65 -2.22 -21.82
CA LYS A 80 0.24 -0.83 -21.96
C LYS A 80 -0.95 -0.53 -21.05
N ARG A 81 -1.93 -1.44 -21.08
CA ARG A 81 -3.06 -1.43 -20.16
C ARG A 81 -3.76 -0.08 -20.04
N THR A 82 -4.65 0.18 -20.98
CA THR A 82 -5.53 1.32 -20.90
C THR A 82 -6.95 0.84 -20.61
N ASP A 83 -7.03 -0.43 -20.21
CA ASP A 83 -8.30 -1.10 -20.00
C ASP A 83 -8.96 -0.66 -18.71
N ASP A 84 -8.27 -0.87 -17.60
CA ASP A 84 -8.82 -0.54 -16.29
C ASP A 84 -7.72 -0.45 -15.25
N ILE A 85 -7.67 0.66 -14.54
CA ILE A 85 -6.72 0.85 -13.45
C ILE A 85 -7.39 0.51 -12.12
N PRO A 86 -6.72 -0.28 -11.27
CA PRO A 86 -7.23 -0.63 -9.94
C PRO A 86 -7.47 0.61 -9.07
N VAL A 87 -8.73 0.94 -8.90
CA VAL A 87 -9.12 2.09 -8.07
C VAL A 87 -8.91 1.80 -6.59
N TRP A 88 -8.80 0.51 -6.27
CA TRP A 88 -8.64 0.02 -4.91
C TRP A 88 -7.45 0.70 -4.22
N ASP A 89 -6.30 0.67 -4.88
CA ASP A 89 -5.12 1.36 -4.35
C ASP A 89 -5.10 2.83 -4.76
N GLN A 90 -5.59 3.09 -5.98
CA GLN A 90 -5.56 4.44 -6.54
C GLN A 90 -6.27 5.46 -5.64
N GLU A 91 -7.31 5.01 -4.94
CA GLU A 91 -8.11 5.90 -4.10
C GLU A 91 -7.26 6.55 -3.01
N PHE A 92 -6.18 5.91 -2.63
CA PHE A 92 -5.33 6.41 -1.56
C PHE A 92 -4.30 7.41 -2.08
N LEU A 93 -4.18 7.52 -3.39
CA LEU A 93 -3.18 8.41 -3.98
C LEU A 93 -3.80 9.77 -4.33
N LYS A 94 -5.03 9.99 -3.91
CA LYS A 94 -5.71 11.25 -4.17
C LYS A 94 -5.94 12.00 -2.86
N VAL A 95 -5.36 11.50 -1.78
CA VAL A 95 -5.67 12.03 -0.47
C VAL A 95 -4.62 13.04 -0.02
N ASP A 96 -4.92 13.70 1.07
CA ASP A 96 -4.05 14.73 1.62
C ASP A 96 -2.85 14.12 2.34
N GLN A 97 -1.93 14.99 2.73
CA GLN A 97 -0.65 14.58 3.30
C GLN A 97 -0.80 13.94 4.68
N GLY A 98 -1.97 14.11 5.29
CA GLY A 98 -2.21 13.54 6.60
C GLY A 98 -2.05 12.05 6.61
N THR A 99 -2.71 11.38 5.67
CA THR A 99 -2.57 9.95 5.51
C THR A 99 -1.39 9.63 4.60
N LEU A 100 -1.22 10.46 3.58
CA LEU A 100 -0.22 10.22 2.54
C LEU A 100 1.19 10.10 3.11
N PHE A 101 1.57 11.03 3.98
CA PHE A 101 2.93 11.08 4.50
C PHE A 101 3.31 9.80 5.25
N GLU A 102 2.41 9.29 6.08
CA GLU A 102 2.74 8.15 6.92
C GLU A 102 2.60 6.84 6.15
N LEU A 103 1.87 6.85 5.03
CA LEU A 103 1.66 5.65 4.22
C LEU A 103 2.98 4.89 3.96
N ILE A 104 4.06 5.64 3.75
CA ILE A 104 5.36 5.04 3.50
C ILE A 104 5.90 4.34 4.75
N LEU A 105 5.73 5.00 5.90
CA LEU A 105 6.22 4.47 7.16
C LEU A 105 5.30 3.39 7.69
N ALA A 106 4.00 3.63 7.58
CA ALA A 106 2.98 2.67 7.99
C ALA A 106 3.17 1.34 7.28
N ALA A 107 3.65 1.43 6.05
CA ALA A 107 3.89 0.25 5.22
C ALA A 107 4.95 -0.66 5.85
N ASN A 108 5.90 -0.07 6.57
CA ASN A 108 6.99 -0.83 7.16
C ASN A 108 6.51 -1.68 8.34
N TYR A 109 5.41 -1.27 8.97
CA TYR A 109 4.89 -1.98 10.13
C TYR A 109 4.33 -3.34 9.75
N LEU A 110 3.40 -3.35 8.81
CA LEU A 110 2.74 -4.58 8.40
C LEU A 110 3.50 -5.25 7.28
N ASP A 111 4.55 -4.58 6.82
CA ASP A 111 5.41 -5.06 5.74
C ASP A 111 4.67 -5.00 4.40
N ILE A 112 3.56 -4.26 4.38
CA ILE A 112 2.88 -3.98 3.12
C ILE A 112 3.66 -2.90 2.37
N LYS A 113 4.72 -3.32 1.71
CA LYS A 113 5.65 -2.39 1.08
C LYS A 113 5.10 -1.82 -0.22
N GLY A 114 3.89 -2.23 -0.57
CA GLY A 114 3.26 -1.71 -1.77
C GLY A 114 2.93 -0.23 -1.65
N LEU A 115 2.46 0.16 -0.48
CA LEU A 115 2.03 1.54 -0.24
C LEU A 115 3.17 2.53 -0.44
N LEU A 116 4.35 2.18 0.05
CA LEU A 116 5.49 3.10 0.00
C LEU A 116 6.01 3.28 -1.42
N ASP A 117 5.91 2.23 -2.24
CA ASP A 117 6.43 2.29 -3.61
C ASP A 117 5.45 3.03 -4.51
N VAL A 118 4.15 2.78 -4.31
CA VAL A 118 3.14 3.45 -5.11
C VAL A 118 3.12 4.95 -4.82
N THR A 119 3.30 5.30 -3.55
CA THR A 119 3.36 6.70 -3.16
C THR A 119 4.64 7.34 -3.70
N CYS A 120 5.70 6.54 -3.81
CA CYS A 120 6.98 7.01 -4.31
C CYS A 120 6.89 7.25 -5.82
N LYS A 121 5.91 6.64 -6.46
CA LYS A 121 5.70 6.79 -7.89
C LYS A 121 4.66 7.86 -8.19
N THR A 122 3.44 7.64 -7.71
CA THR A 122 2.30 8.48 -8.07
C THR A 122 2.43 9.91 -7.55
N VAL A 123 2.86 10.05 -6.30
CA VAL A 123 2.95 11.38 -5.68
C VAL A 123 4.16 12.14 -6.20
N ALA A 124 5.24 11.41 -6.42
CA ALA A 124 6.48 12.00 -6.93
C ALA A 124 6.38 12.32 -8.42
N ASN A 125 5.34 11.79 -9.06
CA ASN A 125 5.14 11.94 -10.50
C ASN A 125 5.14 13.42 -10.94
N MET A 126 4.94 14.33 -9.99
CA MET A 126 4.97 15.77 -10.30
C MET A 126 6.36 16.22 -10.80
N ILE A 127 7.43 15.61 -10.31
CA ILE A 127 8.77 15.84 -10.86
C ILE A 127 9.00 14.96 -12.08
N LYS A 128 7.90 14.68 -12.77
CA LYS A 128 7.83 13.72 -13.87
C LYS A 128 7.81 12.30 -13.29
N GLY A 129 8.64 12.08 -12.27
CA GLY A 129 8.60 10.85 -11.50
C GLY A 129 8.72 9.62 -12.36
N LYS A 130 9.55 9.69 -13.37
CA LYS A 130 9.60 8.66 -14.39
C LYS A 130 10.70 7.64 -14.08
N THR A 131 11.95 8.03 -14.27
CA THR A 131 13.08 7.13 -14.04
C THR A 131 14.39 7.94 -13.85
N PRO A 132 14.88 8.63 -14.89
CA PRO A 132 16.11 9.41 -14.80
C PRO A 132 15.86 10.85 -14.37
N GLU A 133 15.31 11.66 -15.29
CA GLU A 133 15.08 13.07 -15.04
C GLU A 133 16.37 13.77 -14.60
N GLU A 134 16.24 14.95 -14.02
CA GLU A 134 17.39 15.66 -13.50
C GLU A 134 17.69 15.22 -12.07
N ILE A 135 16.65 15.05 -11.28
CA ILE A 135 16.81 14.81 -9.86
C ILE A 135 16.45 13.39 -9.46
N ARG A 136 15.62 12.73 -10.26
CA ARG A 136 15.12 11.40 -9.90
C ARG A 136 16.26 10.39 -9.91
N LYS A 137 17.17 10.55 -10.87
CA LYS A 137 18.36 9.72 -10.97
C LYS A 137 19.27 9.93 -9.76
N THR A 138 19.24 11.14 -9.22
CA THR A 138 20.10 11.51 -8.11
C THR A 138 19.66 10.80 -6.83
N PHE A 139 18.37 10.52 -6.70
CA PHE A 139 17.86 9.89 -5.49
C PHE A 139 18.11 8.38 -5.47
N ASN A 140 18.28 7.79 -6.67
CA ASN A 140 18.50 6.34 -6.80
C ASN A 140 18.24 5.86 -8.21
N ILE A 141 17.33 6.55 -8.91
CA ILE A 141 16.75 6.05 -10.16
C ILE A 141 15.69 5.00 -9.83
N LYS A 142 14.44 5.34 -10.07
CA LYS A 142 13.31 4.48 -9.70
C LYS A 142 13.04 3.40 -10.76
N ASN A 143 14.11 2.89 -11.38
CA ASN A 143 14.00 1.82 -12.36
C ASN A 143 15.39 1.46 -12.88
N ASP A 144 15.45 0.88 -14.07
CA ASP A 144 16.71 0.52 -14.69
C ASP A 144 16.80 1.16 -16.07
N PHE A 145 18.01 1.30 -16.60
CA PHE A 145 18.22 1.92 -17.90
C PHE A 145 17.46 1.18 -18.99
N THR A 146 16.37 1.78 -19.45
CA THR A 146 15.51 1.19 -20.46
C THR A 146 14.93 2.29 -21.36
N GLU A 147 15.67 3.39 -21.48
CA GLU A 147 15.19 4.55 -22.24
C GLU A 147 15.29 4.34 -23.75
N GLU A 148 15.52 3.09 -24.17
CA GLU A 148 15.58 2.78 -25.60
C GLU A 148 14.35 3.33 -26.31
N GLU A 149 13.17 2.88 -25.89
CA GLU A 149 11.94 3.53 -26.27
C GLU A 149 11.69 4.69 -25.32
N GLU A 150 11.92 5.91 -25.83
CA GLU A 150 11.93 7.08 -24.97
C GLU A 150 10.52 7.61 -24.71
N ALA A 151 9.61 7.32 -25.63
CA ALA A 151 8.25 7.78 -25.49
C ALA A 151 7.43 6.83 -24.64
N GLN A 152 7.58 5.52 -24.88
CA GLN A 152 6.78 4.49 -24.24
C GLN A 152 5.32 4.62 -24.64
N VAL A 153 4.90 3.74 -25.54
CA VAL A 153 3.62 3.88 -26.21
C VAL A 153 2.45 3.37 -25.35
N ARG A 154 2.64 3.32 -24.03
CA ARG A 154 1.55 2.96 -23.14
C ARG A 154 0.78 4.22 -22.74
N LYS A 155 1.28 5.37 -23.18
CA LYS A 155 0.57 6.61 -23.05
C LYS A 155 -0.55 6.65 -24.09
N GLU A 156 -1.70 7.18 -23.71
CA GLU A 156 -2.88 7.15 -24.57
C GLU A 156 -2.73 8.10 -25.76
N ASN A 157 -2.10 9.24 -25.52
CA ASN A 157 -1.99 10.26 -26.55
C ASN A 157 -0.92 9.91 -27.59
N GLN A 158 -1.37 9.74 -28.82
CA GLN A 158 -0.49 9.48 -29.94
C GLN A 158 -0.55 10.64 -30.92
N TRP A 159 -1.72 11.27 -30.99
CA TRP A 159 -1.91 12.44 -31.84
C TRP A 159 -1.16 13.62 -31.25
N CYS A 160 0.04 13.86 -31.77
CA CYS A 160 0.90 14.88 -31.22
C CYS A 160 0.51 16.27 -31.72
N GLU A 161 0.49 16.43 -33.03
CA GLU A 161 0.23 17.73 -33.63
C GLU A 161 -0.83 17.66 -34.72
N GLU A 162 -2.05 18.06 -34.35
CA GLU A 162 -3.16 18.16 -35.28
C GLU A 162 -4.36 18.76 -34.54
N LYS A 163 -5.16 19.53 -35.24
CA LYS A 163 -6.30 20.18 -34.62
C LYS A 163 -7.50 19.23 -34.63
#